data_9W77
#
_entry.id   9W77
#
_cell.length_a   1.00
_cell.length_b   1.00
_cell.length_c   1.00
_cell.angle_alpha   90.00
_cell.angle_beta   90.00
_cell.angle_gamma   90.00
#
_symmetry.space_group_name_H-M   'P 1'
#
loop_
_entity.id
_entity.type
_entity.pdbx_description
1 polymer 'Spike protein S1'
2 polymer 'Angiotensin-converting enzyme'
3 branched 2-acetamido-2-deoxy-beta-D-glucopyranose-(1-4)-2-acetamido-2-deoxy-beta-D-glucopyranose
4 branched alpha-D-mannopyranose-(1-2)-alpha-D-mannopyranose-(1-3)-beta-D-mannopyranose-(1-4)-2-acetamido-2-deoxy-beta-D-glucopyranose-(1-4)-2-acetamido-2-deoxy-beta-D-glucopyranose
5 branched alpha-D-mannopyranose-(1-3)-[alpha-D-mannopyranose-(1-6)]beta-D-mannopyranose-(1-4)-2-acetamido-2-deoxy-beta-D-glucopyranose-(1-4)-2-acetamido-2-deoxy-beta-D-glucopyranose
6 non-polymer 2-acetamido-2-deoxy-beta-D-glucopyranose
#
loop_
_entity_poly.entity_id
_entity_poly.type
_entity_poly.pdbx_seq_one_letter_code
_entity_poly.pdbx_strand_id
1 'polypeptide(L)'
;RVQPQDTVVRFPNITNLCPFSEVFNATTFASVYAWNRKRISNCVADYSVLYNSTSFSTFQCYGVSSTKLNDLCFTNVYAD
SFVVRGDEVRQIAPGQTGVIADYNYKLPDDFTGCVLAWNSRNQDASTSGNFNYYYRIWRSEKLRPFERDIAHYDYQVGTQ
FKSSLKNYGFYSSAGDSHQPYRVVVLSFELLNAPATVCGPKQSTELIKNKCVNF
;
B,D
2 'polypeptide(L)'
;MSGSSWLLLSLVAVTAAQSTTEDEAKKFLNDFNSEAENLTYQSSLASWDYNTNISDENVQKMDEAGAKWSAFYEEQSKIA
KNYPLEEIQTDIVKRQLQILQQSGSPVLSEDKSKRLNSILNAMSTIYSTGKVCKPNNPQECLLLEPGLDNIMGTSKDYHE
RLWAWEGWRAEVGKQLRPLYEEYVVLKNEMARGYHYEDYGDYWRRDYETEESSGPGYSRDQLMKDVDRIFTEIKPLYEHL
HAYVRAKLMDTYPLHISPTGCLPAHLLGDMWGRFWTNLYPLTVPFGQKPNIDVTDEMVKQGWDANRIFKEAEKFFVSVGL
PNMTEGFWNNSMLTEPGDGRKVVCHPTAWDLGKGDFRIKMCTKVTMEDFLTAHHEMGHIQYDMAYASQPYLLRNGANEGF
HEAVGEVMSLSVATPKHLKTMGLLSPDFREDDETEINFLLKQALNIVGTLPFTYMLEKWRWMVFKGEIPKEEWMKKWWEM
RREIVGVVEPVPHDETYCDPASLFHVANDYSFIRYYTRTIFEFQFHEALCRIAQHNGPLHKCDISNSTDAGKKLHQMLSV
GKSQAWTKTLEDIVGSRNMDVGPLLRYFEPLYTWLQEQNRKSYVGWNTDWSPYSDQSIKVRISLKSALGEKAYEWNDNEM
YLFRSSVAYAMREYFLKTKNQTILFGDENVWVSNLKPRISFNFHVTSPENVSDIIPRSEVEGAIRMSRSRINDAFRLDDN
SLEFLGIQPTL
;
C,A
#
loop_
_chem_comp.id
_chem_comp.type
_chem_comp.name
_chem_comp.formula
BMA D-saccharide, beta linking beta-D-mannopyranose 'C6 H12 O6'
MAN D-saccharide, alpha linking alpha-D-mannopyranose 'C6 H12 O6'
NAG D-saccharide, beta linking 2-acetamido-2-deoxy-beta-D-glucopyranose 'C8 H15 N O6'
#
# COMPACT_ATOMS: atom_id res chain seq x y z
N PRO A 19 64.99 -7.75 -22.47
CA PRO A 19 65.73 -8.60 -23.42
C PRO A 19 65.15 -10.00 -23.52
N PHE A 20 65.39 -10.83 -22.49
CA PHE A 20 64.90 -12.19 -22.49
C PHE A 20 63.40 -12.23 -22.23
N SER A 21 62.78 -13.35 -22.61
CA SER A 21 61.35 -13.51 -22.43
C SER A 21 60.99 -13.71 -20.96
N GLU A 22 61.91 -14.27 -20.17
CA GLU A 22 61.62 -14.50 -18.76
C GLU A 22 61.51 -13.20 -17.97
N VAL A 23 62.29 -12.18 -18.36
CA VAL A 23 62.21 -10.89 -17.67
C VAL A 23 60.88 -10.21 -17.98
N PHE A 24 60.49 -10.18 -19.24
CA PHE A 24 59.30 -9.43 -19.65
C PHE A 24 58.01 -10.17 -19.31
N ASN A 25 58.01 -11.50 -19.37
CA ASN A 25 56.82 -12.30 -19.14
C ASN A 25 56.80 -12.92 -17.74
N ALA A 26 57.32 -12.22 -16.74
CA ALA A 26 57.33 -12.73 -15.39
C ALA A 26 55.93 -12.70 -14.79
N THR A 27 55.51 -13.81 -14.18
CA THR A 27 54.19 -13.86 -13.56
C THR A 27 54.14 -13.01 -12.30
N THR A 28 55.16 -13.10 -11.46
CA THR A 28 55.28 -12.28 -10.25
C THR A 28 56.32 -11.19 -10.51
N PHE A 29 55.94 -9.96 -10.25
CA PHE A 29 56.76 -8.79 -10.59
C PHE A 29 56.88 -7.90 -9.37
N ALA A 30 58.08 -7.40 -9.12
CA ALA A 30 58.38 -6.75 -7.86
C ALA A 30 57.82 -5.33 -7.83
N SER A 31 57.80 -4.77 -6.61
CA SER A 31 57.22 -3.46 -6.36
C SER A 31 58.18 -2.34 -6.80
N VAL A 32 57.73 -1.10 -6.63
CA VAL A 32 58.53 0.05 -7.05
C VAL A 32 59.74 0.22 -6.16
N TYR A 33 59.56 0.12 -4.84
CA TYR A 33 60.66 0.35 -3.91
C TYR A 33 61.65 -0.82 -3.93
N ALA A 34 61.15 -2.04 -3.92
CA ALA A 34 62.00 -3.23 -3.89
C ALA A 34 62.11 -3.85 -5.29
N TRP A 35 62.67 -3.10 -6.22
CA TRP A 35 62.87 -3.63 -7.57
C TRP A 35 64.06 -4.57 -7.60
N ASN A 36 63.91 -5.68 -8.32
CA ASN A 36 64.96 -6.68 -8.44
C ASN A 36 65.58 -6.60 -9.81
N ARG A 37 66.91 -6.51 -9.86
CA ARG A 37 67.65 -6.53 -11.11
C ARG A 37 68.16 -7.94 -11.41
N LYS A 38 68.41 -8.19 -12.68
CA LYS A 38 68.90 -9.49 -13.14
C LYS A 38 70.21 -9.28 -13.88
N ARG A 39 71.12 -10.24 -13.72
CA ARG A 39 72.43 -10.17 -14.37
C ARG A 39 72.45 -11.04 -15.63
N TYR A 47 66.25 -7.34 -30.74
CA TYR A 47 65.59 -6.13 -30.26
C TYR A 47 64.45 -5.72 -31.17
N SER A 48 64.30 -6.45 -32.28
CA SER A 48 63.23 -6.17 -33.24
C SER A 48 61.86 -6.49 -32.67
N VAL A 49 61.78 -7.47 -31.75
CA VAL A 49 60.51 -7.77 -31.10
C VAL A 49 60.09 -6.61 -30.21
N LEU A 50 61.06 -5.91 -29.59
CA LEU A 50 60.73 -4.74 -28.78
C LEU A 50 60.22 -3.59 -29.66
N TYR A 51 60.78 -3.44 -30.87
CA TYR A 51 60.32 -2.39 -31.76
C TYR A 51 58.94 -2.69 -32.33
N ASN A 52 58.70 -3.94 -32.73
CA ASN A 52 57.49 -4.31 -33.46
C ASN A 52 56.43 -4.96 -32.58
N SER A 53 56.62 -4.97 -31.26
CA SER A 53 55.58 -5.50 -30.39
C SER A 53 54.36 -4.59 -30.36
N THR A 54 54.58 -3.27 -30.42
CA THR A 54 53.58 -2.21 -30.47
C THR A 54 52.63 -2.20 -29.27
N SER A 55 52.96 -2.93 -28.20
CA SER A 55 52.19 -2.84 -26.96
C SER A 55 52.78 -1.86 -25.97
N PHE A 56 53.96 -1.30 -26.27
CA PHE A 56 54.65 -0.41 -25.35
C PHE A 56 54.07 1.00 -25.48
N SER A 57 53.46 1.48 -24.40
CA SER A 57 52.87 2.82 -24.42
C SER A 57 53.92 3.90 -24.49
N THR A 58 55.03 3.74 -23.77
CA THR A 58 56.10 4.71 -23.75
C THR A 58 57.38 4.04 -24.23
N PHE A 59 57.97 4.59 -25.29
CA PHE A 59 59.22 4.08 -25.85
C PHE A 59 60.15 5.29 -26.01
N GLN A 60 60.87 5.62 -24.95
CA GLN A 60 61.89 6.67 -24.98
C GLN A 60 63.17 6.08 -24.42
N CYS A 61 64.20 5.96 -25.25
CA CYS A 61 65.46 5.34 -24.87
C CYS A 61 66.40 6.43 -24.37
N TYR A 62 66.65 6.43 -23.06
CA TYR A 62 67.55 7.40 -22.46
C TYR A 62 68.94 6.80 -22.26
N ASN A 76 77.23 -6.12 -19.46
CA ASN A 76 76.17 -6.68 -18.63
C ASN A 76 74.83 -6.05 -18.94
N VAL A 77 73.75 -6.79 -18.71
CA VAL A 77 72.40 -6.32 -18.94
C VAL A 77 71.64 -6.42 -17.63
N TYR A 78 71.30 -5.27 -17.06
CA TYR A 78 70.50 -5.19 -15.84
C TYR A 78 69.11 -4.65 -16.19
N ALA A 79 68.08 -5.34 -15.72
CA ALA A 79 66.69 -4.94 -15.97
C ALA A 79 65.98 -4.72 -14.64
N ASP A 80 65.35 -3.56 -14.49
CA ASP A 80 64.68 -3.18 -13.26
C ASP A 80 63.17 -3.39 -13.37
N SER A 81 62.49 -3.27 -12.22
CA SER A 81 61.13 -3.78 -12.04
C SER A 81 60.24 -2.70 -11.43
N PHE A 82 59.34 -2.14 -12.24
CA PHE A 82 58.41 -1.13 -11.76
C PHE A 82 57.00 -1.45 -12.23
N VAL A 83 56.04 -1.35 -11.30
CA VAL A 83 54.64 -1.62 -11.59
C VAL A 83 53.94 -0.32 -11.18
N VAL A 84 54.58 0.81 -11.49
CA VAL A 84 54.09 2.13 -11.12
C VAL A 84 52.76 2.44 -11.80
N ARG A 85 52.06 3.46 -11.30
CA ARG A 85 50.81 3.89 -11.89
C ARG A 85 51.04 4.55 -13.25
N GLY A 86 49.96 4.63 -14.03
CA GLY A 86 50.04 5.27 -15.34
C GLY A 86 50.34 6.75 -15.27
N ASP A 87 49.87 7.42 -14.22
CA ASP A 87 50.22 8.82 -14.01
C ASP A 87 51.71 8.94 -13.69
N GLU A 88 52.26 7.97 -12.96
CA GLU A 88 53.64 8.01 -12.50
C GLU A 88 54.63 7.42 -13.50
N VAL A 89 54.20 7.15 -14.73
CA VAL A 89 55.13 6.68 -15.76
C VAL A 89 56.09 7.79 -16.15
N ARG A 90 55.59 9.04 -16.23
CA ARG A 90 56.45 10.17 -16.55
C ARG A 90 57.42 10.49 -15.43
N GLN A 91 57.21 9.93 -14.23
CA GLN A 91 58.18 10.07 -13.17
C GLN A 91 59.47 9.28 -13.41
N ILE A 92 59.45 8.31 -14.32
CA ILE A 92 60.68 7.58 -14.69
C ILE A 92 61.27 8.35 -15.86
N ALA A 93 61.98 9.43 -15.54
CA ALA A 93 62.63 10.32 -16.50
C ALA A 93 63.59 11.24 -15.74
N PRO A 94 64.70 11.66 -16.35
CA PRO A 94 65.67 12.49 -15.62
C PRO A 94 65.13 13.88 -15.30
N GLY A 95 65.63 14.43 -14.19
CA GLY A 95 65.42 15.82 -13.85
C GLY A 95 64.00 16.25 -13.52
N GLN A 96 63.47 15.75 -12.41
CA GLN A 96 62.10 16.08 -12.01
C GLN A 96 61.92 15.78 -10.54
N THR A 97 60.70 16.02 -10.05
CA THR A 97 60.32 15.77 -8.67
C THR A 97 59.03 14.97 -8.64
N GLY A 98 58.75 14.40 -7.47
CA GLY A 98 57.55 13.61 -7.28
C GLY A 98 57.77 12.61 -6.17
N VAL A 99 56.72 11.83 -5.90
CA VAL A 99 56.81 10.82 -4.85
C VAL A 99 57.75 9.69 -5.28
N ILE A 100 57.59 9.18 -6.51
CA ILE A 100 58.51 8.18 -7.02
C ILE A 100 59.87 8.80 -7.34
N ALA A 101 59.86 10.00 -7.91
CA ALA A 101 61.11 10.64 -8.34
C ALA A 101 62.01 11.05 -7.18
N ASP A 102 61.44 11.27 -5.99
CA ASP A 102 62.23 11.76 -4.85
C ASP A 102 62.18 10.84 -3.64
N TYR A 103 61.39 9.78 -3.65
CA TYR A 103 61.41 8.83 -2.55
C TYR A 103 61.63 7.40 -3.02
N ASN A 104 61.08 7.03 -4.17
CA ASN A 104 61.32 5.73 -4.79
C ASN A 104 62.50 5.85 -5.75
N TYR A 105 62.62 4.89 -6.68
CA TYR A 105 63.69 4.85 -7.68
C TYR A 105 63.86 6.18 -8.39
N LYS A 106 65.13 6.54 -8.63
CA LYS A 106 65.51 7.86 -9.11
C LYS A 106 66.38 7.72 -10.35
N LEU A 107 66.15 8.59 -11.35
CA LEU A 107 66.90 8.65 -12.59
C LEU A 107 67.93 9.78 -12.51
N PRO A 108 69.21 9.50 -12.78
CA PRO A 108 70.24 10.55 -12.74
C PRO A 108 70.11 11.49 -13.93
N ASP A 109 71.00 12.49 -13.97
CA ASP A 109 70.94 13.56 -14.95
C ASP A 109 71.73 13.23 -16.21
N ASP A 110 71.93 11.94 -16.51
CA ASP A 110 72.57 11.52 -17.74
C ASP A 110 71.82 10.32 -18.29
N PHE A 111 72.10 10.00 -19.55
CA PHE A 111 71.37 8.95 -20.26
C PHE A 111 72.17 7.64 -20.19
N THR A 112 71.49 6.57 -19.86
CA THR A 112 72.16 5.28 -19.74
C THR A 112 71.47 4.15 -20.51
N GLY A 113 70.13 4.10 -20.48
CA GLY A 113 69.44 2.94 -21.01
C GLY A 113 68.22 3.19 -21.87
N CYS A 114 67.10 2.58 -21.50
CA CYS A 114 65.87 2.67 -22.27
C CYS A 114 64.70 2.53 -21.32
N VAL A 115 63.63 3.29 -21.59
CA VAL A 115 62.43 3.29 -20.76
C VAL A 115 61.31 2.64 -21.54
N LEU A 116 60.74 1.58 -20.98
CA LEU A 116 59.65 0.84 -21.60
C LEU A 116 58.49 0.75 -20.61
N ALA A 117 57.26 0.87 -21.11
CA ALA A 117 56.09 0.84 -20.25
C ALA A 117 54.89 0.37 -21.04
N TRP A 118 54.04 -0.43 -20.39
CA TRP A 118 52.80 -0.88 -21.01
C TRP A 118 51.74 -1.10 -19.94
N ASN A 119 50.48 -1.05 -20.35
CA ASN A 119 49.37 -1.24 -19.41
C ASN A 119 49.27 -2.70 -19.00
N SER A 120 48.78 -2.92 -17.78
CA SER A 120 48.64 -4.27 -17.23
C SER A 120 47.33 -4.42 -16.48
N ARG A 121 46.23 -3.93 -17.06
CA ARG A 121 44.96 -4.00 -16.35
C ARG A 121 44.37 -5.41 -16.30
N ASN A 122 44.93 -6.35 -17.05
CA ASN A 122 44.39 -7.71 -17.10
C ASN A 122 45.07 -8.68 -16.15
N GLN A 123 46.33 -8.44 -15.81
CA GLN A 123 47.10 -9.36 -14.98
C GLN A 123 47.06 -8.97 -13.50
N ASP A 124 47.47 -7.76 -13.18
CA ASP A 124 47.56 -7.31 -11.79
C ASP A 124 46.58 -6.17 -11.49
N ALA A 125 45.35 -6.31 -11.99
CA ALA A 125 44.26 -5.42 -11.63
C ALA A 125 42.99 -6.25 -11.52
N SER A 126 42.24 -6.05 -10.44
CA SER A 126 41.08 -6.87 -10.14
C SER A 126 39.86 -5.98 -9.92
N THR A 127 38.69 -6.62 -9.93
CA THR A 127 37.45 -5.92 -9.61
C THR A 127 37.44 -5.45 -8.16
N SER A 128 37.93 -6.28 -7.24
CA SER A 128 38.03 -5.90 -5.84
C SER A 128 39.33 -5.16 -5.52
N GLY A 129 40.21 -5.00 -6.50
CA GLY A 129 41.47 -4.31 -6.30
C GLY A 129 42.62 -5.28 -6.09
N ASN A 130 43.81 -4.81 -6.45
CA ASN A 130 45.04 -5.60 -6.34
C ASN A 130 46.06 -4.78 -5.56
N PHE A 131 46.04 -4.94 -4.23
CA PHE A 131 46.92 -4.19 -3.34
C PHE A 131 48.19 -4.98 -3.01
N ASN A 132 48.91 -5.40 -4.04
CA ASN A 132 50.12 -6.20 -3.87
C ASN A 132 51.40 -5.43 -4.19
N TYR A 133 51.29 -4.16 -4.53
CA TYR A 133 52.45 -3.34 -4.88
C TYR A 133 52.51 -2.12 -3.97
N TYR A 134 53.72 -1.78 -3.54
CA TYR A 134 53.92 -0.74 -2.54
C TYR A 134 54.87 0.32 -3.09
N TYR A 135 54.70 1.54 -2.61
CA TYR A 135 55.58 2.64 -2.92
C TYR A 135 55.93 3.39 -1.64
N ARG A 136 57.10 4.00 -1.63
CA ARG A 136 57.62 4.68 -0.44
C ARG A 136 57.15 6.13 -0.45
N ILE A 137 56.47 6.54 0.62
CA ILE A 137 55.83 7.86 0.59
C ILE A 137 56.74 8.94 1.16
N TRP A 138 57.75 8.58 1.96
CA TRP A 138 58.60 9.60 2.57
C TRP A 138 59.95 9.01 2.96
N ARG A 139 60.99 9.82 2.78
CA ARG A 139 62.34 9.54 3.24
C ARG A 139 62.84 10.72 4.05
N SER A 140 63.85 10.46 4.89
CA SER A 140 64.49 11.55 5.63
C SER A 140 65.27 12.47 4.70
N GLU A 141 65.93 11.90 3.69
CA GLU A 141 66.68 12.67 2.72
C GLU A 141 66.42 12.12 1.33
N LYS A 142 66.66 12.95 0.32
CA LYS A 142 66.51 12.54 -1.06
C LYS A 142 67.63 11.57 -1.45
N LEU A 143 67.31 10.66 -2.36
CA LEU A 143 68.20 9.55 -2.64
C LEU A 143 69.38 9.98 -3.49
N ARG A 144 70.42 9.15 -3.47
CA ARG A 144 71.46 9.19 -4.47
C ARG A 144 70.90 8.70 -5.80
N PRO A 145 71.54 9.04 -6.93
CA PRO A 145 70.99 8.66 -8.25
C PRO A 145 70.70 7.18 -8.48
N PHE A 146 71.23 6.26 -7.66
CA PHE A 146 70.84 4.87 -7.77
C PHE A 146 70.70 4.18 -6.41
N GLU A 147 70.48 4.95 -5.34
CA GLU A 147 70.37 4.38 -4.00
C GLU A 147 69.03 3.67 -3.82
N ARG A 148 69.05 2.56 -3.11
CA ARG A 148 67.88 1.73 -2.88
C ARG A 148 67.87 1.22 -1.44
N ASP A 149 66.65 1.23 -0.88
CA ASP A 149 66.46 0.74 0.51
C ASP A 149 65.12 -0.01 0.55
N ILE A 150 65.11 -1.21 1.12
CA ILE A 150 63.87 -2.02 1.21
C ILE A 150 63.46 -2.09 2.69
N ALA A 151 63.86 -1.10 3.48
CA ALA A 151 63.58 -1.12 4.94
C ALA A 151 62.08 -0.94 5.20
N HIS A 152 61.65 -1.25 6.42
CA HIS A 152 60.20 -1.08 6.79
C HIS A 152 60.10 -0.28 8.10
N TYR A 153 60.35 1.02 8.05
CA TYR A 153 60.30 1.89 9.22
C TYR A 153 59.02 2.72 9.20
N ASP A 154 58.63 3.17 10.38
CA ASP A 154 57.46 4.02 10.55
C ASP A 154 57.91 5.47 10.66
N TYR A 155 57.20 6.36 9.97
CA TYR A 155 57.52 7.78 9.98
C TYR A 155 56.41 8.57 10.65
N GLN A 156 56.74 9.80 11.04
CA GLN A 156 55.88 10.61 11.89
C GLN A 156 54.91 11.41 11.03
N VAL A 157 53.61 11.24 11.28
CA VAL A 157 52.56 12.06 10.70
C VAL A 157 51.65 12.51 11.83
N GLY A 158 51.50 13.82 11.99
CA GLY A 158 50.69 14.37 13.07
C GLY A 158 51.24 14.04 14.44
N THR A 159 50.56 13.15 15.15
CA THR A 159 50.99 12.68 16.46
C THR A 159 51.15 11.17 16.51
N GLN A 160 51.05 10.48 15.37
CA GLN A 160 51.10 9.04 15.32
C GLN A 160 52.21 8.58 14.37
N PHE A 161 52.66 7.35 14.58
CA PHE A 161 53.65 6.72 13.72
C PHE A 161 52.93 5.79 12.75
N LYS A 162 53.13 6.03 11.46
CA LYS A 162 52.48 5.25 10.41
C LYS A 162 53.53 4.67 9.47
N SER A 163 53.16 3.58 8.81
CA SER A 163 54.08 2.89 7.93
C SER A 163 54.38 3.74 6.69
N SER A 164 55.65 3.78 6.31
CA SER A 164 56.07 4.53 5.14
C SER A 164 55.80 3.80 3.83
N LEU A 165 55.37 2.55 3.89
CA LEU A 165 55.07 1.76 2.70
C LEU A 165 53.56 1.66 2.58
N LYS A 166 53.00 2.23 1.51
CA LYS A 166 51.57 2.19 1.25
C LYS A 166 51.31 1.40 -0.02
N ASN A 167 50.29 0.55 0.02
CA ASN A 167 49.97 -0.29 -1.11
C ASN A 167 49.37 0.52 -2.26
N TYR A 168 49.38 -0.09 -3.44
CA TYR A 168 48.79 0.52 -4.63
C TYR A 168 47.38 -0.01 -4.82
N GLY A 169 46.44 0.90 -5.05
CA GLY A 169 45.09 0.48 -5.37
C GLY A 169 44.93 0.31 -6.86
N PHE A 170 45.05 -0.92 -7.34
CA PHE A 170 45.04 -1.23 -8.77
C PHE A 170 43.73 -1.93 -9.11
N TYR A 171 42.72 -1.13 -9.42
CA TYR A 171 41.43 -1.65 -9.84
C TYR A 171 41.37 -1.75 -11.35
N SER A 172 40.66 -2.78 -11.84
CA SER A 172 40.51 -2.94 -13.29
C SER A 172 39.62 -1.86 -13.87
N SER A 173 38.57 -1.47 -13.16
CA SER A 173 37.64 -0.45 -13.62
C SER A 173 38.10 0.93 -13.12
N ALA A 174 39.26 1.33 -13.62
CA ALA A 174 39.87 2.60 -13.23
C ALA A 174 40.37 3.32 -14.46
N GLY A 175 40.69 4.60 -14.30
CA GLY A 175 41.17 5.39 -15.40
C GLY A 175 42.59 5.04 -15.80
N ASP A 176 43.01 5.61 -16.92
CA ASP A 176 44.33 5.29 -17.47
C ASP A 176 45.46 5.79 -16.59
N SER A 177 45.23 6.87 -15.84
CA SER A 177 46.25 7.38 -14.92
C SER A 177 46.37 6.56 -13.65
N HIS A 178 45.42 5.67 -13.37
CA HIS A 178 45.45 4.86 -12.17
C HIS A 178 45.53 3.36 -12.45
N GLN A 179 45.52 2.95 -13.72
CA GLN A 179 45.72 1.55 -14.04
C GLN A 179 47.19 1.17 -13.88
N PRO A 180 47.47 -0.08 -13.51
CA PRO A 180 48.87 -0.48 -13.32
C PRO A 180 49.63 -0.52 -14.63
N TYR A 181 50.79 0.14 -14.65
CA TYR A 181 51.65 0.18 -15.82
C TYR A 181 52.93 -0.58 -15.50
N ARG A 182 53.25 -1.56 -16.33
CA ARG A 182 54.42 -2.40 -16.11
C ARG A 182 55.63 -1.73 -16.76
N VAL A 183 56.57 -1.27 -15.96
CA VAL A 183 57.68 -0.42 -16.41
C VAL A 183 58.98 -1.15 -16.16
N VAL A 184 59.80 -1.25 -17.20
CA VAL A 184 61.16 -1.79 -17.09
C VAL A 184 62.13 -0.79 -17.69
N VAL A 185 63.13 -0.41 -16.90
CA VAL A 185 64.26 0.37 -17.38
C VAL A 185 65.46 -0.58 -17.41
N LEU A 186 66.46 -0.24 -18.20
CA LEU A 186 67.64 -1.08 -18.33
C LEU A 186 68.91 -0.25 -18.27
N SER A 187 70.02 -0.92 -17.97
CA SER A 187 71.32 -0.25 -17.82
C SER A 187 72.42 -1.25 -18.11
N PHE A 188 73.54 -0.74 -18.63
CA PHE A 188 74.71 -1.58 -18.89
C PHE A 188 75.97 -0.97 -18.27
N SER B 19 -53.04 -30.80 -20.60
CA SER B 19 -53.85 -31.59 -19.68
C SER B 19 -53.66 -31.09 -18.25
N THR B 20 -53.29 -32.01 -17.36
CA THR B 20 -53.01 -31.65 -15.97
C THR B 20 -51.75 -30.81 -15.88
N THR B 21 -51.74 -29.87 -14.92
CA THR B 21 -50.57 -29.01 -14.73
C THR B 21 -49.38 -29.78 -14.18
N GLU B 22 -49.60 -30.96 -13.61
CA GLU B 22 -48.48 -31.78 -13.10
C GLU B 22 -47.57 -32.21 -14.24
N ASP B 23 -48.14 -32.63 -15.37
CA ASP B 23 -47.32 -33.09 -16.48
C ASP B 23 -46.52 -31.94 -17.11
N GLU B 24 -47.15 -30.78 -17.28
CA GLU B 24 -46.44 -29.62 -17.82
C GLU B 24 -45.36 -29.14 -16.85
N ALA B 25 -45.64 -29.20 -15.54
CA ALA B 25 -44.63 -28.85 -14.55
C ALA B 25 -43.46 -29.84 -14.59
N LYS B 26 -43.75 -31.13 -14.78
CA LYS B 26 -42.70 -32.13 -14.90
C LYS B 26 -41.84 -31.89 -16.13
N LYS B 27 -42.47 -31.57 -17.27
CA LYS B 27 -41.72 -31.27 -18.48
C LYS B 27 -40.85 -30.04 -18.31
N PHE B 28 -41.40 -28.99 -17.69
CA PHE B 28 -40.63 -27.77 -17.45
C PHE B 28 -39.46 -28.02 -16.51
N LEU B 29 -39.67 -28.83 -15.47
CA LEU B 29 -38.59 -29.15 -14.54
C LEU B 29 -37.51 -30.00 -15.20
N ASN B 30 -37.91 -30.92 -16.08
CA ASN B 30 -36.93 -31.72 -16.81
C ASN B 30 -36.07 -30.85 -17.71
N ASP B 31 -36.71 -29.94 -18.45
CA ASP B 31 -35.96 -29.01 -19.30
C ASP B 31 -35.05 -28.12 -18.47
N PHE B 32 -35.55 -27.64 -17.32
CA PHE B 32 -34.75 -26.75 -16.48
C PHE B 32 -33.53 -27.44 -15.92
N ASN B 33 -33.69 -28.67 -15.41
CA ASN B 33 -32.53 -29.34 -14.83
C ASN B 33 -31.54 -29.77 -15.92
N SER B 34 -32.06 -30.17 -17.08
CA SER B 34 -31.18 -30.54 -18.19
C SER B 34 -30.37 -29.34 -18.68
N GLU B 35 -30.98 -28.15 -18.68
CA GLU B 35 -30.28 -26.95 -19.11
C GLU B 35 -29.64 -26.18 -17.95
N ALA B 36 -29.74 -26.70 -16.72
CA ALA B 36 -29.16 -26.05 -15.55
C ALA B 36 -27.90 -26.75 -15.08
N GLU B 37 -27.91 -28.09 -15.08
CA GLU B 37 -26.70 -28.89 -14.84
C GLU B 37 -25.59 -28.45 -15.77
N ASN B 38 -25.94 -28.30 -17.05
CA ASN B 38 -25.12 -27.55 -17.98
C ASN B 38 -25.29 -26.06 -17.68
N LEU B 39 -24.18 -25.33 -17.77
CA LEU B 39 -23.90 -23.96 -17.32
C LEU B 39 -23.74 -23.87 -15.81
N THR B 40 -24.24 -24.85 -15.04
CA THR B 40 -23.82 -24.89 -13.64
C THR B 40 -22.44 -25.52 -13.53
N TYR B 41 -22.23 -26.62 -14.27
CA TYR B 41 -20.91 -27.20 -14.39
C TYR B 41 -19.94 -26.22 -15.05
N GLN B 42 -20.42 -25.41 -16.00
CA GLN B 42 -19.53 -24.46 -16.67
C GLN B 42 -19.13 -23.31 -15.75
N SER B 43 -20.08 -22.77 -14.97
CA SER B 43 -19.74 -21.76 -13.98
C SER B 43 -18.81 -22.32 -12.91
N SER B 44 -19.05 -23.56 -12.49
CA SER B 44 -18.18 -24.19 -11.50
C SER B 44 -16.77 -24.41 -12.04
N LEU B 45 -16.65 -24.83 -13.31
CA LEU B 45 -15.35 -25.03 -13.91
C LEU B 45 -14.60 -23.72 -14.06
N ALA B 46 -15.31 -22.65 -14.46
CA ALA B 46 -14.67 -21.34 -14.57
C ALA B 46 -14.22 -20.83 -13.20
N SER B 47 -15.05 -21.02 -12.17
CA SER B 47 -14.67 -20.60 -10.82
C SER B 47 -13.48 -21.40 -10.31
N TRP B 48 -13.45 -22.71 -10.59
CA TRP B 48 -12.31 -23.53 -10.20
C TRP B 48 -11.03 -23.10 -10.91
N ASP B 49 -11.15 -22.77 -12.20
CA ASP B 49 -9.99 -22.30 -12.96
C ASP B 49 -9.47 -20.98 -12.42
N TYR B 50 -10.38 -20.10 -11.98
CA TYR B 50 -9.92 -18.87 -11.35
C TYR B 50 -9.27 -19.13 -9.99
N ASN B 51 -9.88 -20.02 -9.19
CA ASN B 51 -9.43 -20.18 -7.81
C ASN B 51 -8.11 -20.91 -7.72
N THR B 52 -7.91 -21.91 -8.59
CA THR B 52 -6.63 -22.61 -8.61
C THR B 52 -5.57 -21.89 -9.44
N ASN B 53 -5.97 -20.87 -10.20
CA ASN B 53 -5.05 -20.14 -11.08
C ASN B 53 -5.59 -18.71 -11.20
N ILE B 54 -5.09 -17.83 -10.34
CA ILE B 54 -5.63 -16.47 -10.25
C ILE B 54 -5.02 -15.62 -11.34
N SER B 55 -5.87 -15.06 -12.21
CA SER B 55 -5.44 -14.16 -13.26
C SER B 55 -6.64 -13.34 -13.69
N ASP B 56 -6.35 -12.18 -14.31
CA ASP B 56 -7.43 -11.35 -14.83
C ASP B 56 -8.12 -11.97 -16.03
N GLU B 57 -7.44 -12.88 -16.74
CA GLU B 57 -8.09 -13.61 -17.84
C GLU B 57 -9.14 -14.57 -17.31
N ASN B 58 -8.89 -15.19 -16.15
CA ASN B 58 -9.81 -16.18 -15.60
C ASN B 58 -11.03 -15.53 -14.95
N VAL B 59 -10.97 -14.23 -14.63
CA VAL B 59 -12.12 -13.56 -14.04
C VAL B 59 -13.24 -13.41 -15.06
N GLN B 60 -12.87 -13.12 -16.32
CA GLN B 60 -13.87 -12.80 -17.34
C GLN B 60 -14.71 -14.02 -17.71
N LYS B 61 -14.09 -15.20 -17.78
CA LYS B 61 -14.86 -16.41 -18.07
C LYS B 61 -15.81 -16.73 -16.93
N MET B 62 -15.36 -16.52 -15.69
CA MET B 62 -16.24 -16.71 -14.54
C MET B 62 -17.44 -15.77 -14.62
N ASP B 63 -17.18 -14.50 -14.94
CA ASP B 63 -18.25 -13.51 -14.98
C ASP B 63 -19.23 -13.80 -16.10
N GLU B 64 -18.73 -14.23 -17.26
CA GLU B 64 -19.60 -14.59 -18.37
C GLU B 64 -20.48 -15.79 -18.02
N ALA B 65 -19.87 -16.84 -17.45
CA ALA B 65 -20.64 -18.03 -17.08
C ALA B 65 -21.66 -17.73 -15.98
N GLY B 66 -21.27 -16.92 -14.99
CA GLY B 66 -22.19 -16.56 -13.93
C GLY B 66 -23.32 -15.69 -14.42
N ALA B 67 -23.03 -14.76 -15.33
CA ALA B 67 -24.09 -13.92 -15.89
C ALA B 67 -25.07 -14.74 -16.73
N LYS B 68 -24.56 -15.69 -17.52
CA LYS B 68 -25.43 -16.56 -18.29
C LYS B 68 -26.30 -17.42 -17.38
N TRP B 69 -25.71 -17.98 -16.31
CA TRP B 69 -26.47 -18.78 -15.37
C TRP B 69 -27.51 -17.94 -14.64
N SER B 70 -27.17 -16.72 -14.25
CA SER B 70 -28.12 -15.86 -13.55
C SER B 70 -29.27 -15.45 -14.44
N ALA B 71 -28.99 -15.11 -15.70
CA ALA B 71 -30.04 -14.75 -16.64
C ALA B 71 -30.95 -15.94 -16.92
N PHE B 72 -30.37 -17.12 -17.11
CA PHE B 72 -31.17 -18.33 -17.30
C PHE B 72 -32.02 -18.64 -16.08
N TYR B 73 -31.45 -18.46 -14.88
CA TYR B 73 -32.18 -18.76 -13.65
C TYR B 73 -33.35 -17.81 -13.44
N GLU B 74 -33.15 -16.51 -13.69
CA GLU B 74 -34.25 -15.58 -13.49
C GLU B 74 -35.32 -15.73 -14.57
N GLU B 75 -34.92 -16.06 -15.80
CA GLU B 75 -35.91 -16.33 -16.84
C GLU B 75 -36.74 -17.56 -16.51
N GLN B 76 -36.09 -18.64 -16.05
CA GLN B 76 -36.83 -19.85 -15.73
C GLN B 76 -37.64 -19.68 -14.45
N SER B 77 -37.22 -18.79 -13.54
CA SER B 77 -38.06 -18.47 -12.39
C SER B 77 -39.31 -17.72 -12.82
N LYS B 78 -39.17 -16.79 -13.76
CA LYS B 78 -40.34 -16.10 -14.31
C LYS B 78 -41.29 -17.08 -15.00
N ILE B 79 -40.74 -18.08 -15.69
CA ILE B 79 -41.58 -19.11 -16.28
C ILE B 79 -42.24 -19.96 -15.20
N ALA B 80 -41.49 -20.29 -14.13
CA ALA B 80 -41.99 -21.14 -13.06
C ALA B 80 -43.08 -20.47 -12.24
N LYS B 81 -43.11 -19.13 -12.22
CA LYS B 81 -44.18 -18.42 -11.52
C LYS B 81 -45.55 -18.67 -12.14
N ASN B 82 -45.61 -19.12 -13.40
CA ASN B 82 -46.88 -19.43 -14.04
C ASN B 82 -47.53 -20.66 -13.42
N TYR B 83 -46.75 -21.65 -13.04
CA TYR B 83 -47.30 -22.90 -12.52
C TYR B 83 -47.75 -22.71 -11.08
N PRO B 84 -49.02 -22.97 -10.76
CA PRO B 84 -49.48 -22.82 -9.38
C PRO B 84 -49.15 -24.04 -8.53
N LEU B 85 -48.79 -23.77 -7.26
CA LEU B 85 -48.45 -24.84 -6.34
C LEU B 85 -49.66 -25.52 -5.72
N GLU B 86 -50.86 -24.95 -5.87
CA GLU B 86 -52.03 -25.51 -5.23
C GLU B 86 -52.61 -26.69 -5.99
N GLU B 87 -52.27 -26.85 -7.27
CA GLU B 87 -52.86 -27.89 -8.10
C GLU B 87 -51.93 -29.08 -8.35
N ILE B 88 -50.79 -29.15 -7.65
CA ILE B 88 -49.85 -30.25 -7.78
C ILE B 88 -49.83 -31.03 -6.46
N GLN B 89 -49.89 -32.36 -6.56
CA GLN B 89 -49.88 -33.20 -5.38
C GLN B 89 -48.58 -34.00 -5.21
N THR B 90 -47.76 -34.09 -6.25
CA THR B 90 -46.46 -34.74 -6.12
C THR B 90 -45.53 -33.85 -5.30
N ASP B 91 -44.92 -34.42 -4.26
CA ASP B 91 -44.13 -33.62 -3.33
C ASP B 91 -42.85 -33.09 -3.96
N ILE B 92 -42.17 -33.91 -4.76
CA ILE B 92 -40.89 -33.53 -5.35
C ILE B 92 -41.06 -32.35 -6.31
N VAL B 93 -42.08 -32.44 -7.18
CA VAL B 93 -42.36 -31.37 -8.12
C VAL B 93 -42.75 -30.10 -7.39
N LYS B 94 -43.53 -30.23 -6.30
CA LYS B 94 -43.94 -29.07 -5.52
C LYS B 94 -42.74 -28.39 -4.86
N ARG B 95 -41.80 -29.18 -4.31
CA ARG B 95 -40.62 -28.60 -3.68
C ARG B 95 -39.73 -27.91 -4.71
N GLN B 96 -39.53 -28.52 -5.87
CA GLN B 96 -38.70 -27.90 -6.90
C GLN B 96 -39.34 -26.62 -7.42
N LEU B 97 -40.66 -26.62 -7.62
CA LEU B 97 -41.34 -25.42 -8.11
C LEU B 97 -41.35 -24.32 -7.05
N GLN B 98 -41.47 -24.70 -5.77
CA GLN B 98 -41.42 -23.70 -4.70
C GLN B 98 -40.04 -23.07 -4.61
N ILE B 99 -38.97 -23.87 -4.76
CA ILE B 99 -37.61 -23.33 -4.77
C ILE B 99 -37.43 -22.40 -5.96
N LEU B 100 -37.96 -22.78 -7.13
CA LEU B 100 -37.83 -21.93 -8.31
C LEU B 100 -38.61 -20.63 -8.17
N GLN B 101 -39.79 -20.67 -7.56
CA GLN B 101 -40.65 -19.50 -7.47
C GLN B 101 -40.28 -18.57 -6.33
N GLN B 102 -39.61 -19.07 -5.28
CA GLN B 102 -39.29 -18.23 -4.13
C GLN B 102 -38.28 -17.15 -4.49
N SER B 103 -37.29 -17.48 -5.31
CA SER B 103 -36.27 -16.53 -5.74
C SER B 103 -36.32 -16.38 -7.25
N GLY B 104 -36.30 -15.15 -7.72
CA GLY B 104 -36.33 -14.88 -9.14
C GLY B 104 -35.96 -13.44 -9.43
N SER B 105 -36.57 -12.88 -10.45
CA SER B 105 -36.33 -11.48 -10.79
C SER B 105 -37.01 -10.59 -9.76
N PRO B 106 -36.28 -9.70 -9.09
CA PRO B 106 -36.92 -8.82 -8.10
C PRO B 106 -37.85 -7.81 -8.76
N VAL B 107 -38.84 -7.37 -7.99
CA VAL B 107 -39.78 -6.34 -8.47
C VAL B 107 -39.21 -4.95 -8.39
N LEU B 108 -37.99 -4.79 -7.88
CA LEU B 108 -37.37 -3.48 -7.76
C LEU B 108 -37.13 -2.86 -9.13
N SER B 109 -37.23 -1.54 -9.19
CA SER B 109 -37.00 -0.81 -10.43
C SER B 109 -35.52 -0.90 -10.83
N GLU B 110 -35.21 -0.47 -12.05
CA GLU B 110 -33.84 -0.57 -12.54
C GLU B 110 -32.91 0.36 -11.77
N ASP B 111 -33.37 1.58 -11.45
CA ASP B 111 -32.54 2.49 -10.66
C ASP B 111 -32.42 1.98 -9.24
N LYS B 112 -33.49 1.42 -8.68
CA LYS B 112 -33.42 0.88 -7.31
C LYS B 112 -32.49 -0.32 -7.24
N SER B 113 -32.55 -1.22 -8.23
CA SER B 113 -31.66 -2.36 -8.24
C SER B 113 -30.21 -1.94 -8.43
N LYS B 114 -29.97 -0.96 -9.29
CA LYS B 114 -28.61 -0.44 -9.46
C LYS B 114 -28.10 0.21 -8.18
N ARG B 115 -28.96 0.95 -7.49
CA ARG B 115 -28.57 1.57 -6.23
C ARG B 115 -28.26 0.53 -5.17
N LEU B 116 -29.05 -0.55 -5.10
CA LEU B 116 -28.79 -1.62 -4.15
C LEU B 116 -27.48 -2.34 -4.44
N ASN B 117 -27.20 -2.61 -5.72
CA ASN B 117 -25.93 -3.24 -6.08
C ASN B 117 -24.75 -2.33 -5.76
N SER B 118 -24.89 -1.03 -6.01
CA SER B 118 -23.83 -0.09 -5.69
C SER B 118 -23.62 0.02 -4.18
N ILE B 119 -24.70 -0.03 -3.40
CA ILE B 119 -24.59 0.01 -1.95
C ILE B 119 -23.88 -1.22 -1.43
N LEU B 120 -24.22 -2.40 -1.95
CA LEU B 120 -23.57 -3.63 -1.52
C LEU B 120 -22.09 -3.63 -1.88
N ASN B 121 -21.76 -3.18 -3.10
CA ASN B 121 -20.35 -3.11 -3.50
C ASN B 121 -19.59 -2.09 -2.66
N ALA B 122 -20.21 -0.96 -2.34
CA ALA B 122 -19.56 0.06 -1.51
C ALA B 122 -19.31 -0.45 -0.10
N MET B 123 -20.27 -1.17 0.47
CA MET B 123 -20.09 -1.73 1.80
C MET B 123 -18.98 -2.78 1.82
N SER B 124 -18.94 -3.64 0.80
CA SER B 124 -17.87 -4.64 0.72
C SER B 124 -16.50 -3.98 0.54
N THR B 125 -16.42 -2.93 -0.29
CA THR B 125 -15.16 -2.26 -0.51
C THR B 125 -14.69 -1.51 0.73
N ILE B 126 -15.62 -0.88 1.46
CA ILE B 126 -15.26 -0.19 2.70
C ILE B 126 -14.77 -1.19 3.74
N TYR B 127 -15.44 -2.34 3.85
CA TYR B 127 -15.00 -3.35 4.80
C TYR B 127 -13.63 -3.92 4.44
N SER B 128 -13.39 -4.18 3.15
CA SER B 128 -12.13 -4.81 2.77
C SER B 128 -10.95 -3.85 2.77
N THR B 129 -11.18 -2.57 2.43
CA THR B 129 -10.09 -1.62 2.26
C THR B 129 -10.00 -0.58 3.37
N GLY B 130 -10.81 -0.71 4.42
CA GLY B 130 -10.77 0.26 5.51
C GLY B 130 -9.49 0.11 6.33
N LYS B 131 -8.97 1.25 6.79
CA LYS B 131 -7.72 1.29 7.53
C LYS B 131 -7.89 2.12 8.78
N VAL B 132 -7.12 1.76 9.81
CA VAL B 132 -7.09 2.49 11.08
C VAL B 132 -5.66 2.89 11.35
N CYS B 133 -5.44 4.18 11.57
CA CYS B 133 -4.11 4.73 11.80
C CYS B 133 -3.89 5.00 13.28
N LYS B 134 -2.66 4.79 13.74
CA LYS B 134 -2.32 4.96 15.13
C LYS B 134 -2.34 6.46 15.49
N PRO B 135 -2.55 6.79 16.79
CA PRO B 135 -2.57 8.22 17.19
C PRO B 135 -1.25 8.93 16.94
N ASN B 136 -0.16 8.42 17.51
CA ASN B 136 1.15 8.79 17.03
C ASN B 136 1.44 8.05 15.73
N ASN B 137 2.37 8.61 14.93
CA ASN B 137 2.73 8.10 13.60
C ASN B 137 1.51 7.92 12.71
N PRO B 138 0.96 9.00 12.16
CA PRO B 138 -0.22 8.86 11.27
C PRO B 138 0.06 8.11 9.98
N GLN B 139 1.33 7.88 9.63
CA GLN B 139 1.67 7.12 8.44
C GLN B 139 1.58 5.61 8.65
N GLU B 140 1.39 5.16 9.89
CA GLU B 140 1.23 3.74 10.20
C GLU B 140 -0.26 3.44 10.32
N CYS B 141 -0.85 2.97 9.22
CA CYS B 141 -2.27 2.64 9.17
C CYS B 141 -2.42 1.15 8.90
N LEU B 142 -3.30 0.50 9.65
CA LEU B 142 -3.43 -0.95 9.65
C LEU B 142 -4.77 -1.37 9.06
N LEU B 143 -4.75 -2.34 8.16
CA LEU B 143 -5.98 -2.95 7.68
C LEU B 143 -6.52 -3.92 8.73
N LEU B 144 -7.75 -4.38 8.50
CA LEU B 144 -8.39 -5.25 9.47
C LEU B 144 -7.78 -6.65 9.46
N GLU B 145 -7.58 -7.22 8.27
CA GLU B 145 -7.27 -8.64 8.19
C GLU B 145 -5.84 -8.98 8.64
N PRO B 146 -4.76 -8.34 8.10
CA PRO B 146 -3.44 -8.70 8.64
C PRO B 146 -3.05 -7.90 9.89
N GLY B 147 -3.55 -6.68 10.03
CA GLY B 147 -3.06 -5.80 11.08
C GLY B 147 -3.88 -5.75 12.34
N LEU B 148 -5.17 -5.44 12.21
CA LEU B 148 -6.01 -5.29 13.39
C LEU B 148 -6.43 -6.63 13.98
N ASP B 149 -6.57 -7.66 13.14
CA ASP B 149 -6.92 -8.99 13.63
C ASP B 149 -5.82 -9.56 14.50
N ASN B 150 -4.56 -9.30 14.13
CA ASN B 150 -3.42 -9.76 14.94
C ASN B 150 -3.42 -9.09 16.31
N ILE B 151 -3.73 -7.79 16.36
CA ILE B 151 -3.80 -7.07 17.62
C ILE B 151 -4.94 -7.61 18.49
N MET B 152 -6.11 -7.79 17.88
CA MET B 152 -7.27 -8.26 18.64
C MET B 152 -7.11 -9.71 19.09
N GLY B 153 -6.32 -10.50 18.38
CA GLY B 153 -6.16 -11.89 18.76
C GLY B 153 -4.99 -12.17 19.69
N THR B 154 -3.96 -11.34 19.65
CA THR B 154 -2.72 -11.63 20.37
C THR B 154 -2.40 -10.69 21.51
N SER B 155 -2.80 -9.42 21.42
CA SER B 155 -2.35 -8.43 22.40
C SER B 155 -3.06 -8.61 23.73
N LYS B 156 -2.30 -8.39 24.81
CA LYS B 156 -2.84 -8.38 26.16
C LYS B 156 -2.79 -6.98 26.77
N ASP B 157 -2.67 -5.95 25.93
CA ASP B 157 -2.65 -4.57 26.39
C ASP B 157 -4.05 -4.00 26.28
N TYR B 158 -4.53 -3.39 27.37
CA TYR B 158 -5.87 -2.81 27.38
C TYR B 158 -5.99 -1.66 26.40
N HIS B 159 -4.99 -0.78 26.37
CA HIS B 159 -5.09 0.45 25.62
C HIS B 159 -4.87 0.24 24.12
N GLU B 160 -3.96 -0.67 23.75
CA GLU B 160 -3.79 -0.99 22.33
C GLU B 160 -5.02 -1.69 21.78
N ARG B 161 -5.61 -2.61 22.56
CA ARG B 161 -6.84 -3.26 22.14
C ARG B 161 -7.98 -2.27 22.05
N LEU B 162 -8.04 -1.31 22.98
CA LEU B 162 -9.07 -0.27 22.93
C LEU B 162 -8.89 0.62 21.70
N TRP B 163 -7.65 0.95 21.35
CA TRP B 163 -7.41 1.74 20.16
C TRP B 163 -7.84 0.98 18.90
N ALA B 164 -7.51 -0.31 18.82
CA ALA B 164 -7.90 -1.10 17.66
C ALA B 164 -9.42 -1.27 17.58
N TRP B 165 -10.08 -1.42 18.72
CA TRP B 165 -11.52 -1.60 18.75
C TRP B 165 -12.27 -0.31 18.45
N GLU B 166 -11.73 0.83 18.88
CA GLU B 166 -12.40 2.10 18.70
C GLU B 166 -12.09 2.74 17.36
N GLY B 167 -10.90 2.51 16.80
CA GLY B 167 -10.60 2.96 15.45
C GLY B 167 -11.48 2.26 14.43
N TRP B 168 -11.62 0.95 14.55
CA TRP B 168 -12.70 0.26 13.88
C TRP B 168 -14.03 0.73 14.45
N ARG B 169 -15.07 0.71 13.61
CA ARG B 169 -16.43 1.21 13.85
C ARG B 169 -16.50 2.74 13.88
N ALA B 170 -15.37 3.43 13.87
CA ALA B 170 -15.35 4.89 13.79
C ALA B 170 -14.86 5.39 12.45
N GLU B 171 -13.76 4.85 11.96
CA GLU B 171 -13.30 5.16 10.61
C GLU B 171 -13.89 4.24 9.56
N VAL B 172 -14.63 3.22 9.96
CA VAL B 172 -15.21 2.28 9.02
C VAL B 172 -16.72 2.16 9.23
N GLY B 173 -17.14 1.93 10.47
CA GLY B 173 -18.56 1.79 10.77
C GLY B 173 -19.36 3.06 10.51
N LYS B 174 -18.76 4.22 10.78
CA LYS B 174 -19.43 5.48 10.50
C LYS B 174 -19.61 5.70 9.00
N GLN B 175 -18.71 5.14 8.18
CA GLN B 175 -18.93 5.15 6.74
C GLN B 175 -20.08 4.24 6.35
N LEU B 176 -20.23 3.12 7.06
CA LEU B 176 -21.24 2.13 6.71
C LEU B 176 -22.63 2.47 7.25
N ARG B 177 -22.75 3.42 8.16
CA ARG B 177 -24.06 3.74 8.74
C ARG B 177 -25.08 4.24 7.71
N PRO B 178 -24.81 5.25 6.86
CA PRO B 178 -25.86 5.64 5.89
C PRO B 178 -26.08 4.60 4.80
N LEU B 179 -25.02 3.90 4.40
CA LEU B 179 -25.16 2.82 3.42
C LEU B 179 -26.05 1.71 3.95
N TYR B 180 -25.87 1.35 5.23
CA TYR B 180 -26.75 0.35 5.84
C TYR B 180 -28.17 0.86 6.01
N GLU B 181 -28.32 2.17 6.29
CA GLU B 181 -29.66 2.74 6.42
C GLU B 181 -30.43 2.66 5.10
N GLU B 182 -29.75 2.92 3.99
CA GLU B 182 -30.42 2.78 2.69
C GLU B 182 -30.58 1.31 2.30
N TYR B 183 -29.62 0.46 2.68
CA TYR B 183 -29.67 -0.96 2.35
C TYR B 183 -30.85 -1.65 3.02
N VAL B 184 -31.16 -1.26 4.25
CA VAL B 184 -32.28 -1.86 4.97
C VAL B 184 -33.60 -1.55 4.25
N VAL B 185 -33.78 -0.29 3.82
CA VAL B 185 -35.00 0.11 3.12
C VAL B 185 -35.11 -0.61 1.78
N LEU B 186 -34.01 -0.67 1.03
CA LEU B 186 -34.05 -1.32 -0.29
C LEU B 186 -34.32 -2.82 -0.17
N LYS B 187 -33.67 -3.49 0.79
CA LYS B 187 -33.91 -4.92 0.98
C LYS B 187 -35.30 -5.20 1.51
N ASN B 188 -35.85 -4.31 2.34
CA ASN B 188 -37.21 -4.48 2.82
C ASN B 188 -38.21 -4.36 1.67
N GLU B 189 -37.98 -3.40 0.77
CA GLU B 189 -38.85 -3.28 -0.41
C GLU B 189 -38.73 -4.50 -1.31
N MET B 190 -37.51 -4.99 -1.51
CA MET B 190 -37.29 -6.16 -2.35
C MET B 190 -37.95 -7.40 -1.76
N ALA B 191 -37.87 -7.57 -0.44
CA ALA B 191 -38.50 -8.72 0.20
C ALA B 191 -40.02 -8.58 0.25
N ARG B 192 -40.53 -7.35 0.37
CA ARG B 192 -41.97 -7.13 0.29
C ARG B 192 -42.49 -7.42 -1.09
N GLY B 193 -41.64 -7.26 -2.12
CA GLY B 193 -42.04 -7.65 -3.46
C GLY B 193 -42.11 -9.16 -3.67
N TYR B 194 -41.49 -9.93 -2.78
CA TYR B 194 -41.56 -11.39 -2.82
C TYR B 194 -42.65 -11.95 -1.90
N HIS B 195 -43.63 -11.11 -1.53
CA HIS B 195 -44.72 -11.46 -0.62
C HIS B 195 -44.20 -11.95 0.73
N TYR B 196 -43.25 -11.21 1.28
CA TYR B 196 -42.77 -11.42 2.63
C TYR B 196 -42.95 -10.14 3.43
N GLU B 197 -42.97 -10.28 4.76
CA GLU B 197 -43.17 -9.12 5.62
C GLU B 197 -41.96 -8.18 5.58
N ASP B 198 -40.76 -8.72 5.65
CA ASP B 198 -39.55 -7.91 5.66
C ASP B 198 -38.40 -8.78 5.15
N TYR B 199 -37.19 -8.22 5.19
CA TYR B 199 -36.02 -8.98 4.75
C TYR B 199 -35.67 -10.07 5.74
N GLY B 200 -35.97 -9.87 7.02
CA GLY B 200 -35.76 -10.92 8.00
C GLY B 200 -36.64 -12.13 7.76
N ASP B 201 -37.89 -11.90 7.35
CA ASP B 201 -38.77 -13.00 6.97
C ASP B 201 -38.28 -13.71 5.72
N TYR B 202 -37.73 -12.95 4.77
CA TYR B 202 -37.16 -13.55 3.57
C TYR B 202 -35.95 -14.40 3.90
N TRP B 203 -35.14 -13.98 4.87
CA TRP B 203 -34.03 -14.80 5.34
C TRP B 203 -34.54 -16.03 6.08
N ARG B 204 -35.61 -15.88 6.83
CA ARG B 204 -36.25 -16.99 7.53
C ARG B 204 -37.17 -17.80 6.63
N ARG B 205 -37.15 -17.58 5.32
CA ARG B 205 -37.86 -18.47 4.41
C ARG B 205 -37.22 -19.86 4.37
N ASP B 206 -35.96 -19.99 4.76
CA ASP B 206 -35.42 -21.30 5.08
C ASP B 206 -35.96 -21.75 6.43
N TYR B 207 -35.79 -23.05 6.71
CA TYR B 207 -36.49 -23.73 7.81
C TYR B 207 -38.00 -23.51 7.71
N GLU B 208 -38.54 -23.70 6.51
CA GLU B 208 -39.98 -23.59 6.30
C GLU B 208 -40.44 -24.83 5.54
N THR B 209 -41.27 -25.64 6.19
CA THR B 209 -41.69 -26.92 5.66
C THR B 209 -43.19 -26.93 5.41
N GLU B 210 -43.60 -27.81 4.49
CA GLU B 210 -45.00 -28.07 4.20
C GLU B 210 -45.33 -29.54 4.46
N GLU B 211 -44.82 -30.06 5.57
CA GLU B 211 -44.90 -31.48 5.88
C GLU B 211 -46.33 -31.90 6.16
N SER B 212 -46.55 -33.22 6.09
CA SER B 212 -47.89 -33.77 6.23
C SER B 212 -48.33 -33.75 7.69
N SER B 213 -49.58 -34.18 7.90
CA SER B 213 -50.29 -34.35 9.17
C SER B 213 -50.62 -33.04 9.88
N GLY B 214 -50.18 -31.89 9.37
CA GLY B 214 -50.59 -30.62 9.93
C GLY B 214 -49.54 -29.69 10.53
N PRO B 215 -48.57 -30.19 11.34
CA PRO B 215 -47.62 -29.21 11.91
C PRO B 215 -46.40 -28.92 11.04
N GLY B 216 -46.60 -28.09 10.02
CA GLY B 216 -45.50 -27.60 9.23
C GLY B 216 -44.73 -26.51 9.97
N TYR B 217 -43.43 -26.47 9.73
CA TYR B 217 -42.58 -25.47 10.37
C TYR B 217 -42.78 -24.12 9.72
N SER B 218 -43.08 -23.12 10.52
CA SER B 218 -43.30 -21.76 10.04
C SER B 218 -42.07 -20.89 10.29
N ARG B 219 -42.12 -19.67 9.76
CA ARG B 219 -40.99 -18.76 9.88
C ARG B 219 -40.90 -18.13 11.26
N ASP B 220 -42.04 -17.92 11.94
CA ASP B 220 -42.02 -17.45 13.32
C ASP B 220 -41.64 -18.54 14.31
N GLN B 221 -41.85 -19.80 13.93
CA GLN B 221 -41.44 -20.92 14.77
C GLN B 221 -39.93 -20.94 14.96
N LEU B 222 -39.18 -20.51 13.94
CA LEU B 222 -37.73 -20.42 14.09
C LEU B 222 -37.33 -19.40 15.14
N MET B 223 -38.00 -18.24 15.16
CA MET B 223 -37.73 -17.23 16.17
C MET B 223 -38.07 -17.73 17.56
N LYS B 224 -39.23 -18.38 17.71
CA LYS B 224 -39.62 -18.94 18.99
C LYS B 224 -38.63 -20.00 19.46
N ASP B 225 -38.17 -20.84 18.53
CA ASP B 225 -37.25 -21.91 18.88
C ASP B 225 -35.88 -21.38 19.27
N VAL B 226 -35.37 -20.36 18.57
CA VAL B 226 -34.05 -19.86 18.95
C VAL B 226 -34.13 -19.10 20.28
N ASP B 227 -35.26 -18.45 20.57
CA ASP B 227 -35.44 -17.85 21.90
C ASP B 227 -35.46 -18.92 22.98
N ARG B 228 -36.16 -20.03 22.74
CA ARG B 228 -36.21 -21.12 23.72
C ARG B 228 -34.83 -21.75 23.93
N ILE B 229 -34.09 -21.94 22.84
CA ILE B 229 -32.75 -22.53 22.93
C ILE B 229 -31.81 -21.61 23.69
N PHE B 230 -31.91 -20.30 23.46
CA PHE B 230 -31.06 -19.37 24.22
C PHE B 230 -31.42 -19.37 25.71
N THR B 231 -32.71 -19.43 26.04
CA THR B 231 -33.09 -19.51 27.45
C THR B 231 -32.63 -20.82 28.08
N GLU B 232 -32.51 -21.88 27.30
CA GLU B 232 -32.00 -23.14 27.83
C GLU B 232 -30.49 -23.12 28.00
N ILE B 233 -29.74 -22.42 27.13
CA ILE B 233 -28.28 -22.36 27.25
C ILE B 233 -27.81 -21.23 28.14
N LYS B 234 -28.70 -20.38 28.63
CA LYS B 234 -28.33 -19.28 29.52
C LYS B 234 -27.53 -19.66 30.77
N PRO B 235 -27.84 -20.72 31.53
CA PRO B 235 -27.03 -20.97 32.75
C PRO B 235 -25.59 -21.39 32.47
N LEU B 236 -25.38 -22.26 31.47
CA LEU B 236 -24.01 -22.67 31.14
C LEU B 236 -23.19 -21.50 30.64
N TYR B 237 -23.78 -20.65 29.79
CA TYR B 237 -23.08 -19.46 29.33
C TYR B 237 -22.83 -18.48 30.47
N GLU B 238 -23.75 -18.39 31.42
CA GLU B 238 -23.55 -17.52 32.58
C GLU B 238 -22.37 -17.98 33.41
N HIS B 239 -22.25 -19.30 33.63
CA HIS B 239 -21.14 -19.82 34.41
C HIS B 239 -19.81 -19.67 33.66
N LEU B 240 -19.83 -19.89 32.34
CA LEU B 240 -18.62 -19.67 31.54
C LEU B 240 -18.22 -18.20 31.54
N HIS B 241 -19.20 -17.30 31.47
CA HIS B 241 -18.94 -15.87 31.53
C HIS B 241 -18.35 -15.47 32.88
N ALA B 242 -18.87 -16.04 33.97
CA ALA B 242 -18.33 -15.76 35.29
C ALA B 242 -16.89 -16.25 35.43
N TYR B 243 -16.60 -17.46 34.92
CA TYR B 243 -15.25 -17.98 34.99
C TYR B 243 -14.28 -17.15 34.15
N VAL B 244 -14.71 -16.75 32.95
CA VAL B 244 -13.86 -15.94 32.08
C VAL B 244 -13.62 -14.56 32.69
N ARG B 245 -14.63 -13.99 33.34
CA ARG B 245 -14.47 -12.72 34.04
C ARG B 245 -13.49 -12.85 35.20
N ALA B 246 -13.59 -13.94 35.96
CA ALA B 246 -12.66 -14.15 37.07
C ALA B 246 -11.23 -14.34 36.58
N LYS B 247 -11.04 -15.01 35.44
CA LYS B 247 -9.69 -15.19 34.92
C LYS B 247 -9.14 -13.92 34.27
N LEU B 248 -9.99 -13.12 33.63
CA LEU B 248 -9.57 -11.83 33.10
C LEU B 248 -9.67 -10.71 34.11
N MET B 249 -9.87 -11.04 35.38
CA MET B 249 -9.59 -10.07 36.44
C MET B 249 -8.14 -10.13 36.91
N ASP B 250 -7.41 -11.20 36.59
CA ASP B 250 -6.00 -11.28 36.92
C ASP B 250 -5.16 -10.45 35.97
N THR B 251 -5.18 -10.79 34.69
CA THR B 251 -4.79 -9.83 33.67
C THR B 251 -5.87 -8.75 33.58
N TYR B 252 -5.49 -7.59 33.07
CA TYR B 252 -6.30 -6.38 33.14
C TYR B 252 -6.85 -6.10 34.55
N PRO B 253 -5.99 -5.81 35.53
CA PRO B 253 -6.50 -5.37 36.82
C PRO B 253 -7.00 -3.94 36.72
N LEU B 254 -7.86 -3.57 37.69
CA LEU B 254 -8.53 -2.26 37.77
C LEU B 254 -9.19 -1.84 36.46
N HIS B 255 -9.66 -2.81 35.69
CA HIS B 255 -10.41 -2.55 34.46
C HIS B 255 -11.65 -3.42 34.32
N ILE B 256 -11.81 -4.47 35.13
CA ILE B 256 -12.92 -5.40 35.04
C ILE B 256 -13.70 -5.34 36.33
N SER B 257 -14.99 -5.10 36.23
CA SER B 257 -15.84 -5.16 37.41
C SER B 257 -16.12 -6.62 37.76
N PRO B 258 -15.98 -7.01 39.03
CA PRO B 258 -16.30 -8.39 39.41
C PRO B 258 -17.77 -8.75 39.27
N THR B 259 -18.65 -7.77 39.19
CA THR B 259 -20.08 -8.00 39.07
C THR B 259 -20.62 -7.66 37.69
N GLY B 260 -20.15 -6.59 37.06
CA GLY B 260 -20.70 -6.11 35.81
C GLY B 260 -20.26 -6.93 34.61
N CYS B 261 -20.56 -6.39 33.44
CA CYS B 261 -20.31 -7.06 32.17
C CYS B 261 -18.82 -7.02 31.83
N LEU B 262 -18.48 -7.63 30.69
CA LEU B 262 -17.11 -7.62 30.20
C LEU B 262 -16.95 -6.58 29.10
N PRO B 263 -15.84 -5.84 29.10
CA PRO B 263 -15.58 -4.90 28.00
C PRO B 263 -15.45 -5.62 26.67
N ALA B 264 -15.94 -4.96 25.63
CA ALA B 264 -16.06 -5.60 24.31
C ALA B 264 -14.72 -5.81 23.63
N HIS B 265 -13.68 -5.11 24.05
CA HIS B 265 -12.39 -5.16 23.37
C HIS B 265 -11.41 -6.13 24.00
N LEU B 266 -11.86 -6.94 24.96
CA LEU B 266 -11.01 -7.91 25.63
C LEU B 266 -11.58 -9.33 25.49
N LEU B 267 -12.02 -9.69 24.28
CA LEU B 267 -12.72 -10.94 24.08
C LEU B 267 -12.06 -11.85 23.05
N GLY B 268 -10.87 -11.53 22.58
CA GLY B 268 -10.13 -12.39 21.70
C GLY B 268 -10.19 -12.02 20.23
N ASP B 269 -11.17 -11.22 19.82
CA ASP B 269 -11.21 -10.69 18.47
C ASP B 269 -11.91 -9.34 18.50
N MET B 270 -12.19 -8.80 17.32
CA MET B 270 -12.74 -7.45 17.23
C MET B 270 -14.18 -7.38 17.71
N TRP B 271 -14.97 -8.40 17.41
CA TRP B 271 -16.40 -8.37 17.69
C TRP B 271 -16.80 -9.26 18.85
N GLY B 272 -15.87 -10.01 19.43
CA GLY B 272 -16.24 -10.95 20.47
C GLY B 272 -17.02 -12.15 19.97
N ARG B 273 -16.87 -12.50 18.69
CA ARG B 273 -17.60 -13.62 18.13
C ARG B 273 -17.13 -14.94 18.72
N PHE B 274 -15.82 -15.13 18.81
CA PHE B 274 -15.22 -16.34 19.38
C PHE B 274 -14.32 -15.96 20.53
N TRP B 275 -14.39 -16.73 21.61
CA TRP B 275 -13.53 -16.54 22.77
C TRP B 275 -12.31 -17.45 22.73
N THR B 276 -11.95 -17.95 21.54
CA THR B 276 -10.87 -18.93 21.43
C THR B 276 -9.52 -18.35 21.81
N ASN B 277 -9.27 -17.09 21.44
CA ASN B 277 -7.99 -16.45 21.74
C ASN B 277 -7.84 -16.11 23.22
N LEU B 278 -8.91 -16.23 24.01
CA LEU B 278 -8.83 -16.04 25.46
C LEU B 278 -8.35 -17.29 26.17
N TYR B 279 -8.10 -18.38 25.44
CA TYR B 279 -7.66 -19.62 26.08
C TYR B 279 -6.34 -19.52 26.85
N PRO B 280 -5.26 -18.87 26.36
CA PRO B 280 -4.06 -18.77 27.20
C PRO B 280 -4.26 -18.02 28.50
N LEU B 281 -5.22 -17.10 28.56
CA LEU B 281 -5.46 -16.35 29.78
C LEU B 281 -6.40 -17.10 30.73
N THR B 282 -7.23 -18.00 30.21
CA THR B 282 -8.26 -18.67 31.01
C THR B 282 -8.04 -20.18 31.09
N VAL B 283 -6.84 -20.67 30.77
CA VAL B 283 -6.63 -22.12 30.76
C VAL B 283 -6.50 -22.63 32.20
N PRO B 284 -7.29 -23.63 32.58
CA PRO B 284 -7.01 -24.31 33.85
C PRO B 284 -5.95 -25.39 33.65
N PHE B 285 -5.15 -25.59 34.70
CA PHE B 285 -4.06 -26.57 34.70
C PHE B 285 -3.11 -26.32 33.53
N GLY B 286 -2.45 -25.16 33.58
CA GLY B 286 -1.58 -24.76 32.49
C GLY B 286 -0.35 -25.62 32.32
N GLN B 287 0.03 -26.38 33.35
CA GLN B 287 1.16 -27.29 33.24
C GLN B 287 0.85 -28.51 32.38
N LYS B 288 -0.43 -28.84 32.21
CA LYS B 288 -0.80 -29.98 31.38
C LYS B 288 -0.75 -29.59 29.91
N PRO B 289 0.04 -30.26 29.09
CA PRO B 289 0.09 -29.90 27.66
C PRO B 289 -1.16 -30.34 26.94
N ASN B 290 -1.57 -29.54 25.96
CA ASN B 290 -2.72 -29.86 25.14
C ASN B 290 -2.34 -30.90 24.10
N ILE B 291 -3.36 -31.48 23.46
CA ILE B 291 -3.13 -32.48 22.42
C ILE B 291 -2.65 -31.77 21.16
N ASP B 292 -1.47 -32.16 20.67
CA ASP B 292 -0.93 -31.62 19.43
C ASP B 292 0.00 -32.66 18.84
N VAL B 293 -0.42 -33.26 17.72
CA VAL B 293 0.34 -34.31 17.07
C VAL B 293 1.11 -33.79 15.87
N THR B 294 1.36 -32.47 15.81
CA THR B 294 2.06 -31.88 14.68
C THR B 294 3.51 -32.37 14.60
N ASP B 295 4.15 -32.56 15.75
CA ASP B 295 5.49 -33.14 15.78
C ASP B 295 5.48 -34.57 15.26
N GLU B 296 4.45 -35.34 15.62
CA GLU B 296 4.37 -36.72 15.16
C GLU B 296 4.03 -36.85 13.68
N MET B 297 3.56 -35.78 13.04
CA MET B 297 3.35 -35.82 11.59
C MET B 297 4.46 -35.13 10.80
N VAL B 298 5.25 -34.23 11.42
CA VAL B 298 6.49 -33.86 10.76
C VAL B 298 7.51 -34.98 10.91
N LYS B 299 7.33 -35.84 11.91
CA LYS B 299 7.94 -37.16 11.92
C LYS B 299 7.04 -38.13 11.15
N GLN B 300 7.56 -39.34 10.92
CA GLN B 300 6.88 -40.45 10.24
C GLN B 300 6.55 -40.15 8.78
N GLY B 301 6.98 -39.01 8.24
CA GLY B 301 6.78 -38.72 6.82
C GLY B 301 5.34 -38.52 6.40
N TRP B 302 4.56 -37.77 7.17
CA TRP B 302 3.19 -37.49 6.80
C TRP B 302 3.12 -36.32 5.82
N ASP B 303 2.30 -36.47 4.79
CA ASP B 303 2.09 -35.40 3.82
C ASP B 303 0.61 -35.13 3.66
N ALA B 304 0.24 -34.28 2.69
CA ALA B 304 -1.17 -33.98 2.45
C ALA B 304 -1.91 -35.21 1.94
N ASN B 305 -1.27 -35.99 1.05
CA ASN B 305 -1.90 -37.19 0.53
C ASN B 305 -2.13 -38.21 1.63
N ARG B 306 -1.19 -38.32 2.57
CA ARG B 306 -1.38 -39.21 3.71
C ARG B 306 -2.55 -38.77 4.58
N ILE B 307 -2.69 -37.47 4.79
CA ILE B 307 -3.79 -36.94 5.60
C ILE B 307 -5.14 -37.24 4.93
N PHE B 308 -5.22 -37.00 3.62
CA PHE B 308 -6.48 -37.24 2.93
C PHE B 308 -6.78 -38.73 2.79
N LYS B 309 -5.75 -39.58 2.68
CA LYS B 309 -5.98 -41.01 2.66
C LYS B 309 -6.45 -41.51 4.01
N GLU B 310 -5.92 -40.94 5.10
CA GLU B 310 -6.41 -41.28 6.43
C GLU B 310 -7.86 -40.85 6.62
N ALA B 311 -8.22 -39.67 6.11
CA ALA B 311 -9.61 -39.22 6.19
C ALA B 311 -10.53 -40.12 5.37
N GLU B 312 -10.08 -40.55 4.18
CA GLU B 312 -10.87 -41.47 3.37
C GLU B 312 -11.02 -42.82 4.06
N LYS B 313 -9.96 -43.28 4.74
CA LYS B 313 -10.04 -44.52 5.50
C LYS B 313 -11.04 -44.41 6.65
N PHE B 314 -11.04 -43.25 7.34
CA PHE B 314 -12.00 -43.02 8.41
C PHE B 314 -13.42 -43.03 7.90
N PHE B 315 -13.67 -42.39 6.75
CA PHE B 315 -15.03 -42.34 6.22
C PHE B 315 -15.46 -43.68 5.65
N VAL B 316 -14.52 -44.46 5.11
CA VAL B 316 -14.84 -45.81 4.63
C VAL B 316 -15.17 -46.72 5.82
N SER B 317 -14.48 -46.51 6.95
CA SER B 317 -14.63 -47.38 8.11
C SER B 317 -16.03 -47.36 8.70
N VAL B 318 -16.77 -46.26 8.51
CA VAL B 318 -18.15 -46.20 8.98
C VAL B 318 -19.15 -46.71 7.93
N GLY B 319 -18.70 -46.96 6.70
CA GLY B 319 -19.56 -47.48 5.66
C GLY B 319 -19.83 -46.51 4.53
N LEU B 320 -19.36 -45.27 4.62
CA LEU B 320 -19.53 -44.32 3.54
C LEU B 320 -18.64 -44.71 2.36
N PRO B 321 -19.03 -44.35 1.13
CA PRO B 321 -18.26 -44.78 -0.04
C PRO B 321 -16.89 -44.10 -0.12
N ASN B 322 -16.07 -44.66 -1.01
CA ASN B 322 -14.75 -44.13 -1.29
C ASN B 322 -14.83 -42.78 -1.98
N MET B 323 -13.75 -42.01 -1.90
CA MET B 323 -13.61 -40.84 -2.75
C MET B 323 -13.37 -41.25 -4.19
N THR B 324 -13.93 -40.49 -5.11
CA THR B 324 -13.94 -40.85 -6.52
C THR B 324 -12.54 -40.71 -7.11
N GLU B 325 -12.34 -41.36 -8.26
CA GLU B 325 -11.05 -41.28 -8.95
C GLU B 325 -10.79 -39.87 -9.43
N GLY B 326 -11.85 -39.16 -9.84
CA GLY B 326 -11.68 -37.78 -10.26
C GLY B 326 -11.35 -36.85 -9.12
N PHE B 327 -11.73 -37.21 -7.89
CA PHE B 327 -11.41 -36.40 -6.73
C PHE B 327 -9.90 -36.35 -6.48
N TRP B 328 -9.24 -37.51 -6.55
CA TRP B 328 -7.79 -37.54 -6.38
C TRP B 328 -7.09 -36.90 -7.58
N ASN B 329 -7.69 -37.02 -8.77
CA ASN B 329 -7.06 -36.54 -9.99
C ASN B 329 -7.10 -35.03 -10.11
N ASN B 330 -8.24 -34.41 -9.77
CA ASN B 330 -8.49 -33.01 -10.12
C ASN B 330 -8.39 -32.04 -8.96
N SER B 331 -8.59 -32.48 -7.73
CA SER B 331 -8.62 -31.56 -6.60
C SER B 331 -7.23 -31.08 -6.25
N MET B 332 -7.16 -29.82 -5.80
CA MET B 332 -5.91 -29.23 -5.35
C MET B 332 -5.79 -29.53 -3.85
N LEU B 333 -5.00 -30.53 -3.51
CA LEU B 333 -4.84 -30.96 -2.13
C LEU B 333 -3.62 -30.34 -1.45
N THR B 334 -2.88 -29.49 -2.17
CA THR B 334 -1.73 -28.82 -1.59
C THR B 334 -1.47 -27.56 -2.40
N GLU B 335 -0.68 -26.66 -1.82
CA GLU B 335 -0.34 -25.42 -2.49
C GLU B 335 0.54 -25.71 -3.71
N PRO B 336 0.24 -25.15 -4.88
CA PRO B 336 1.00 -25.50 -6.09
C PRO B 336 2.41 -24.95 -6.06
N GLY B 337 3.37 -25.79 -6.47
CA GLY B 337 4.75 -25.38 -6.51
C GLY B 337 5.03 -24.35 -7.59
N ASP B 338 4.38 -24.48 -8.74
CA ASP B 338 4.61 -23.56 -9.84
C ASP B 338 3.98 -22.20 -9.55
N GLY B 339 4.26 -21.24 -10.44
CA GLY B 339 3.79 -19.89 -10.26
C GLY B 339 2.32 -19.68 -10.56
N ARG B 340 1.45 -20.33 -9.79
CA ARG B 340 0.00 -20.19 -9.91
C ARG B 340 -0.54 -19.65 -8.60
N LYS B 341 -1.11 -18.44 -8.65
CA LYS B 341 -1.68 -17.85 -7.45
C LYS B 341 -3.02 -18.52 -7.12
N VAL B 342 -3.20 -18.87 -5.85
CA VAL B 342 -4.41 -19.52 -5.38
C VAL B 342 -4.94 -18.75 -4.17
N VAL B 343 -6.18 -19.05 -3.81
CA VAL B 343 -6.80 -18.55 -2.59
C VAL B 343 -6.70 -19.63 -1.52
N CYS B 344 -5.98 -19.32 -0.44
CA CYS B 344 -5.67 -20.32 0.58
C CYS B 344 -6.79 -20.37 1.62
N HIS B 345 -7.96 -20.82 1.16
CA HIS B 345 -9.11 -21.02 2.02
C HIS B 345 -9.66 -22.42 1.77
N PRO B 346 -9.85 -23.23 2.81
CA PRO B 346 -10.35 -24.60 2.61
C PRO B 346 -11.81 -24.60 2.16
N THR B 347 -12.06 -25.20 1.00
CA THR B 347 -13.39 -25.26 0.43
C THR B 347 -13.60 -26.62 -0.22
N ALA B 348 -14.81 -27.15 -0.08
CA ALA B 348 -15.23 -28.36 -0.77
C ALA B 348 -16.15 -27.97 -1.91
N TRP B 349 -15.85 -28.46 -3.10
CA TRP B 349 -16.51 -28.02 -4.33
C TRP B 349 -17.38 -29.15 -4.87
N ASP B 350 -18.66 -28.85 -5.07
CA ASP B 350 -19.57 -29.73 -5.80
C ASP B 350 -19.74 -29.11 -7.18
N LEU B 351 -18.88 -29.50 -8.11
CA LEU B 351 -18.89 -28.89 -9.44
C LEU B 351 -20.10 -29.31 -10.25
N GLY B 352 -20.72 -30.43 -9.93
CA GLY B 352 -21.80 -30.96 -10.74
C GLY B 352 -21.31 -32.04 -11.69
N LYS B 353 -22.27 -32.81 -12.20
CA LYS B 353 -22.03 -33.97 -13.07
C LYS B 353 -21.07 -34.97 -12.43
N GLY B 354 -21.23 -35.17 -11.12
CA GLY B 354 -20.41 -36.13 -10.40
C GLY B 354 -18.99 -35.71 -10.15
N ASP B 355 -18.70 -34.41 -10.18
CA ASP B 355 -17.35 -33.91 -9.98
C ASP B 355 -17.26 -33.26 -8.60
N PHE B 356 -16.50 -33.87 -7.70
CA PHE B 356 -16.31 -33.38 -6.35
C PHE B 356 -14.83 -33.16 -6.11
N ARG B 357 -14.46 -31.94 -5.70
CA ARG B 357 -13.07 -31.58 -5.47
C ARG B 357 -12.95 -30.81 -4.16
N ILE B 358 -11.76 -30.88 -3.57
CA ILE B 358 -11.40 -30.12 -2.38
C ILE B 358 -10.22 -29.23 -2.75
N LYS B 359 -10.35 -27.94 -2.48
CA LYS B 359 -9.29 -26.98 -2.72
C LYS B 359 -8.85 -26.39 -1.39
N MET B 360 -7.64 -26.73 -0.96
CA MET B 360 -7.06 -26.15 0.24
C MET B 360 -5.55 -26.32 0.20
N CYS B 361 -4.84 -25.35 0.77
CA CYS B 361 -3.38 -25.39 0.89
C CYS B 361 -3.04 -26.17 2.16
N THR B 362 -2.94 -27.49 2.02
CA THR B 362 -2.74 -28.34 3.19
C THR B 362 -1.31 -28.22 3.70
N LYS B 363 -1.18 -27.89 4.98
CA LYS B 363 0.07 -27.98 5.71
C LYS B 363 0.02 -29.17 6.65
N VAL B 364 1.18 -29.55 7.18
CA VAL B 364 1.25 -30.72 8.07
C VAL B 364 1.02 -30.18 9.47
N THR B 365 -0.27 -30.03 9.81
CA THR B 365 -0.71 -29.55 11.11
C THR B 365 -1.97 -30.30 11.50
N MET B 366 -2.25 -30.33 12.80
CA MET B 366 -3.48 -30.97 13.29
C MET B 366 -4.72 -30.21 12.85
N GLU B 367 -4.61 -28.88 12.75
CA GLU B 367 -5.74 -28.07 12.28
C GLU B 367 -6.10 -28.43 10.84
N ASP B 368 -5.10 -28.63 9.99
CA ASP B 368 -5.36 -29.06 8.62
C ASP B 368 -5.89 -30.49 8.57
N PHE B 369 -5.51 -31.33 9.54
CA PHE B 369 -6.06 -32.67 9.63
C PHE B 369 -7.56 -32.65 9.91
N LEU B 370 -7.96 -31.87 10.93
CA LEU B 370 -9.38 -31.73 11.23
C LEU B 370 -10.13 -31.02 10.10
N THR B 371 -9.49 -30.05 9.45
CA THR B 371 -10.13 -29.36 8.33
C THR B 371 -10.31 -30.28 7.15
N ALA B 372 -9.36 -31.17 6.91
CA ALA B 372 -9.50 -32.17 5.85
C ALA B 372 -10.68 -33.10 6.13
N HIS B 373 -10.84 -33.50 7.40
CA HIS B 373 -12.01 -34.31 7.75
C HIS B 373 -13.31 -33.53 7.57
N HIS B 374 -13.31 -32.25 7.92
CA HIS B 374 -14.49 -31.40 7.76
C HIS B 374 -14.89 -31.27 6.29
N GLU B 375 -13.93 -30.93 5.44
CA GLU B 375 -14.23 -30.76 4.01
C GLU B 375 -14.57 -32.09 3.34
N MET B 376 -14.00 -33.20 3.81
CA MET B 376 -14.38 -34.49 3.25
C MET B 376 -15.76 -34.90 3.71
N GLY B 377 -16.19 -34.46 4.88
CA GLY B 377 -17.59 -34.63 5.27
C GLY B 377 -18.53 -33.84 4.38
N HIS B 378 -18.14 -32.62 4.02
CA HIS B 378 -18.89 -31.84 3.04
C HIS B 378 -18.99 -32.58 1.71
N ILE B 379 -17.88 -33.14 1.25
CA ILE B 379 -17.86 -33.90 0.00
C ILE B 379 -18.74 -35.13 0.09
N GLN B 380 -18.72 -35.83 1.23
CA GLN B 380 -19.56 -37.01 1.40
C GLN B 380 -21.05 -36.65 1.36
N TYR B 381 -21.41 -35.50 1.95
CA TYR B 381 -22.78 -35.01 1.81
C TYR B 381 -23.13 -34.75 0.33
N ASP B 382 -22.19 -34.17 -0.41
CA ASP B 382 -22.43 -33.88 -1.82
C ASP B 382 -22.65 -35.15 -2.64
N MET B 383 -21.77 -36.14 -2.49
CA MET B 383 -21.97 -37.40 -3.21
C MET B 383 -23.18 -38.17 -2.72
N ALA B 384 -23.61 -37.93 -1.48
CA ALA B 384 -24.82 -38.60 -1.00
C ALA B 384 -26.07 -38.03 -1.66
N TYR B 385 -26.17 -36.70 -1.77
CA TYR B 385 -27.37 -36.14 -2.39
C TYR B 385 -27.23 -35.90 -3.89
N ALA B 386 -26.12 -36.33 -4.51
CA ALA B 386 -25.95 -36.17 -5.95
C ALA B 386 -26.98 -36.92 -6.78
N SER B 387 -27.64 -37.93 -6.20
CA SER B 387 -28.67 -38.65 -6.95
C SER B 387 -29.98 -37.88 -7.07
N GLN B 388 -30.17 -36.85 -6.25
CA GLN B 388 -31.39 -36.07 -6.28
C GLN B 388 -31.42 -35.15 -7.49
N PRO B 389 -32.59 -34.64 -7.88
CA PRO B 389 -32.65 -33.59 -8.90
C PRO B 389 -31.94 -32.33 -8.44
N TYR B 390 -31.64 -31.46 -9.42
CA TYR B 390 -30.67 -30.39 -9.23
C TYR B 390 -31.12 -29.37 -8.18
N LEU B 391 -32.43 -29.10 -8.10
CA LEU B 391 -32.91 -28.14 -7.12
C LEU B 391 -32.79 -28.67 -5.70
N LEU B 392 -32.84 -29.99 -5.54
CA LEU B 392 -32.83 -30.61 -4.22
C LEU B 392 -31.45 -31.07 -3.80
N ARG B 393 -30.41 -30.72 -4.55
CA ARG B 393 -29.04 -31.11 -4.22
C ARG B 393 -28.42 -30.06 -3.30
N ASN B 394 -28.85 -30.09 -2.05
CA ASN B 394 -28.34 -29.20 -1.01
C ASN B 394 -28.60 -29.84 0.33
N GLY B 395 -28.16 -29.17 1.40
CA GLY B 395 -28.50 -29.61 2.73
C GLY B 395 -29.96 -29.40 3.03
N ALA B 396 -30.43 -30.08 4.08
CA ALA B 396 -31.85 -30.01 4.44
C ALA B 396 -32.23 -28.59 4.85
N ASN B 397 -31.37 -27.91 5.59
CA ASN B 397 -31.44 -26.47 5.76
C ASN B 397 -30.01 -25.94 5.70
N GLU B 398 -29.84 -24.65 5.97
CA GLU B 398 -28.54 -24.02 5.81
C GLU B 398 -27.55 -24.40 6.90
N GLY B 399 -27.98 -25.08 7.96
CA GLY B 399 -27.05 -25.46 9.01
C GLY B 399 -26.60 -26.89 8.93
N PHE B 400 -27.29 -27.71 8.13
CA PHE B 400 -27.06 -29.15 8.12
C PHE B 400 -25.68 -29.51 7.57
N HIS B 401 -25.24 -28.79 6.52
CA HIS B 401 -23.96 -29.11 5.88
C HIS B 401 -22.79 -28.91 6.83
N GLU B 402 -22.73 -27.72 7.44
CA GLU B 402 -21.66 -27.44 8.40
C GLU B 402 -21.82 -28.25 9.67
N ALA B 403 -23.04 -28.62 10.04
CA ALA B 403 -23.24 -29.51 11.18
C ALA B 403 -22.63 -30.88 10.92
N VAL B 404 -22.81 -31.41 9.71
CA VAL B 404 -22.24 -32.70 9.34
C VAL B 404 -20.71 -32.63 9.33
N GLY B 405 -20.16 -31.58 8.72
CA GLY B 405 -18.72 -31.41 8.72
C GLY B 405 -18.13 -31.31 10.11
N GLU B 406 -18.78 -30.54 10.98
CA GLU B 406 -18.25 -30.36 12.33
C GLU B 406 -18.46 -31.59 13.20
N VAL B 407 -19.49 -32.41 12.94
CA VAL B 407 -19.64 -33.61 13.76
C VAL B 407 -18.62 -34.66 13.34
N MET B 408 -18.27 -34.74 12.05
CA MET B 408 -17.17 -35.61 11.66
C MET B 408 -15.84 -35.14 12.26
N SER B 409 -15.62 -33.81 12.28
CA SER B 409 -14.43 -33.27 12.92
C SER B 409 -14.42 -33.54 14.42
N LEU B 410 -15.59 -33.54 15.06
CA LEU B 410 -15.70 -33.88 16.48
C LEU B 410 -15.31 -35.33 16.72
N SER B 411 -15.83 -36.24 15.90
CA SER B 411 -15.57 -37.66 16.10
C SER B 411 -14.12 -38.01 15.81
N VAL B 412 -13.45 -37.26 14.94
CA VAL B 412 -12.10 -37.63 14.57
C VAL B 412 -11.04 -37.04 15.50
N ALA B 413 -11.38 -36.07 16.33
CA ALA B 413 -10.40 -35.36 17.13
C ALA B 413 -10.18 -35.95 18.52
N THR B 414 -10.80 -37.09 18.82
CA THR B 414 -10.65 -37.70 20.13
C THR B 414 -9.24 -38.27 20.30
N PRO B 415 -8.71 -38.23 21.52
CA PRO B 415 -7.39 -38.85 21.76
C PRO B 415 -7.38 -40.36 21.55
N LYS B 416 -8.52 -41.03 21.72
CA LYS B 416 -8.59 -42.46 21.45
C LYS B 416 -8.37 -42.75 19.97
N HIS B 417 -8.94 -41.94 19.09
CA HIS B 417 -8.75 -42.11 17.66
C HIS B 417 -7.30 -41.86 17.26
N LEU B 418 -6.67 -40.84 17.85
CA LEU B 418 -5.26 -40.56 17.56
C LEU B 418 -4.34 -41.65 18.10
N LYS B 419 -4.69 -42.23 19.25
CA LYS B 419 -3.90 -43.34 19.78
C LYS B 419 -4.04 -44.58 18.92
N THR B 420 -5.25 -44.86 18.43
CA THR B 420 -5.47 -45.99 17.53
C THR B 420 -4.73 -45.78 16.21
N MET B 421 -4.77 -44.56 15.67
CA MET B 421 -4.07 -44.27 14.43
C MET B 421 -2.57 -44.33 14.59
N GLY B 422 -2.06 -44.06 15.79
CA GLY B 422 -0.63 -44.05 16.04
C GLY B 422 -0.01 -42.68 16.06
N LEU B 423 -0.79 -41.62 15.83
CA LEU B 423 -0.26 -40.26 15.90
C LEU B 423 -0.01 -39.82 17.33
N LEU B 424 -0.64 -40.47 18.30
CA LEU B 424 -0.44 -40.17 19.71
C LEU B 424 0.28 -41.34 20.36
N SER B 425 1.30 -41.02 21.16
CA SER B 425 2.04 -42.05 21.86
C SER B 425 1.16 -42.72 22.90
N PRO B 426 1.28 -44.04 23.08
CA PRO B 426 0.47 -44.73 24.11
C PRO B 426 0.84 -44.34 25.53
N ASP B 427 2.01 -43.74 25.75
CA ASP B 427 2.39 -43.27 27.08
C ASP B 427 1.60 -42.06 27.54
N PHE B 428 0.90 -41.38 26.62
CA PHE B 428 0.03 -40.28 27.02
C PHE B 428 -1.16 -40.81 27.80
N ARG B 429 -1.47 -40.17 28.92
CA ARG B 429 -2.54 -40.58 29.80
C ARG B 429 -3.60 -39.49 29.86
N GLU B 430 -4.85 -39.88 29.72
CA GLU B 430 -5.98 -38.93 29.74
C GLU B 430 -6.53 -38.89 31.16
N ASP B 431 -6.24 -37.82 31.88
CA ASP B 431 -6.77 -37.61 33.21
C ASP B 431 -7.98 -36.68 33.14
N ASP B 432 -8.53 -36.37 34.32
CA ASP B 432 -9.66 -35.44 34.37
C ASP B 432 -9.23 -34.00 34.09
N GLU B 433 -7.96 -33.67 34.29
CA GLU B 433 -7.51 -32.31 34.05
C GLU B 433 -7.46 -31.99 32.55
N THR B 434 -7.00 -32.95 31.74
CA THR B 434 -6.93 -32.73 30.30
C THR B 434 -8.31 -32.66 29.66
N GLU B 435 -9.27 -33.43 30.19
CA GLU B 435 -10.63 -33.38 29.69
C GLU B 435 -11.27 -32.02 29.96
N ILE B 436 -10.99 -31.43 31.12
CA ILE B 436 -11.52 -30.11 31.44
C ILE B 436 -10.90 -29.06 30.52
N ASN B 437 -9.60 -29.18 30.22
CA ASN B 437 -8.95 -28.24 29.30
C ASN B 437 -9.54 -28.35 27.90
N PHE B 438 -9.76 -29.59 27.42
CA PHE B 438 -10.36 -29.78 26.11
C PHE B 438 -11.78 -29.24 26.06
N LEU B 439 -12.56 -29.47 27.11
CA LEU B 439 -13.94 -29.01 27.14
C LEU B 439 -14.03 -27.49 27.22
N LEU B 440 -13.09 -26.86 27.95
CA LEU B 440 -13.10 -25.40 28.01
C LEU B 440 -12.68 -24.80 26.69
N LYS B 441 -11.67 -25.39 26.02
CA LYS B 441 -11.28 -24.92 24.71
C LYS B 441 -12.40 -25.10 23.69
N GLN B 442 -13.20 -26.16 23.83
CA GLN B 442 -14.37 -26.33 22.98
C GLN B 442 -15.43 -25.28 23.30
N ALA B 443 -15.64 -24.98 24.58
CA ALA B 443 -16.71 -24.07 24.98
C ALA B 443 -16.42 -22.63 24.59
N LEU B 444 -15.15 -22.24 24.53
CA LEU B 444 -14.80 -20.88 24.12
C LEU B 444 -15.12 -20.63 22.66
N ASN B 445 -15.21 -21.68 21.85
CA ASN B 445 -15.56 -21.56 20.44
C ASN B 445 -17.03 -21.92 20.19
N ILE B 446 -17.59 -22.83 20.95
CA ILE B 446 -18.94 -23.34 20.72
C ILE B 446 -19.96 -22.61 21.58
N VAL B 447 -19.74 -22.55 22.89
CA VAL B 447 -20.72 -21.94 23.78
C VAL B 447 -20.60 -20.42 23.75
N GLY B 448 -19.38 -19.90 23.63
CA GLY B 448 -19.17 -18.46 23.63
C GLY B 448 -19.70 -17.74 22.41
N THR B 449 -19.89 -18.45 21.30
CA THR B 449 -20.37 -17.83 20.08
C THR B 449 -21.89 -17.84 19.95
N LEU B 450 -22.60 -18.57 20.81
CA LEU B 450 -24.03 -18.70 20.65
C LEU B 450 -24.82 -17.46 21.08
N PRO B 451 -24.56 -16.83 22.25
CA PRO B 451 -25.28 -15.58 22.54
C PRO B 451 -24.96 -14.45 21.57
N PHE B 452 -23.74 -14.38 21.07
CA PHE B 452 -23.39 -13.35 20.09
C PHE B 452 -24.16 -13.53 18.79
N THR B 453 -24.19 -14.77 18.29
CA THR B 453 -24.91 -15.07 17.06
C THR B 453 -26.41 -14.83 17.22
N TYR B 454 -26.97 -15.29 18.33
CA TYR B 454 -28.40 -15.12 18.60
C TYR B 454 -28.76 -13.65 18.71
N MET B 455 -27.95 -12.87 19.43
CA MET B 455 -28.23 -11.46 19.61
C MET B 455 -28.10 -10.69 18.31
N LEU B 456 -27.08 -11.01 17.50
CA LEU B 456 -26.90 -10.31 16.24
C LEU B 456 -28.05 -10.60 15.28
N GLU B 457 -28.48 -11.85 15.20
CA GLU B 457 -29.62 -12.17 14.35
C GLU B 457 -30.91 -11.54 14.88
N LYS B 458 -31.07 -11.48 16.20
CA LYS B 458 -32.23 -10.80 16.78
C LYS B 458 -32.25 -9.32 16.44
N TRP B 459 -31.09 -8.66 16.54
CA TRP B 459 -30.99 -7.25 16.19
C TRP B 459 -31.30 -7.01 14.73
N ARG B 460 -30.78 -7.87 13.84
CA ARG B 460 -31.05 -7.70 12.42
C ARG B 460 -32.52 -7.96 12.09
N TRP B 461 -33.13 -8.95 12.75
CA TRP B 461 -34.54 -9.23 12.53
C TRP B 461 -35.42 -8.08 13.00
N MET B 462 -35.11 -7.50 14.16
CA MET B 462 -35.90 -6.37 14.64
C MET B 462 -35.65 -5.09 13.83
N VAL B 463 -34.45 -4.95 13.25
CA VAL B 463 -34.19 -3.80 12.40
C VAL B 463 -34.95 -3.92 11.08
N PHE B 464 -34.94 -5.11 10.47
CA PHE B 464 -35.67 -5.32 9.23
C PHE B 464 -37.17 -5.25 9.46
N LYS B 465 -37.65 -5.76 10.60
CA LYS B 465 -39.08 -5.74 10.88
C LYS B 465 -39.57 -4.32 11.15
N GLY B 466 -38.73 -3.48 11.75
CA GLY B 466 -39.10 -2.14 12.09
C GLY B 466 -39.38 -1.91 13.56
N GLU B 467 -39.16 -2.92 14.40
CA GLU B 467 -39.34 -2.73 15.85
C GLU B 467 -38.31 -1.77 16.41
N ILE B 468 -37.11 -1.74 15.85
CA ILE B 468 -36.07 -0.80 16.24
C ILE B 468 -36.09 0.35 15.23
N PRO B 469 -36.45 1.57 15.64
CA PRO B 469 -36.41 2.70 14.70
C PRO B 469 -34.98 3.09 14.38
N LYS B 470 -34.84 3.89 13.31
CA LYS B 470 -33.53 4.28 12.82
C LYS B 470 -32.76 5.13 13.84
N GLU B 471 -33.48 5.82 14.72
CA GLU B 471 -32.87 6.68 15.72
C GLU B 471 -32.47 5.95 16.99
N GLU B 472 -32.71 4.63 17.06
CA GLU B 472 -32.41 3.86 18.25
C GLU B 472 -31.57 2.63 17.94
N TRP B 473 -30.89 2.60 16.79
CA TRP B 473 -30.14 1.41 16.37
C TRP B 473 -29.03 1.07 17.35
N MET B 474 -28.18 2.04 17.65
CA MET B 474 -27.03 1.77 18.52
C MET B 474 -27.46 1.62 19.97
N LYS B 475 -28.48 2.36 20.39
CA LYS B 475 -29.01 2.23 21.74
C LYS B 475 -29.55 0.83 21.98
N LYS B 476 -30.38 0.33 21.07
CA LYS B 476 -30.90 -1.02 21.19
C LYS B 476 -29.79 -2.05 21.07
N TRP B 477 -28.84 -1.84 20.16
CA TRP B 477 -27.76 -2.79 19.94
C TRP B 477 -26.93 -2.99 21.20
N TRP B 478 -26.52 -1.90 21.83
CA TRP B 478 -25.74 -2.07 23.04
C TRP B 478 -26.59 -2.46 24.24
N GLU B 479 -27.90 -2.20 24.20
CA GLU B 479 -28.77 -2.72 25.25
C GLU B 479 -28.84 -4.25 25.23
N MET B 480 -29.07 -4.84 24.05
CA MET B 480 -29.11 -6.31 24.04
C MET B 480 -27.72 -6.92 24.10
N ARG B 481 -26.67 -6.18 23.73
CA ARG B 481 -25.32 -6.66 24.02
C ARG B 481 -25.08 -6.74 25.52
N ARG B 482 -25.57 -5.76 26.29
CA ARG B 482 -25.40 -5.80 27.73
C ARG B 482 -26.26 -6.89 28.37
N GLU B 483 -27.50 -7.05 27.92
CA GLU B 483 -28.41 -7.95 28.64
C GLU B 483 -28.40 -9.38 28.13
N ILE B 484 -27.94 -9.64 26.91
CA ILE B 484 -27.91 -10.98 26.35
C ILE B 484 -26.50 -11.56 26.38
N VAL B 485 -25.54 -10.85 25.80
CA VAL B 485 -24.18 -11.36 25.74
C VAL B 485 -23.43 -11.07 27.03
N GLY B 486 -23.89 -10.12 27.84
CA GLY B 486 -23.14 -9.70 29.00
C GLY B 486 -21.86 -8.98 28.65
N VAL B 487 -21.91 -8.14 27.63
CA VAL B 487 -20.74 -7.44 27.12
C VAL B 487 -21.07 -5.95 27.04
N VAL B 488 -20.24 -5.13 27.67
CA VAL B 488 -20.48 -3.69 27.75
C VAL B 488 -19.48 -2.99 26.83
N GLU B 489 -19.93 -1.90 26.22
CA GLU B 489 -19.03 -1.13 25.36
C GLU B 489 -18.05 -0.33 26.22
N PRO B 490 -16.81 -0.17 25.77
CA PRO B 490 -15.86 0.68 26.49
C PRO B 490 -16.00 2.16 26.19
N VAL B 491 -16.65 2.51 25.08
CA VAL B 491 -16.81 3.90 24.65
C VAL B 491 -18.27 4.07 24.24
N PRO B 492 -18.95 5.13 24.68
CA PRO B 492 -20.33 5.36 24.23
C PRO B 492 -20.40 5.62 22.72
N HIS B 493 -21.45 5.10 22.10
CA HIS B 493 -21.64 5.24 20.66
C HIS B 493 -23.05 5.75 20.39
N ASP B 494 -23.14 6.89 19.71
CA ASP B 494 -24.42 7.46 19.32
C ASP B 494 -24.86 6.89 17.98
N GLU B 495 -25.86 7.52 17.35
CA GLU B 495 -26.41 7.01 16.10
C GLU B 495 -25.55 7.31 14.88
N THR B 496 -24.38 7.91 15.06
CA THR B 496 -23.45 8.05 13.94
C THR B 496 -22.66 6.77 13.68
N TYR B 497 -22.65 5.85 14.63
CA TYR B 497 -21.92 4.61 14.52
C TYR B 497 -22.79 3.51 13.90
N CYS B 498 -22.13 2.52 13.33
CA CYS B 498 -22.80 1.30 12.86
C CYS B 498 -21.91 0.13 13.27
N ASP B 499 -22.12 -0.37 14.48
CA ASP B 499 -21.30 -1.43 15.07
C ASP B 499 -21.60 -2.83 14.52
N PRO B 500 -22.86 -3.23 14.24
CA PRO B 500 -23.05 -4.49 13.51
C PRO B 500 -22.38 -4.54 12.15
N ALA B 501 -22.39 -3.43 11.42
CA ALA B 501 -21.82 -3.40 10.07
C ALA B 501 -20.30 -3.58 10.06
N SER B 502 -19.65 -3.47 11.22
CA SER B 502 -18.23 -3.77 11.32
C SER B 502 -17.92 -5.26 11.24
N LEU B 503 -18.94 -6.11 11.30
CA LEU B 503 -18.78 -7.54 11.10
C LEU B 503 -18.84 -7.85 9.60
N PHE B 504 -18.18 -8.94 9.20
CA PHE B 504 -18.12 -9.31 7.79
C PHE B 504 -19.49 -9.68 7.25
N HIS B 505 -20.24 -10.51 7.98
CA HIS B 505 -21.50 -11.04 7.47
C HIS B 505 -22.58 -9.98 7.37
N VAL B 506 -22.49 -8.92 8.18
CA VAL B 506 -23.48 -7.85 8.11
C VAL B 506 -23.19 -6.92 6.95
N ALA B 507 -21.91 -6.57 6.75
CA ALA B 507 -21.55 -5.67 5.66
C ALA B 507 -21.60 -6.36 4.30
N ASN B 508 -21.52 -7.69 4.26
CA ASN B 508 -21.51 -8.42 3.00
C ASN B 508 -22.82 -9.15 2.73
N ASP B 509 -23.88 -8.82 3.46
CA ASP B 509 -25.24 -9.32 3.23
C ASP B 509 -25.32 -10.84 3.33
N TYR B 510 -25.00 -11.35 4.52
CA TYR B 510 -25.04 -12.78 4.78
C TYR B 510 -25.89 -13.06 6.01
N SER B 511 -26.71 -14.11 5.92
CA SER B 511 -27.47 -14.55 7.07
C SER B 511 -26.54 -15.14 8.12
N PHE B 512 -26.93 -15.00 9.39
CA PHE B 512 -26.10 -15.41 10.50
C PHE B 512 -26.69 -16.51 11.37
N ILE B 513 -27.98 -16.82 11.22
CA ILE B 513 -28.62 -17.83 12.07
C ILE B 513 -28.19 -19.25 11.72
N ARG B 514 -27.55 -19.45 10.57
CA ARG B 514 -27.08 -20.76 10.20
C ARG B 514 -25.98 -21.23 11.14
N TYR B 515 -25.17 -20.30 11.67
CA TYR B 515 -24.16 -20.68 12.66
C TYR B 515 -24.81 -21.05 13.99
N TYR B 516 -25.96 -20.47 14.29
CA TYR B 516 -26.68 -20.82 15.51
C TYR B 516 -27.30 -22.22 15.39
N THR B 517 -27.94 -22.49 14.26
CA THR B 517 -28.60 -23.79 14.09
C THR B 517 -27.60 -24.92 13.83
N ARG B 518 -26.44 -24.59 13.26
CA ARG B 518 -25.41 -25.60 13.02
C ARG B 518 -24.92 -26.20 14.32
N THR B 519 -24.75 -25.37 15.35
CA THR B 519 -24.27 -25.86 16.63
C THR B 519 -25.28 -26.78 17.31
N ILE B 520 -26.58 -26.52 17.13
CA ILE B 520 -27.60 -27.39 17.71
C ILE B 520 -27.64 -28.73 16.98
N PHE B 521 -27.69 -28.67 15.64
CA PHE B 521 -27.76 -29.89 14.85
C PHE B 521 -26.49 -30.72 14.97
N GLU B 522 -25.34 -30.07 15.18
CA GLU B 522 -24.06 -30.74 15.38
C GLU B 522 -24.13 -31.73 16.54
N PHE B 523 -24.44 -31.24 17.73
CA PHE B 523 -24.47 -32.10 18.89
C PHE B 523 -25.68 -33.01 18.94
N GLN B 524 -26.78 -32.64 18.27
CA GLN B 524 -27.88 -33.59 18.10
C GLN B 524 -27.43 -34.81 17.29
N PHE B 525 -26.77 -34.56 16.15
CA PHE B 525 -26.24 -35.65 15.34
C PHE B 525 -25.18 -36.43 16.10
N HIS B 526 -24.34 -35.75 16.87
CA HIS B 526 -23.29 -36.41 17.62
C HIS B 526 -23.86 -37.36 18.67
N GLU B 527 -24.85 -36.89 19.43
CA GLU B 527 -25.47 -37.75 20.43
C GLU B 527 -26.18 -38.93 19.79
N ALA B 528 -26.88 -38.69 18.66
CA ALA B 528 -27.56 -39.79 17.98
C ALA B 528 -26.57 -40.83 17.47
N LEU B 529 -25.50 -40.40 16.80
CA LEU B 529 -24.54 -41.34 16.22
C LEU B 529 -23.72 -42.04 17.28
N CYS B 530 -23.46 -41.38 18.42
CA CYS B 530 -22.77 -42.06 19.51
C CYS B 530 -23.66 -43.05 20.23
N ARG B 531 -24.97 -42.77 20.27
CA ARG B 531 -25.91 -43.75 20.80
C ARG B 531 -26.01 -44.97 19.90
N ILE B 532 -26.00 -44.76 18.58
CA ILE B 532 -26.06 -45.88 17.64
C ILE B 532 -24.77 -46.70 17.70
N ALA B 533 -23.63 -46.03 17.79
CA ALA B 533 -22.33 -46.70 17.80
C ALA B 533 -21.98 -47.34 19.14
N GLN B 534 -22.94 -47.45 20.05
CA GLN B 534 -22.79 -48.15 21.33
C GLN B 534 -21.67 -47.57 22.19
N HIS B 535 -21.56 -46.25 22.21
CA HIS B 535 -20.62 -45.58 23.09
C HIS B 535 -21.23 -45.47 24.48
N ASN B 536 -20.46 -45.87 25.50
CA ASN B 536 -20.98 -45.94 26.86
C ASN B 536 -20.40 -44.89 27.80
N GLY B 537 -19.28 -44.26 27.44
CA GLY B 537 -18.65 -43.30 28.31
C GLY B 537 -19.23 -41.91 28.15
N PRO B 538 -18.47 -40.88 28.51
CA PRO B 538 -18.93 -39.51 28.29
C PRO B 538 -19.01 -39.18 26.81
N LEU B 539 -19.87 -38.22 26.50
CA LEU B 539 -20.17 -37.90 25.10
C LEU B 539 -18.98 -37.26 24.39
N HIS B 540 -18.11 -36.56 25.12
CA HIS B 540 -16.99 -35.88 24.49
C HIS B 540 -15.82 -36.81 24.18
N LYS B 541 -15.87 -38.06 24.63
CA LYS B 541 -14.83 -39.04 24.33
C LYS B 541 -15.33 -40.13 23.38
N CYS B 542 -16.24 -39.78 22.47
CA CYS B 542 -16.90 -40.75 21.62
C CYS B 542 -16.31 -40.71 20.21
N ASP B 543 -16.07 -41.90 19.66
CA ASP B 543 -15.59 -42.09 18.30
C ASP B 543 -16.54 -43.01 17.57
N ILE B 544 -16.96 -42.61 16.37
CA ILE B 544 -17.92 -43.38 15.59
C ILE B 544 -17.21 -44.20 14.51
N SER B 545 -15.89 -44.37 14.62
CA SER B 545 -15.15 -45.19 13.67
C SER B 545 -15.51 -46.66 13.86
N ASN B 546 -15.37 -47.43 12.77
CA ASN B 546 -15.69 -48.86 12.72
C ASN B 546 -17.14 -49.16 13.09
N SER B 547 -18.04 -48.21 12.83
CA SER B 547 -19.45 -48.37 13.17
C SER B 547 -20.25 -48.31 11.88
N THR B 548 -20.69 -49.48 11.40
CA THR B 548 -21.45 -49.54 10.17
C THR B 548 -22.89 -49.08 10.36
N ASP B 549 -23.45 -49.25 11.55
CA ASP B 549 -24.83 -48.82 11.79
C ASP B 549 -24.93 -47.30 11.86
N ALA B 550 -23.99 -46.66 12.55
CA ALA B 550 -23.97 -45.20 12.61
C ALA B 550 -23.74 -44.59 11.23
N GLY B 551 -22.81 -45.18 10.46
CA GLY B 551 -22.60 -44.72 9.11
C GLY B 551 -23.79 -44.98 8.20
N LYS B 552 -24.52 -46.08 8.44
CA LYS B 552 -25.71 -46.37 7.65
C LYS B 552 -26.81 -45.35 7.90
N LYS B 553 -27.05 -45.02 9.17
CA LYS B 553 -28.06 -44.01 9.48
C LYS B 553 -27.62 -42.62 9.03
N LEU B 554 -26.32 -42.33 9.12
CA LEU B 554 -25.81 -41.06 8.61
C LEU B 554 -25.98 -40.96 7.11
N HIS B 555 -25.73 -42.05 6.37
CA HIS B 555 -25.93 -42.04 4.93
C HIS B 555 -27.40 -41.95 4.57
N GLN B 556 -28.27 -42.54 5.39
CA GLN B 556 -29.71 -42.36 5.20
C GLN B 556 -30.11 -40.90 5.37
N MET B 557 -29.53 -40.22 6.35
CA MET B 557 -29.79 -38.79 6.53
C MET B 557 -29.25 -37.97 5.36
N LEU B 558 -28.03 -38.27 4.92
CA LEU B 558 -27.38 -37.47 3.89
C LEU B 558 -27.92 -37.74 2.49
N SER B 559 -28.56 -38.89 2.27
CA SER B 559 -29.01 -39.25 0.93
C SER B 559 -30.14 -38.34 0.45
N VAL B 560 -31.09 -38.02 1.32
CA VAL B 560 -32.15 -37.09 0.97
C VAL B 560 -31.64 -35.66 1.16
N GLY B 561 -31.44 -34.96 0.05
CA GLY B 561 -30.93 -33.61 0.12
C GLY B 561 -31.98 -32.62 0.57
N LYS B 562 -32.97 -32.38 -0.28
CA LYS B 562 -34.10 -31.50 0.04
C LYS B 562 -35.42 -32.11 -0.42
N SER B 563 -35.44 -33.43 -0.65
CA SER B 563 -36.64 -34.08 -1.16
C SER B 563 -37.77 -34.08 -0.13
N GLN B 564 -37.42 -34.07 1.16
CA GLN B 564 -38.40 -34.05 2.23
C GLN B 564 -38.10 -32.89 3.16
N ALA B 565 -38.97 -32.71 4.15
CA ALA B 565 -38.78 -31.66 5.15
C ALA B 565 -37.58 -31.97 6.03
N TRP B 566 -36.92 -30.90 6.50
CA TRP B 566 -35.78 -31.09 7.39
C TRP B 566 -36.21 -31.64 8.74
N THR B 567 -37.45 -31.35 9.15
CA THR B 567 -37.97 -31.92 10.39
C THR B 567 -38.10 -33.43 10.28
N LYS B 568 -38.55 -33.93 9.12
CA LYS B 568 -38.68 -35.37 8.91
C LYS B 568 -37.31 -36.05 8.90
N THR B 569 -36.32 -35.43 8.25
CA THR B 569 -34.97 -35.99 8.25
C THR B 569 -34.37 -36.00 9.65
N LEU B 570 -34.59 -34.92 10.41
CA LEU B 570 -34.11 -34.84 11.78
C LEU B 570 -34.77 -35.89 12.66
N GLU B 571 -36.07 -36.10 12.50
CA GLU B 571 -36.76 -37.16 13.24
C GLU B 571 -36.29 -38.53 12.81
N ASP B 572 -35.85 -38.67 11.56
CA ASP B 572 -35.30 -39.95 11.11
C ASP B 572 -33.97 -40.24 11.78
N ILE B 573 -33.09 -39.24 11.89
CA ILE B 573 -31.75 -39.53 12.40
C ILE B 573 -31.71 -39.51 13.93
N VAL B 574 -32.31 -38.51 14.59
CA VAL B 574 -32.17 -38.37 16.03
C VAL B 574 -33.44 -38.74 16.80
N GLY B 575 -34.56 -38.95 16.11
CA GLY B 575 -35.79 -39.33 16.79
C GLY B 575 -36.62 -38.17 17.31
N SER B 576 -36.23 -36.93 17.04
CA SER B 576 -36.97 -35.76 17.49
C SER B 576 -37.22 -34.84 16.29
N ARG B 577 -38.42 -34.27 16.25
CA ARG B 577 -38.82 -33.39 15.15
C ARG B 577 -38.41 -31.94 15.37
N ASN B 578 -37.89 -31.59 16.55
CA ASN B 578 -37.57 -30.22 16.88
C ASN B 578 -36.10 -30.08 17.21
N MET B 579 -35.61 -28.85 17.11
CA MET B 579 -34.24 -28.56 17.52
C MET B 579 -34.13 -28.64 19.04
N ASP B 580 -33.20 -29.45 19.52
CA ASP B 580 -33.03 -29.69 20.94
C ASP B 580 -31.58 -29.41 21.32
N VAL B 581 -31.40 -28.62 22.39
CA VAL B 581 -30.07 -28.27 22.86
C VAL B 581 -29.62 -29.15 24.02
N GLY B 582 -30.46 -30.11 24.44
CA GLY B 582 -30.09 -31.08 25.44
C GLY B 582 -28.85 -31.90 25.17
N PRO B 583 -28.64 -32.39 23.94
CA PRO B 583 -27.33 -33.00 23.63
C PRO B 583 -26.14 -32.05 23.80
N LEU B 584 -26.31 -30.77 23.49
CA LEU B 584 -25.23 -29.81 23.70
C LEU B 584 -24.90 -29.64 25.18
N LEU B 585 -25.92 -29.62 26.03
CA LEU B 585 -25.67 -29.51 27.47
C LEU B 585 -25.13 -30.82 28.04
N ARG B 586 -25.49 -31.96 27.45
CA ARG B 586 -24.92 -33.22 27.89
C ARG B 586 -23.47 -33.37 27.47
N TYR B 587 -23.09 -32.73 26.35
CA TYR B 587 -21.70 -32.72 25.93
C TYR B 587 -20.83 -31.98 26.93
N PHE B 588 -21.31 -30.84 27.43
CA PHE B 588 -20.54 -29.97 28.31
C PHE B 588 -20.86 -30.18 29.78
N GLU B 589 -21.48 -31.31 30.12
CA GLU B 589 -21.89 -31.56 31.51
C GLU B 589 -20.72 -31.65 32.50
N PRO B 590 -19.62 -32.39 32.23
CA PRO B 590 -18.49 -32.31 33.18
C PRO B 590 -17.89 -30.92 33.31
N LEU B 591 -17.82 -30.19 32.20
CA LEU B 591 -17.33 -28.81 32.26
C LEU B 591 -18.31 -27.93 33.02
N TYR B 592 -19.62 -28.16 32.86
CA TYR B 592 -20.61 -27.40 33.62
C TYR B 592 -20.47 -27.65 35.12
N THR B 593 -20.26 -28.91 35.51
CA THR B 593 -20.06 -29.23 36.92
C THR B 593 -18.78 -28.59 37.45
N TRP B 594 -17.71 -28.64 36.68
CA TRP B 594 -16.45 -28.03 37.10
C TRP B 594 -16.56 -26.51 37.19
N LEU B 595 -17.30 -25.89 36.28
CA LEU B 595 -17.49 -24.44 36.33
C LEU B 595 -18.35 -24.03 37.52
N GLN B 596 -19.36 -24.84 37.85
CA GLN B 596 -20.13 -24.59 39.06
C GLN B 596 -19.29 -24.74 40.31
N GLU B 597 -18.34 -25.69 40.30
CA GLU B 597 -17.43 -25.84 41.43
C GLU B 597 -16.44 -24.69 41.51
N GLN B 598 -16.06 -24.12 40.36
CA GLN B 598 -15.12 -23.00 40.38
C GLN B 598 -15.79 -21.70 40.79
N ASN B 599 -17.04 -21.49 40.38
CA ASN B 599 -17.73 -20.21 40.61
C ASN B 599 -18.52 -20.22 41.91
N ARG B 600 -17.87 -20.57 43.02
CA ARG B 600 -18.49 -20.44 44.33
C ARG B 600 -18.10 -19.12 45.00
N LYS B 601 -16.83 -18.77 44.93
CA LYS B 601 -16.34 -17.51 45.50
C LYS B 601 -16.51 -16.33 44.54
N SER B 602 -16.98 -16.58 43.32
CA SER B 602 -17.22 -15.54 42.34
C SER B 602 -18.72 -15.25 42.24
N TYR B 603 -19.05 -14.23 41.47
CA TYR B 603 -20.44 -13.83 41.26
C TYR B 603 -20.87 -14.29 39.86
N VAL B 604 -21.96 -15.05 39.81
CA VAL B 604 -22.48 -15.58 38.56
C VAL B 604 -23.59 -14.66 38.08
N GLY B 605 -23.45 -14.12 36.89
CA GLY B 605 -24.36 -13.15 36.34
C GLY B 605 -23.71 -11.79 36.19
N TRP B 606 -24.49 -10.86 35.63
CA TRP B 606 -23.99 -9.51 35.39
C TRP B 606 -25.13 -8.52 35.55
N ASN B 607 -24.75 -7.27 35.82
CA ASN B 607 -25.68 -6.17 35.81
C ASN B 607 -25.38 -5.27 34.62
N THR B 608 -26.44 -4.69 34.05
CA THR B 608 -26.33 -3.91 32.83
C THR B 608 -26.12 -2.43 33.07
N ASP B 609 -25.64 -2.05 34.26
CA ASP B 609 -25.44 -0.65 34.61
C ASP B 609 -23.98 -0.23 34.58
N TRP B 610 -23.06 -1.13 34.93
CA TRP B 610 -21.65 -0.76 34.98
C TRP B 610 -21.08 -0.62 33.58
N SER B 611 -20.23 0.37 33.40
CA SER B 611 -19.47 0.60 32.18
C SER B 611 -18.06 0.99 32.58
N PRO B 612 -17.08 0.85 31.68
CA PRO B 612 -15.74 1.39 31.97
C PRO B 612 -15.74 2.89 32.20
N TYR B 613 -16.66 3.62 31.57
CA TYR B 613 -16.77 5.06 31.70
C TYR B 613 -17.84 5.48 32.70
N SER B 614 -18.50 4.53 33.37
CA SER B 614 -19.66 4.86 34.18
C SER B 614 -19.26 5.54 35.48
N ASP B 615 -18.12 5.16 36.05
CA ASP B 615 -17.73 5.69 37.35
C ASP B 615 -17.26 7.14 37.25
N GLN B 616 -16.74 7.54 36.09
CA GLN B 616 -16.17 8.87 35.90
C GLN B 616 -17.12 9.80 35.14
N SER B 617 -18.36 9.40 34.91
CA SER B 617 -19.30 10.24 34.18
C SER B 617 -20.04 11.17 35.13
N ILE B 618 -20.41 12.34 34.62
CA ILE B 618 -21.12 13.35 35.38
C ILE B 618 -22.52 13.49 34.83
N LYS B 619 -23.52 13.33 35.69
CA LYS B 619 -24.91 13.45 35.28
C LYS B 619 -25.29 14.91 35.13
N VAL B 620 -25.87 15.26 33.98
CA VAL B 620 -26.31 16.62 33.69
C VAL B 620 -27.81 16.59 33.48
N ARG B 621 -28.53 17.37 34.28
CA ARG B 621 -29.98 17.44 34.21
C ARG B 621 -30.40 18.74 33.55
N ILE B 622 -31.26 18.65 32.54
CA ILE B 622 -31.71 19.81 31.77
C ILE B 622 -33.06 20.25 32.34
N SER B 623 -33.12 21.49 32.81
CA SER B 623 -34.35 22.08 33.32
C SER B 623 -34.66 23.35 32.54
N LEU B 624 -35.93 23.52 32.19
CA LEU B 624 -36.36 24.68 31.43
C LEU B 624 -37.79 25.08 31.77
N GLU B 634 -35.50 22.83 23.81
CA GLU B 634 -34.98 23.06 22.47
C GLU B 634 -33.58 22.49 22.32
N TRP B 635 -33.17 21.69 23.29
CA TRP B 635 -31.81 21.17 23.38
C TRP B 635 -31.62 20.08 22.32
N ASN B 636 -31.38 20.52 21.09
CA ASN B 636 -31.17 19.62 19.96
C ASN B 636 -29.68 19.31 19.82
N ASP B 637 -29.30 18.73 18.67
CA ASP B 637 -27.92 18.28 18.48
C ASP B 637 -26.94 19.45 18.41
N ASN B 638 -27.38 20.61 17.94
CA ASN B 638 -26.51 21.78 17.95
C ASN B 638 -26.21 22.23 19.37
N GLU B 639 -27.19 22.15 20.26
CA GLU B 639 -26.95 22.45 21.66
C GLU B 639 -26.04 21.42 22.31
N MET B 640 -26.14 20.15 21.90
CA MET B 640 -25.18 19.14 22.33
C MET B 640 -23.77 19.48 21.88
N TYR B 641 -23.63 19.94 20.64
CA TYR B 641 -22.31 20.31 20.15
C TYR B 641 -21.75 21.51 20.90
N LEU B 642 -22.60 22.51 21.19
CA LEU B 642 -22.16 23.67 21.94
C LEU B 642 -21.78 23.29 23.37
N PHE B 643 -22.53 22.36 23.98
CA PHE B 643 -22.18 21.89 25.31
C PHE B 643 -20.84 21.16 25.32
N ARG B 644 -20.60 20.30 24.33
CA ARG B 644 -19.34 19.57 24.26
C ARG B 644 -18.18 20.53 24.04
N SER B 645 -18.38 21.54 23.20
CA SER B 645 -17.34 22.54 22.97
C SER B 645 -17.06 23.37 24.22
N SER B 646 -18.11 23.74 24.96
CA SER B 646 -17.91 24.49 26.19
C SER B 646 -17.19 23.65 27.25
N VAL B 647 -17.53 22.36 27.33
CA VAL B 647 -16.83 21.47 28.25
C VAL B 647 -15.36 21.32 27.86
N ALA B 648 -15.09 21.19 26.56
CA ALA B 648 -13.70 21.09 26.10
C ALA B 648 -12.92 22.36 26.39
N TYR B 649 -13.55 23.53 26.22
CA TYR B 649 -12.90 24.78 26.57
C TYR B 649 -12.62 24.86 28.06
N ALA B 650 -13.57 24.40 28.89
CA ALA B 650 -13.37 24.41 30.33
C ALA B 650 -12.22 23.49 30.74
N MET B 651 -12.13 22.32 30.09
CA MET B 651 -11.02 21.41 30.37
C MET B 651 -9.68 22.01 29.95
N ARG B 652 -9.65 22.69 28.80
CA ARG B 652 -8.44 23.38 28.36
C ARG B 652 -8.02 24.44 29.37
N GLU B 653 -8.97 25.25 29.82
CA GLU B 653 -8.68 26.31 30.78
C GLU B 653 -8.20 25.74 32.11
N TYR B 654 -8.83 24.66 32.57
CA TYR B 654 -8.45 24.04 33.84
C TYR B 654 -7.05 23.46 33.77
N PHE B 655 -6.73 22.75 32.68
CA PHE B 655 -5.40 22.16 32.57
C PHE B 655 -4.33 23.21 32.32
N LEU B 656 -4.69 24.34 31.73
CA LEU B 656 -3.72 25.42 31.57
C LEU B 656 -3.47 26.15 32.88
N LYS B 657 -4.53 26.43 33.65
CA LYS B 657 -4.42 27.28 34.83
C LYS B 657 -4.14 26.49 36.11
N THR B 658 -4.17 25.17 36.06
CA THR B 658 -3.93 24.36 37.27
C THR B 658 -2.66 23.53 37.16
N LYS B 659 -2.53 22.72 36.12
CA LYS B 659 -1.38 21.84 35.95
C LYS B 659 -0.32 22.43 35.02
N ASN B 660 -0.55 23.64 34.48
CA ASN B 660 0.36 24.31 33.55
C ASN B 660 0.65 23.45 32.32
N GLN B 661 -0.38 22.76 31.83
CA GLN B 661 -0.26 21.88 30.67
C GLN B 661 -1.17 22.38 29.57
N THR B 662 -0.66 22.34 28.34
CA THR B 662 -1.43 22.70 27.16
C THR B 662 -1.89 21.42 26.48
N ILE B 663 -3.17 21.10 26.62
CA ILE B 663 -3.76 19.92 26.02
C ILE B 663 -4.99 20.36 25.24
N LEU B 664 -5.00 20.05 23.94
CA LEU B 664 -6.03 20.56 23.03
C LEU B 664 -7.24 19.64 23.06
N PHE B 665 -8.07 19.85 24.08
CA PHE B 665 -9.35 19.14 24.16
C PHE B 665 -10.29 19.65 23.08
N GLY B 666 -11.02 18.72 22.46
CA GLY B 666 -12.00 19.06 21.46
C GLY B 666 -13.38 18.54 21.84
N ASP B 667 -14.35 18.88 20.99
CA ASP B 667 -15.72 18.41 21.20
C ASP B 667 -15.85 16.91 20.99
N GLU B 668 -14.93 16.31 20.23
CA GLU B 668 -14.93 14.86 20.03
C GLU B 668 -14.36 14.11 21.22
N ASN B 669 -13.73 14.80 22.17
CA ASN B 669 -13.19 14.19 23.36
C ASN B 669 -14.18 14.19 24.52
N VAL B 670 -15.38 14.74 24.32
CA VAL B 670 -16.44 14.72 25.31
C VAL B 670 -17.50 13.74 24.83
N TRP B 671 -17.74 12.70 25.61
CA TRP B 671 -18.62 11.60 25.23
C TRP B 671 -19.93 11.70 26.00
N VAL B 672 -21.04 11.61 25.29
CA VAL B 672 -22.37 11.73 25.88
C VAL B 672 -23.01 10.36 25.90
N SER B 673 -23.51 9.95 27.07
CA SER B 673 -24.15 8.66 27.25
C SER B 673 -25.45 8.84 28.01
N ASN B 674 -26.33 7.84 27.89
CA ASN B 674 -27.63 7.81 28.56
C ASN B 674 -28.47 9.05 28.23
N LEU B 675 -28.50 9.41 26.96
CA LEU B 675 -29.12 10.67 26.53
C LEU B 675 -30.63 10.49 26.48
N LYS B 676 -31.31 11.00 27.49
CA LYS B 676 -32.74 11.29 27.34
C LYS B 676 -32.88 12.47 26.38
N PRO B 677 -33.96 12.48 25.57
CA PRO B 677 -34.02 13.47 24.47
C PRO B 677 -34.05 14.93 24.93
N ARG B 678 -34.68 15.23 26.06
CA ARG B 678 -34.62 16.59 26.59
C ARG B 678 -34.53 16.62 28.11
N ILE B 679 -34.41 15.49 28.78
CA ILE B 679 -34.47 15.45 30.24
C ILE B 679 -33.06 15.55 30.82
N SER B 680 -32.20 14.58 30.51
CA SER B 680 -30.90 14.49 31.15
C SER B 680 -29.98 13.62 30.30
N PHE B 681 -28.70 13.67 30.64
CA PHE B 681 -27.69 12.82 30.02
C PHE B 681 -26.49 12.76 30.96
N ASN B 682 -25.53 11.91 30.61
CA ASN B 682 -24.26 11.80 31.31
C ASN B 682 -23.13 12.10 30.34
N PHE B 683 -22.08 12.75 30.85
CA PHE B 683 -20.92 13.04 30.02
C PHE B 683 -19.64 12.73 30.78
N HIS B 684 -18.61 12.37 30.02
CA HIS B 684 -17.27 12.18 30.56
C HIS B 684 -16.27 12.60 29.50
N VAL B 685 -15.06 12.93 29.94
CA VAL B 685 -14.03 13.51 29.09
C VAL B 685 -12.88 12.54 28.98
N THR B 686 -12.42 12.28 27.76
CA THR B 686 -11.23 11.50 27.52
C THR B 686 -10.13 12.41 26.97
N SER B 687 -8.89 11.99 27.15
CA SER B 687 -7.72 12.80 26.74
C SER B 687 -7.57 12.80 25.22
N PRO B 688 -7.08 13.88 24.60
CA PRO B 688 -6.87 13.84 23.18
C PRO B 688 -5.80 12.84 22.86
N GLU B 689 -6.03 11.97 21.88
CA GLU B 689 -5.02 10.98 21.42
C GLU B 689 -4.82 9.82 22.42
N ASN B 690 -5.85 9.43 23.16
CA ASN B 690 -5.74 8.29 24.08
C ASN B 690 -7.14 8.03 24.61
N VAL B 691 -7.95 7.35 23.80
CA VAL B 691 -9.34 7.17 24.19
C VAL B 691 -9.45 6.34 25.47
N SER B 692 -8.38 5.65 25.86
CA SER B 692 -8.39 4.91 27.11
C SER B 692 -8.21 5.81 28.32
N ASP B 693 -7.59 6.97 28.13
CA ASP B 693 -7.28 7.89 29.24
C ASP B 693 -8.51 8.74 29.53
N ILE B 694 -9.32 8.27 30.47
CA ILE B 694 -10.50 9.02 30.92
C ILE B 694 -10.08 9.96 32.03
N ILE B 695 -10.42 11.24 31.88
CA ILE B 695 -10.11 12.24 32.90
C ILE B 695 -10.91 11.92 34.17
N PRO B 696 -10.30 11.97 35.35
CA PRO B 696 -11.05 11.68 36.58
C PRO B 696 -12.17 12.67 36.83
N ARG B 697 -13.21 12.19 37.51
CA ARG B 697 -14.43 12.97 37.70
C ARG B 697 -14.18 14.22 38.53
N SER B 698 -13.26 14.14 39.50
CA SER B 698 -12.94 15.30 40.32
C SER B 698 -12.31 16.42 39.49
N GLU B 699 -11.45 16.06 38.54
CA GLU B 699 -10.82 17.06 37.69
C GLU B 699 -11.84 17.72 36.77
N VAL B 700 -12.77 16.95 36.21
CA VAL B 700 -13.80 17.53 35.36
C VAL B 700 -14.75 18.39 36.18
N GLU B 701 -15.05 17.98 37.41
CA GLU B 701 -15.90 18.78 38.27
C GLU B 701 -15.23 20.09 38.65
N GLY B 702 -13.93 20.06 38.92
CA GLY B 702 -13.20 21.30 39.16
C GLY B 702 -13.14 22.19 37.92
N ALA B 703 -13.04 21.57 36.74
CA ALA B 703 -13.05 22.33 35.50
C ALA B 703 -14.40 23.01 35.28
N ILE B 704 -15.49 22.32 35.59
CA ILE B 704 -16.81 22.91 35.48
C ILE B 704 -16.99 24.03 36.50
N ARG B 705 -16.49 23.82 37.73
CA ARG B 705 -16.64 24.83 38.77
C ARG B 705 -15.83 26.08 38.46
N MET B 706 -14.64 25.92 37.87
CA MET B 706 -13.80 27.08 37.57
C MET B 706 -14.40 27.92 36.45
N SER B 707 -14.86 27.27 35.38
CA SER B 707 -15.39 27.96 34.20
C SER B 707 -16.92 27.88 34.14
N ARG B 708 -17.58 27.98 35.29
CA ARG B 708 -19.03 27.83 35.35
C ARG B 708 -19.76 28.97 34.65
N SER B 709 -19.19 30.19 34.71
CA SER B 709 -19.89 31.36 34.21
C SER B 709 -20.12 31.28 32.71
N ARG B 710 -19.08 30.92 31.95
CA ARG B 710 -19.22 30.82 30.50
C ARG B 710 -20.14 29.67 30.12
N ILE B 711 -20.11 28.57 30.88
CA ILE B 711 -20.93 27.41 30.57
C ILE B 711 -22.41 27.72 30.77
N ASN B 712 -22.76 28.34 31.90
CA ASN B 712 -24.16 28.69 32.09
C ASN B 712 -24.58 29.86 31.22
N ASP B 713 -23.65 30.74 30.83
CA ASP B 713 -24.01 31.87 29.98
C ASP B 713 -24.22 31.46 28.54
N ALA B 714 -23.54 30.42 28.06
CA ALA B 714 -23.64 30.03 26.66
C ALA B 714 -25.02 29.49 26.28
N PHE B 715 -25.86 29.15 27.26
CA PHE B 715 -27.20 28.65 26.99
C PHE B 715 -28.29 29.49 27.65
N ARG B 716 -27.93 30.67 28.17
CA ARG B 716 -28.87 31.64 28.76
C ARG B 716 -29.66 31.01 29.93
N LEU B 717 -28.93 30.55 30.93
CA LEU B 717 -29.52 29.97 32.12
C LEU B 717 -28.54 30.14 33.28
N ASP B 718 -28.98 29.74 34.47
CA ASP B 718 -28.19 29.84 35.67
C ASP B 718 -27.65 28.46 36.05
N ASP B 719 -26.93 28.41 37.18
CA ASP B 719 -26.35 27.16 37.65
C ASP B 719 -27.36 26.25 38.34
N ASN B 720 -28.57 26.74 38.62
CA ASN B 720 -29.57 25.90 39.26
C ASN B 720 -30.21 24.93 38.28
N SER B 721 -30.40 25.34 37.03
CA SER B 721 -31.05 24.48 36.05
C SER B 721 -30.14 23.31 35.65
N LEU B 722 -28.87 23.60 35.36
CA LEU B 722 -27.89 22.56 35.06
C LEU B 722 -27.25 22.16 36.39
N GLU B 723 -27.70 21.03 36.94
CA GLU B 723 -27.31 20.67 38.30
C GLU B 723 -25.83 20.31 38.40
N PHE B 724 -25.31 19.58 37.41
CA PHE B 724 -23.92 19.10 37.36
C PHE B 724 -23.59 18.31 38.63
N LEU B 725 -24.40 17.30 38.89
CA LEU B 725 -24.27 16.47 40.09
C LEU B 725 -22.99 15.63 40.05
N SER C 19 60.04 20.13 12.05
CA SER C 19 60.50 21.49 11.79
C SER C 19 59.33 22.46 11.68
N THR C 20 59.29 23.22 10.59
CA THR C 20 58.18 24.13 10.34
C THR C 20 56.89 23.34 10.06
N THR C 21 55.76 23.91 10.48
CA THR C 21 54.52 23.15 10.53
C THR C 21 53.89 22.94 9.15
N GLU C 22 54.26 23.73 8.14
CA GLU C 22 53.64 23.53 6.83
C GLU C 22 54.20 22.27 6.15
N ASP C 23 55.43 21.86 6.49
CA ASP C 23 55.94 20.59 5.99
C ASP C 23 55.18 19.41 6.62
N GLU C 24 54.90 19.51 7.92
CA GLU C 24 54.08 18.50 8.59
C GLU C 24 52.68 18.46 8.00
N ALA C 25 52.12 19.63 7.67
CA ALA C 25 50.81 19.69 7.02
C ALA C 25 50.85 19.05 5.63
N LYS C 26 51.95 19.27 4.89
CA LYS C 26 52.09 18.64 3.59
C LYS C 26 52.15 17.12 3.69
N LYS C 27 52.90 16.61 4.67
CA LYS C 27 52.98 15.16 4.86
C LYS C 27 51.63 14.58 5.26
N PHE C 28 50.93 15.26 6.18
CA PHE C 28 49.62 14.81 6.61
C PHE C 28 48.62 14.83 5.46
N LEU C 29 48.69 15.86 4.62
CA LEU C 29 47.79 15.95 3.47
C LEU C 29 48.08 14.87 2.44
N ASN C 30 49.36 14.55 2.23
CA ASN C 30 49.72 13.47 1.31
C ASN C 30 49.19 12.13 1.80
N ASP C 31 49.36 11.84 3.10
CA ASP C 31 48.85 10.59 3.65
C ASP C 31 47.32 10.54 3.59
N PHE C 32 46.67 11.67 3.89
CA PHE C 32 45.21 11.71 3.84
C PHE C 32 44.69 11.51 2.43
N ASN C 33 45.37 12.10 1.43
CA ASN C 33 44.97 11.89 0.04
C ASN C 33 45.15 10.44 -0.36
N SER C 34 46.27 9.82 0.05
CA SER C 34 46.57 8.44 -0.32
C SER C 34 45.52 7.48 0.26
N GLU C 35 45.05 7.73 1.48
CA GLU C 35 44.03 6.86 2.04
C GLU C 35 42.62 7.22 1.60
N ALA C 36 42.34 8.50 1.36
CA ALA C 36 40.99 8.93 1.02
C ALA C 36 40.63 8.58 -0.41
N GLU C 37 41.59 8.66 -1.34
CA GLU C 37 41.33 8.27 -2.73
C GLU C 37 41.01 6.79 -2.87
N ASN C 38 41.34 5.99 -1.85
CA ASN C 38 41.06 4.57 -1.77
C ASN C 38 39.72 4.31 -1.10
N LEU C 39 39.51 4.92 0.07
CA LEU C 39 38.27 4.69 0.81
C LEU C 39 37.06 5.22 0.06
N THR C 40 37.18 6.42 -0.53
CA THR C 40 36.05 6.97 -1.28
C THR C 40 35.81 6.21 -2.57
N TYR C 41 36.86 5.67 -3.19
CA TYR C 41 36.66 4.84 -4.37
C TYR C 41 35.91 3.57 -4.02
N GLN C 42 36.25 2.95 -2.89
CA GLN C 42 35.52 1.75 -2.46
C GLN C 42 34.07 2.07 -2.12
N SER C 43 33.83 3.21 -1.46
CA SER C 43 32.46 3.61 -1.15
C SER C 43 31.68 3.91 -2.42
N SER C 44 32.32 4.54 -3.41
CA SER C 44 31.65 4.84 -4.68
C SER C 44 31.35 3.56 -5.45
N LEU C 45 32.26 2.58 -5.41
CA LEU C 45 32.00 1.30 -6.07
C LEU C 45 30.82 0.58 -5.42
N ALA C 46 30.75 0.62 -4.08
CA ALA C 46 29.61 0.00 -3.40
C ALA C 46 28.30 0.73 -3.72
N SER C 47 28.34 2.06 -3.78
CA SER C 47 27.15 2.83 -4.11
C SER C 47 26.70 2.57 -5.55
N TRP C 48 27.66 2.44 -6.48
CA TRP C 48 27.31 2.11 -7.86
C TRP C 48 26.72 0.71 -7.95
N ASP C 49 27.28 -0.24 -7.20
CA ASP C 49 26.77 -1.61 -7.21
C ASP C 49 25.35 -1.67 -6.67
N TYR C 50 25.04 -0.84 -5.67
CA TYR C 50 23.66 -0.78 -5.19
C TYR C 50 22.74 -0.08 -6.19
N ASN C 51 23.20 1.02 -6.77
CA ASN C 51 22.32 1.82 -7.62
C ASN C 51 22.00 1.13 -8.94
N THR C 52 22.94 0.37 -9.48
CA THR C 52 22.69 -0.41 -10.69
C THR C 52 22.10 -1.78 -10.40
N ASN C 53 22.00 -2.17 -9.13
CA ASN C 53 21.49 -3.49 -8.75
C ASN C 53 20.89 -3.37 -7.35
N ILE C 54 19.59 -3.14 -7.30
CA ILE C 54 18.90 -2.89 -6.03
C ILE C 54 18.46 -4.21 -5.44
N SER C 55 18.93 -4.50 -4.24
CA SER C 55 18.57 -5.70 -3.49
C SER C 55 19.06 -5.52 -2.06
N ASP C 56 18.82 -6.53 -1.23
CA ASP C 56 19.49 -6.60 0.05
C ASP C 56 20.94 -7.06 -0.15
N GLU C 57 21.68 -7.10 0.96
CA GLU C 57 23.14 -7.40 1.01
C GLU C 57 23.95 -6.49 0.08
N ASN C 58 23.37 -5.34 -0.28
CA ASN C 58 24.05 -4.34 -1.09
C ASN C 58 23.98 -2.99 -0.38
N VAL C 59 22.90 -2.78 0.38
CA VAL C 59 22.73 -1.53 1.12
C VAL C 59 23.72 -1.46 2.27
N GLN C 60 23.87 -2.57 3.02
CA GLN C 60 24.78 -2.59 4.15
C GLN C 60 26.24 -2.48 3.73
N LYS C 61 26.56 -2.87 2.49
CA LYS C 61 27.92 -2.63 1.98
C LYS C 61 28.19 -1.13 1.86
N MET C 62 27.22 -0.37 1.34
CA MET C 62 27.34 1.08 1.33
C MET C 62 27.40 1.62 2.75
N ASP C 63 26.62 1.03 3.66
CA ASP C 63 26.58 1.49 5.04
C ASP C 63 27.94 1.35 5.71
N GLU C 64 28.59 0.19 5.54
CA GLU C 64 29.89 0.00 6.18
C GLU C 64 30.98 0.81 5.48
N ALA C 65 30.92 0.94 4.15
CA ALA C 65 31.91 1.75 3.44
C ALA C 65 31.78 3.23 3.82
N GLY C 66 30.55 3.73 3.87
CA GLY C 66 30.34 5.11 4.27
C GLY C 66 30.67 5.36 5.73
N ALA C 67 30.40 4.39 6.60
CA ALA C 67 30.76 4.52 8.00
C ALA C 67 32.27 4.57 8.19
N LYS C 68 33.00 3.71 7.47
CA LYS C 68 34.46 3.74 7.53
C LYS C 68 35.00 5.05 6.98
N TRP C 69 34.45 5.53 5.87
CA TRP C 69 34.89 6.79 5.29
C TRP C 69 34.58 7.97 6.20
N SER C 70 33.41 7.97 6.84
CA SER C 70 33.04 9.06 7.73
C SER C 70 33.90 9.07 9.00
N ALA C 71 34.16 7.89 9.56
CA ALA C 71 35.03 7.81 10.73
C ALA C 71 36.44 8.27 10.40
N PHE C 72 36.97 7.84 9.25
CA PHE C 72 38.28 8.28 8.82
C PHE C 72 38.31 9.78 8.58
N TYR C 73 37.25 10.31 7.97
CA TYR C 73 37.19 11.75 7.66
C TYR C 73 37.14 12.58 8.93
N GLU C 74 36.33 12.18 9.92
CA GLU C 74 36.26 12.96 11.15
C GLU C 74 37.53 12.83 11.98
N GLU C 75 38.19 11.66 11.96
CA GLU C 75 39.47 11.52 12.63
C GLU C 75 40.54 12.41 12.01
N GLN C 76 40.60 12.42 10.67
CA GLN C 76 41.59 13.26 10.01
C GLN C 76 41.25 14.75 10.13
N SER C 77 39.97 15.09 10.26
CA SER C 77 39.60 16.48 10.52
C SER C 77 40.03 16.91 11.92
N LYS C 78 39.86 16.03 12.91
CA LYS C 78 40.34 16.33 14.25
C LYS C 78 41.86 16.44 14.29
N ILE C 79 42.56 15.66 13.45
CA ILE C 79 44.00 15.81 13.35
C ILE C 79 44.36 17.12 12.66
N ALA C 80 43.63 17.49 11.61
CA ALA C 80 43.90 18.70 10.85
C ALA C 80 43.60 19.97 11.63
N LYS C 81 42.74 19.89 12.65
CA LYS C 81 42.49 21.04 13.51
C LYS C 81 43.72 21.48 14.27
N ASN C 82 44.72 20.61 14.43
CA ASN C 82 45.95 20.97 15.13
C ASN C 82 46.77 21.98 14.33
N TYR C 83 46.78 21.88 13.01
CA TYR C 83 47.62 22.73 12.18
C TYR C 83 47.03 24.12 12.08
N PRO C 84 47.75 25.16 12.46
CA PRO C 84 47.24 26.53 12.29
C PRO C 84 47.26 26.97 10.84
N LEU C 85 46.33 27.86 10.51
CA LEU C 85 46.21 28.34 9.14
C LEU C 85 46.93 29.65 8.88
N GLU C 86 47.11 30.48 9.91
CA GLU C 86 47.71 31.81 9.72
C GLU C 86 49.20 31.73 9.44
N GLU C 87 49.87 30.64 9.81
CA GLU C 87 51.28 30.49 9.49
C GLU C 87 51.49 30.10 8.03
N ILE C 88 50.59 29.27 7.49
CA ILE C 88 50.81 28.68 6.17
C ILE C 88 50.58 29.72 5.09
N GLN C 89 51.57 29.88 4.20
CA GLN C 89 51.47 30.86 3.13
C GLN C 89 51.11 30.24 1.78
N THR C 90 51.37 28.96 1.57
CA THR C 90 51.03 28.32 0.31
C THR C 90 49.52 28.09 0.22
N ASP C 91 48.93 28.51 -0.91
CA ASP C 91 47.47 28.57 -1.01
C ASP C 91 46.83 27.19 -1.14
N ILE C 92 47.52 26.23 -1.76
CA ILE C 92 46.92 24.92 -2.01
C ILE C 92 46.74 24.15 -0.70
N VAL C 93 47.80 24.07 0.11
CA VAL C 93 47.71 23.36 1.38
C VAL C 93 46.80 24.11 2.35
N LYS C 94 46.79 25.44 2.28
CA LYS C 94 45.88 26.22 3.12
C LYS C 94 44.43 25.94 2.76
N ARG C 95 44.12 25.84 1.46
CA ARG C 95 42.76 25.53 1.03
C ARG C 95 42.35 24.13 1.45
N GLN C 96 43.26 23.15 1.29
CA GLN C 96 42.95 21.78 1.70
C GLN C 96 42.74 21.68 3.20
N LEU C 97 43.56 22.38 4.00
CA LEU C 97 43.39 22.36 5.43
C LEU C 97 42.14 23.10 5.87
N GLN C 98 41.76 24.17 5.16
CA GLN C 98 40.51 24.86 5.47
C GLN C 98 39.31 23.96 5.21
N ILE C 99 39.34 23.20 4.11
CA ILE C 99 38.26 22.25 3.82
C ILE C 99 38.22 21.16 4.89
N LEU C 100 39.39 20.68 5.31
CA LEU C 100 39.43 19.63 6.33
C LEU C 100 38.94 20.12 7.67
N GLN C 101 39.28 21.36 8.05
CA GLN C 101 38.95 21.87 9.37
C GLN C 101 37.54 22.46 9.46
N GLN C 102 36.94 22.85 8.33
CA GLN C 102 35.61 23.44 8.38
C GLN C 102 34.54 22.43 8.79
N SER C 103 34.70 21.17 8.40
CA SER C 103 33.76 20.11 8.75
C SER C 103 34.51 18.98 9.43
N GLY C 104 33.99 18.54 10.57
CA GLY C 104 34.60 17.45 11.31
C GLY C 104 33.62 16.88 12.31
N SER C 105 34.15 16.47 13.45
CA SER C 105 33.30 15.96 14.53
C SER C 105 32.56 17.13 15.18
N PRO C 106 31.24 17.10 15.23
CA PRO C 106 30.51 18.20 15.89
C PRO C 106 30.71 18.20 17.39
N VAL C 107 30.54 19.37 18.00
CA VAL C 107 30.65 19.50 19.44
C VAL C 107 29.41 19.04 20.18
N LEU C 108 28.38 18.61 19.45
CA LEU C 108 27.14 18.16 20.07
C LEU C 108 27.38 16.91 20.90
N SER C 109 26.63 16.80 22.00
CA SER C 109 26.70 15.62 22.84
C SER C 109 26.10 14.41 22.11
N GLU C 110 26.31 13.23 22.69
CA GLU C 110 25.84 12.01 22.04
C GLU C 110 24.31 11.94 22.00
N ASP C 111 23.63 12.43 23.05
CA ASP C 111 22.18 12.44 23.02
C ASP C 111 21.66 13.50 22.06
N LYS C 112 22.34 14.65 21.99
CA LYS C 112 21.93 15.69 21.05
C LYS C 112 22.15 15.25 19.60
N SER C 113 23.28 14.58 19.33
CA SER C 113 23.54 14.08 17.98
C SER C 113 22.56 12.99 17.59
N LYS C 114 22.25 12.09 18.53
CA LYS C 114 21.25 11.05 18.27
C LYS C 114 19.87 11.65 18.03
N ARG C 115 19.51 12.68 18.80
CA ARG C 115 18.23 13.35 18.62
C ARG C 115 18.17 14.05 17.26
N LEU C 116 19.27 14.68 16.85
CA LEU C 116 19.30 15.34 15.54
C LEU C 116 19.16 14.34 14.40
N ASN C 117 19.86 13.20 14.51
CA ASN C 117 19.74 12.17 13.48
C ASN C 117 18.33 11.59 13.44
N SER C 118 17.71 11.39 14.61
CA SER C 118 16.35 10.90 14.67
C SER C 118 15.37 11.91 14.06
N ILE C 119 15.59 13.20 14.32
CA ILE C 119 14.73 14.24 13.77
C ILE C 119 14.85 14.28 12.25
N LEU C 120 16.07 14.19 11.73
CA LEU C 120 16.26 14.20 10.28
C LEU C 120 15.63 12.97 9.62
N ASN C 121 15.80 11.80 10.23
CA ASN C 121 15.19 10.58 9.69
C ASN C 121 13.67 10.65 9.75
N ALA C 122 13.12 11.20 10.84
CA ALA C 122 11.67 11.33 10.98
C ALA C 122 11.11 12.29 9.94
N MET C 123 11.80 13.41 9.70
CA MET C 123 11.33 14.36 8.69
C MET C 123 11.37 13.75 7.30
N SER C 124 12.45 13.03 6.97
CA SER C 124 12.53 12.37 5.68
C SER C 124 11.44 11.31 5.51
N THR C 125 11.18 10.53 6.57
CA THR C 125 10.17 9.49 6.49
C THR C 125 8.77 10.08 6.36
N ILE C 126 8.49 11.17 7.09
CA ILE C 126 7.19 11.83 6.98
C ILE C 126 6.99 12.40 5.59
N TYR C 127 8.05 13.01 5.03
CA TYR C 127 7.95 13.57 3.69
C TYR C 127 7.73 12.48 2.64
N SER C 128 8.45 11.36 2.77
CA SER C 128 8.36 10.32 1.74
C SER C 128 7.08 9.48 1.85
N THR C 129 6.58 9.25 3.07
CA THR C 129 5.46 8.34 3.27
C THR C 129 4.16 9.05 3.64
N GLY C 130 4.13 10.38 3.60
CA GLY C 130 2.92 11.09 3.93
C GLY C 130 1.86 10.93 2.85
N LYS C 131 0.60 10.85 3.28
CA LYS C 131 -0.53 10.62 2.38
C LYS C 131 -1.63 11.62 2.65
N VAL C 132 -2.37 11.96 1.60
CA VAL C 132 -3.53 12.84 1.68
C VAL C 132 -4.73 12.10 1.13
N CYS C 133 -5.79 12.01 1.92
CA CYS C 133 -6.99 11.28 1.55
C CYS C 133 -8.07 12.24 1.06
N LYS C 134 -8.86 11.77 0.09
CA LYS C 134 -9.91 12.58 -0.48
C LYS C 134 -11.03 12.80 0.53
N PRO C 135 -11.81 13.91 0.40
CA PRO C 135 -12.89 14.18 1.37
C PRO C 135 -13.96 13.11 1.38
N ASN C 136 -14.57 12.85 0.23
CA ASN C 136 -15.32 11.61 0.07
C ASN C 136 -14.34 10.47 -0.22
N ASN C 137 -14.79 9.24 0.03
CA ASN C 137 -13.99 8.03 -0.10
C ASN C 137 -12.69 8.13 0.70
N PRO C 138 -12.75 7.98 2.04
CA PRO C 138 -11.53 8.06 2.85
C PRO C 138 -10.52 6.95 2.59
N GLN C 139 -10.89 5.91 1.83
CA GLN C 139 -9.96 4.85 1.48
C GLN C 139 -9.07 5.20 0.30
N GLU C 140 -9.34 6.30 -0.39
CA GLU C 140 -8.51 6.77 -1.51
C GLU C 140 -7.56 7.83 -0.96
N CYS C 141 -6.36 7.41 -0.61
CA CYS C 141 -5.33 8.30 -0.09
C CYS C 141 -4.15 8.31 -1.06
N LEU C 142 -3.66 9.51 -1.37
CA LEU C 142 -2.67 9.71 -2.40
C LEU C 142 -1.34 10.14 -1.78
N LEU C 143 -0.26 9.53 -2.24
CA LEU C 143 1.07 9.96 -1.85
C LEU C 143 1.48 11.20 -2.63
N LEU C 144 2.65 11.75 -2.27
CA LEU C 144 3.12 12.95 -2.93
C LEU C 144 3.56 12.68 -4.35
N GLU C 145 4.44 11.70 -4.55
CA GLU C 145 5.19 11.60 -5.80
C GLU C 145 4.36 11.08 -6.97
N PRO C 146 3.63 9.93 -6.88
CA PRO C 146 2.81 9.56 -8.03
C PRO C 146 1.43 10.21 -8.05
N GLY C 147 0.88 10.53 -6.87
CA GLY C 147 -0.51 10.96 -6.81
C GLY C 147 -0.76 12.45 -6.77
N LEU C 148 -0.15 13.15 -5.81
CA LEU C 148 -0.42 14.58 -5.67
C LEU C 148 0.34 15.41 -6.68
N ASP C 149 1.52 14.95 -7.10
CA ASP C 149 2.30 15.67 -8.10
C ASP C 149 1.58 15.70 -9.44
N ASN C 150 0.91 14.60 -9.79
CA ASN C 150 0.14 14.55 -11.03
C ASN C 150 -1.02 15.54 -10.99
N ILE C 151 -1.68 15.67 -9.84
CA ILE C 151 -2.79 16.61 -9.71
C ILE C 151 -2.28 18.04 -9.81
N MET C 152 -1.19 18.36 -9.08
CA MET C 152 -0.68 19.73 -9.11
C MET C 152 -0.04 20.09 -10.45
N GLY C 153 0.37 19.09 -11.23
CA GLY C 153 0.97 19.38 -12.51
C GLY C 153 0.00 19.41 -13.68
N THR C 154 -1.05 18.62 -13.62
CA THR C 154 -1.92 18.43 -14.77
C THR C 154 -3.32 19.01 -14.63
N SER C 155 -3.86 19.08 -13.41
CA SER C 155 -5.26 19.46 -13.24
C SER C 155 -5.47 20.95 -13.47
N LYS C 156 -6.60 21.29 -14.08
CA LYS C 156 -7.03 22.67 -14.27
C LYS C 156 -8.26 22.99 -13.43
N ASP C 157 -8.57 22.14 -12.45
CA ASP C 157 -9.70 22.36 -11.55
C ASP C 157 -9.22 23.11 -10.32
N TYR C 158 -9.91 24.21 -9.99
CA TYR C 158 -9.53 25.01 -8.84
C TYR C 158 -9.69 24.24 -7.54
N HIS C 159 -10.80 23.51 -7.39
CA HIS C 159 -11.13 22.88 -6.12
C HIS C 159 -10.31 21.62 -5.87
N GLU C 160 -10.04 20.84 -6.91
CA GLU C 160 -9.17 19.67 -6.75
C GLU C 160 -7.74 20.09 -6.41
N ARG C 161 -7.25 21.14 -7.07
CA ARG C 161 -5.92 21.66 -6.76
C ARG C 161 -5.88 22.23 -5.35
N LEU C 162 -6.95 22.90 -4.93
CA LEU C 162 -7.01 23.42 -3.57
C LEU C 162 -7.03 22.30 -2.55
N TRP C 163 -7.75 21.20 -2.83
CA TRP C 163 -7.75 20.06 -1.92
C TRP C 163 -6.37 19.44 -1.82
N ALA C 164 -5.68 19.27 -2.96
CA ALA C 164 -4.36 18.67 -2.94
C ALA C 164 -3.35 19.58 -2.23
N TRP C 165 -3.50 20.89 -2.40
CA TRP C 165 -2.59 21.85 -1.78
C TRP C 165 -2.83 21.99 -0.29
N GLU C 166 -4.08 21.93 0.16
CA GLU C 166 -4.40 22.09 1.57
C GLU C 166 -4.28 20.80 2.35
N GLY C 167 -4.48 19.64 1.71
CA GLY C 167 -4.22 18.38 2.38
C GLY C 167 -2.75 18.21 2.70
N TRP C 168 -1.89 18.53 1.75
CA TRP C 168 -0.49 18.76 2.05
C TRP C 168 -0.37 20.01 2.92
N ARG C 169 0.69 20.05 3.73
CA ARG C 169 1.00 21.08 4.74
C ARG C 169 0.07 21.02 5.95
N ALA C 170 -0.99 20.22 5.88
CA ALA C 170 -1.88 20.01 7.03
C ALA C 170 -1.82 18.59 7.57
N GLU C 171 -1.81 17.60 6.68
CA GLU C 171 -1.57 16.22 7.10
C GLU C 171 -0.10 15.86 7.15
N VAL C 172 0.78 16.73 6.63
CA VAL C 172 2.21 16.43 6.59
C VAL C 172 3.00 17.56 7.24
N GLY C 173 2.74 18.80 6.83
CA GLY C 173 3.47 19.93 7.38
C GLY C 173 3.23 20.15 8.87
N LYS C 174 2.01 19.88 9.33
CA LYS C 174 1.72 19.99 10.76
C LYS C 174 2.48 18.94 11.56
N GLN C 175 2.77 17.79 10.96
CA GLN C 175 3.65 16.83 11.60
C GLN C 175 5.08 17.34 11.65
N LEU C 176 5.51 18.07 10.62
CA LEU C 176 6.90 18.52 10.52
C LEU C 176 7.17 19.79 11.32
N ARG C 177 6.14 20.49 11.80
CA ARG C 177 6.36 21.73 12.54
C ARG C 177 7.16 21.56 13.83
N PRO C 178 6.84 20.65 14.76
CA PRO C 178 7.68 20.54 15.97
C PRO C 178 9.05 19.92 15.69
N LEU C 179 9.11 19.01 14.71
CA LEU C 179 10.39 18.44 14.32
C LEU C 179 11.32 19.52 13.75
N TYR C 180 10.77 20.41 12.93
CA TYR C 180 11.57 21.52 12.41
C TYR C 180 11.93 22.50 13.50
N GLU C 181 11.04 22.71 14.47
CA GLU C 181 11.34 23.61 15.59
C GLU C 181 12.53 23.10 16.40
N GLU C 182 12.59 21.79 16.64
CA GLU C 182 13.75 21.24 17.34
C GLU C 182 14.98 21.16 16.45
N TYR C 183 14.78 20.92 15.15
CA TYR C 183 15.88 20.81 14.21
C TYR C 183 16.63 22.13 14.07
N VAL C 184 15.90 23.25 14.08
CA VAL C 184 16.53 24.57 13.98
C VAL C 184 17.43 24.82 15.18
N VAL C 185 16.96 24.49 16.38
CA VAL C 185 17.74 24.71 17.60
C VAL C 185 18.99 23.82 17.59
N LEU C 186 18.82 22.55 17.22
CA LEU C 186 19.96 21.63 17.22
C LEU C 186 21.00 22.02 16.18
N LYS C 187 20.55 22.40 14.97
CA LYS C 187 21.50 22.80 13.94
C LYS C 187 22.17 24.12 14.28
N ASN C 188 21.46 25.04 14.94
CA ASN C 188 22.07 26.29 15.37
C ASN C 188 23.15 26.03 16.42
N GLU C 189 22.90 25.10 17.35
CA GLU C 189 23.92 24.74 18.33
C GLU C 189 25.13 24.09 17.66
N MET C 190 24.87 23.19 16.69
CA MET C 190 25.96 22.53 15.99
C MET C 190 26.81 23.51 15.19
N ALA C 191 26.17 24.49 14.54
CA ALA C 191 26.91 25.48 13.78
C ALA C 191 27.62 26.47 14.68
N ARG C 192 27.04 26.78 15.84
CA ARG C 192 27.74 27.62 16.81
C ARG C 192 28.95 26.92 17.38
N GLY C 193 28.93 25.59 17.43
CA GLY C 193 30.13 24.86 17.80
C GLY C 193 31.20 24.84 16.74
N TYR C 194 30.88 25.24 15.51
CA TYR C 194 31.85 25.34 14.42
C TYR C 194 32.35 26.76 14.24
N HIS C 195 32.15 27.62 15.25
CA HIS C 195 32.51 29.05 15.21
C HIS C 195 31.79 29.77 14.07
N TYR C 196 30.48 29.60 14.02
CA TYR C 196 29.62 30.35 13.11
C TYR C 196 28.47 30.94 13.92
N GLU C 197 27.87 32.00 13.36
CA GLU C 197 26.75 32.66 14.05
C GLU C 197 25.52 31.75 14.10
N ASP C 198 25.20 31.09 13.00
CA ASP C 198 24.03 30.24 12.94
C ASP C 198 24.23 29.18 11.87
N TYR C 199 23.19 28.38 11.64
CA TYR C 199 23.25 27.36 10.59
C TYR C 199 23.21 28.00 9.21
N GLY C 200 22.58 29.16 9.08
CA GLY C 200 22.60 29.86 7.80
C GLY C 200 23.99 30.34 7.43
N ASP C 201 24.75 30.80 8.41
CA ASP C 201 26.14 31.18 8.16
C ASP C 201 26.99 29.97 7.81
N TYR C 202 26.71 28.83 8.44
CA TYR C 202 27.41 27.59 8.12
C TYR C 202 27.10 27.15 6.69
N TRP C 203 25.87 27.35 6.24
CA TRP C 203 25.53 27.06 4.85
C TRP C 203 26.20 28.06 3.91
N ARG C 204 26.29 29.31 4.34
CA ARG C 204 26.99 30.35 3.58
C ARG C 204 28.49 30.32 3.76
N ARG C 205 29.04 29.27 4.40
CA ARG C 205 30.49 29.10 4.41
C ARG C 205 31.05 28.79 3.03
N ASP C 206 30.21 28.29 2.11
CA ASP C 206 30.57 28.31 0.70
C ASP C 206 30.45 29.72 0.16
N TYR C 207 31.02 29.95 -1.02
CA TYR C 207 31.25 31.29 -1.55
C TYR C 207 32.01 32.16 -0.56
N GLU C 208 33.06 31.59 0.05
CA GLU C 208 33.91 32.33 0.96
C GLU C 208 35.35 32.15 0.54
N THR C 209 35.99 33.24 0.13
CA THR C 209 37.34 33.19 -0.43
C THR C 209 38.29 34.01 0.43
N GLU C 210 39.57 33.65 0.36
CA GLU C 210 40.62 34.38 1.02
C GLU C 210 41.62 34.89 -0.02
N GLU C 211 41.09 35.45 -1.11
CA GLU C 211 41.91 35.85 -2.25
C GLU C 211 42.82 37.02 -1.90
N SER C 212 43.81 37.23 -2.74
CA SER C 212 44.82 38.25 -2.51
C SER C 212 44.26 39.65 -2.77
N SER C 213 45.10 40.65 -2.52
CA SER C 213 44.91 42.09 -2.74
C SER C 213 43.88 42.72 -1.81
N GLY C 214 43.18 41.95 -0.98
CA GLY C 214 42.30 42.53 0.02
C GLY C 214 40.81 42.23 -0.04
N PRO C 215 40.15 42.30 -1.22
CA PRO C 215 38.69 42.02 -1.18
C PRO C 215 38.31 40.55 -1.31
N GLY C 216 38.46 39.81 -0.21
CA GLY C 216 37.94 38.46 -0.16
C GLY C 216 36.43 38.45 -0.02
N TYR C 217 35.80 37.43 -0.60
CA TYR C 217 34.35 37.30 -0.56
C TYR C 217 33.93 36.79 0.82
N SER C 218 33.11 37.56 1.51
CA SER C 218 32.62 37.21 2.83
C SER C 218 31.25 36.54 2.73
N ARG C 219 30.79 36.05 3.87
CA ARG C 219 29.51 35.33 3.91
C ARG C 219 28.31 36.29 3.86
N ASP C 220 28.46 37.51 4.38
CA ASP C 220 27.40 38.51 4.25
C ASP C 220 27.36 39.12 2.86
N GLN C 221 28.48 39.07 2.13
CA GLN C 221 28.50 39.55 0.76
C GLN C 221 27.58 38.72 -0.14
N LEU C 222 27.41 37.44 0.17
CA LEU C 222 26.48 36.61 -0.58
C LEU C 222 25.05 37.08 -0.39
N MET C 223 24.67 37.42 0.85
CA MET C 223 23.33 37.94 1.11
C MET C 223 23.10 39.28 0.41
N LYS C 224 24.09 40.17 0.48
CA LYS C 224 23.98 41.46 -0.21
C LYS C 224 23.86 41.27 -1.72
N ASP C 225 24.63 40.32 -2.28
CA ASP C 225 24.60 40.11 -3.71
C ASP C 225 23.30 39.49 -4.18
N VAL C 226 22.74 38.54 -3.41
CA VAL C 226 21.48 37.95 -3.85
C VAL C 226 20.34 38.96 -3.71
N ASP C 227 20.40 39.85 -2.71
CA ASP C 227 19.42 40.94 -2.63
C ASP C 227 19.52 41.86 -3.85
N ARG C 228 20.76 42.22 -4.23
CA ARG C 228 20.95 43.08 -5.39
C ARG C 228 20.48 42.42 -6.68
N ILE C 229 20.75 41.13 -6.84
CA ILE C 229 20.33 40.40 -8.03
C ILE C 229 18.82 40.31 -8.10
N PHE C 230 18.15 40.08 -6.96
CA PHE C 230 16.70 40.05 -6.96
C PHE C 230 16.11 41.41 -7.31
N THR C 231 16.68 42.50 -6.78
CA THR C 231 16.19 43.82 -7.14
C THR C 231 16.42 44.14 -8.61
N GLU C 232 17.46 43.56 -9.20
CA GLU C 232 17.67 43.75 -10.64
C GLU C 232 16.73 42.91 -11.50
N ILE C 233 16.34 41.71 -11.04
CA ILE C 233 15.42 40.88 -11.81
C ILE C 233 13.95 41.16 -11.53
N LYS C 234 13.65 42.02 -10.56
CA LYS C 234 12.25 42.34 -10.26
C LYS C 234 11.39 42.84 -11.42
N PRO C 235 11.85 43.72 -12.32
CA PRO C 235 10.93 44.15 -13.40
C PRO C 235 10.54 43.06 -14.38
N LEU C 236 11.49 42.23 -14.81
CA LEU C 236 11.17 41.13 -15.73
C LEU C 236 10.22 40.13 -15.08
N TYR C 237 10.47 39.79 -13.81
CA TYR C 237 9.57 38.90 -13.10
C TYR C 237 8.20 39.51 -12.90
N GLU C 238 8.14 40.83 -12.67
CA GLU C 238 6.86 41.50 -12.53
C GLU C 238 6.06 41.44 -13.83
N HIS C 239 6.72 41.64 -14.96
CA HIS C 239 6.01 41.56 -16.24
C HIS C 239 5.58 40.14 -16.57
N LEU C 240 6.42 39.15 -16.25
CA LEU C 240 6.04 37.76 -16.43
C LEU C 240 4.87 37.38 -15.53
N HIS C 241 4.89 37.87 -14.29
CA HIS C 241 3.79 37.64 -13.35
C HIS C 241 2.50 38.25 -13.84
N ALA C 242 2.57 39.47 -14.38
CA ALA C 242 1.37 40.11 -14.94
C ALA C 242 0.82 39.35 -16.13
N TYR C 243 1.72 38.89 -17.02
CA TYR C 243 1.27 38.12 -18.18
C TYR C 243 0.65 36.80 -17.78
N VAL C 244 1.25 36.10 -16.82
CA VAL C 244 0.70 34.83 -16.35
C VAL C 244 -0.65 35.05 -15.67
N ARG C 245 -0.77 36.11 -14.87
CA ARG C 245 -2.03 36.44 -14.22
C ARG C 245 -3.13 36.71 -15.25
N ALA C 246 -2.82 37.49 -16.28
CA ALA C 246 -3.80 37.77 -17.33
C ALA C 246 -4.15 36.50 -18.11
N LYS C 247 -3.20 35.59 -18.29
CA LYS C 247 -3.48 34.38 -19.05
C LYS C 247 -4.37 33.41 -18.27
N LEU C 248 -4.06 33.18 -16.99
CA LEU C 248 -4.88 32.24 -16.22
C LEU C 248 -6.05 32.91 -15.52
N MET C 249 -6.29 34.20 -15.78
CA MET C 249 -7.61 34.74 -15.50
C MET C 249 -8.68 34.21 -16.45
N ASP C 250 -8.27 33.65 -17.59
CA ASP C 250 -9.23 33.06 -18.52
C ASP C 250 -9.70 31.70 -18.03
N THR C 251 -8.81 30.89 -17.47
CA THR C 251 -9.17 29.54 -17.04
C THR C 251 -9.70 29.49 -15.62
N TYR C 252 -9.42 30.51 -14.82
CA TYR C 252 -10.04 30.65 -13.51
C TYR C 252 -10.69 32.03 -13.46
N PRO C 253 -11.88 32.19 -14.05
CA PRO C 253 -12.43 33.54 -14.22
C PRO C 253 -12.85 34.23 -12.93
N LEU C 254 -13.45 33.50 -12.00
CA LEU C 254 -13.95 34.08 -10.76
C LEU C 254 -13.11 33.69 -9.55
N HIS C 255 -11.80 33.54 -9.75
CA HIS C 255 -10.89 33.27 -8.64
C HIS C 255 -9.63 34.10 -8.66
N ILE C 256 -9.36 34.86 -9.73
CA ILE C 256 -8.10 35.58 -9.88
C ILE C 256 -8.41 37.07 -9.87
N SER C 257 -7.78 37.78 -8.96
CA SER C 257 -7.89 39.24 -8.94
C SER C 257 -6.96 39.84 -9.99
N PRO C 258 -7.44 40.77 -10.82
CA PRO C 258 -6.56 41.41 -11.81
C PRO C 258 -5.45 42.25 -11.19
N THR C 259 -5.58 42.64 -9.92
CA THR C 259 -4.59 43.46 -9.24
C THR C 259 -3.82 42.70 -8.17
N GLY C 260 -4.41 41.67 -7.58
CA GLY C 260 -3.81 40.98 -6.46
C GLY C 260 -2.78 39.95 -6.88
N CYS C 261 -2.33 39.20 -5.88
CA CYS C 261 -1.34 38.15 -6.08
C CYS C 261 -1.97 36.92 -6.71
N LEU C 262 -1.15 35.93 -7.02
CA LEU C 262 -1.68 34.68 -7.54
C LEU C 262 -1.89 33.68 -6.42
N PRO C 263 -2.98 32.91 -6.45
CA PRO C 263 -3.14 31.83 -5.48
C PRO C 263 -2.04 30.79 -5.61
N ALA C 264 -1.62 30.25 -4.47
CA ALA C 264 -0.44 29.39 -4.43
C ALA C 264 -0.66 28.03 -5.06
N HIS C 265 -1.91 27.63 -5.27
CA HIS C 265 -2.22 26.29 -5.75
C HIS C 265 -2.51 26.25 -7.24
N LEU C 266 -2.25 27.33 -7.96
CA LEU C 266 -2.48 27.39 -9.40
C LEU C 266 -1.20 27.75 -10.14
N LEU C 267 -0.08 27.12 -9.77
CA LEU C 267 1.22 27.52 -10.28
C LEU C 267 2.00 26.40 -10.96
N GLY C 268 1.38 25.24 -11.18
CA GLY C 268 2.00 24.15 -11.90
C GLY C 268 2.60 23.08 -11.02
N ASP C 269 2.86 23.37 -9.75
CA ASP C 269 3.21 22.36 -8.76
C ASP C 269 2.70 22.84 -7.41
N MET C 270 2.97 22.05 -6.37
CA MET C 270 2.37 22.37 -5.07
C MET C 270 3.07 23.53 -4.38
N TRP C 271 4.35 23.75 -4.65
CA TRP C 271 5.08 24.83 -4.01
C TRP C 271 5.26 26.05 -4.90
N GLY C 272 4.88 25.96 -6.16
CA GLY C 272 5.12 27.08 -7.06
C GLY C 272 6.58 27.27 -7.40
N ARG C 273 7.39 26.22 -7.30
CA ARG C 273 8.82 26.34 -7.57
C ARG C 273 9.08 26.59 -9.06
N PHE C 274 8.41 25.85 -9.92
CA PHE C 274 8.54 26.01 -11.36
C PHE C 274 7.18 26.28 -11.97
N TRP C 275 7.14 27.19 -12.93
CA TRP C 275 5.92 27.51 -13.65
C TRP C 275 5.85 26.79 -15.00
N THR C 276 6.60 25.69 -15.15
CA THR C 276 6.70 25.02 -16.44
C THR C 276 5.39 24.37 -16.84
N ASN C 277 4.65 23.82 -15.87
CA ASN C 277 3.38 23.18 -16.18
C ASN C 277 2.28 24.19 -16.53
N LEU C 278 2.53 25.48 -16.34
CA LEU C 278 1.60 26.52 -16.76
C LEU C 278 1.75 26.89 -18.23
N TYR C 279 2.70 26.27 -18.94
CA TYR C 279 2.92 26.60 -20.34
C TYR C 279 1.72 26.32 -21.25
N PRO C 280 1.02 25.18 -21.18
CA PRO C 280 -0.20 25.03 -22.01
C PRO C 280 -1.28 26.04 -21.70
N LEU C 281 -1.33 26.56 -20.47
CA LEU C 281 -2.31 27.57 -20.12
C LEU C 281 -1.93 28.94 -20.65
N THR C 282 -0.63 29.25 -20.72
CA THR C 282 -0.17 30.60 -21.02
C THR C 282 0.64 30.66 -22.31
N VAL C 283 0.48 29.71 -23.21
CA VAL C 283 1.29 29.69 -24.45
C VAL C 283 0.79 30.78 -25.39
N PRO C 284 1.66 31.67 -25.88
CA PRO C 284 1.29 32.53 -27.00
C PRO C 284 1.50 31.80 -28.32
N PHE C 285 0.62 32.11 -29.28
CA PHE C 285 0.62 31.51 -30.61
C PHE C 285 0.58 29.98 -30.51
N GLY C 286 -0.55 29.48 -29.98
CA GLY C 286 -0.69 28.05 -29.74
C GLY C 286 -0.73 27.21 -30.99
N GLN C 287 -1.02 27.81 -32.15
CA GLN C 287 -1.01 27.09 -33.41
C GLN C 287 0.40 26.74 -33.86
N LYS C 288 1.40 27.47 -33.40
CA LYS C 288 2.78 27.18 -33.77
C LYS C 288 3.29 25.98 -32.99
N PRO C 289 3.74 24.91 -33.66
CA PRO C 289 4.23 23.75 -32.91
C PRO C 289 5.59 24.01 -32.30
N ASN C 290 5.80 23.47 -31.11
CA ASN C 290 7.09 23.59 -30.45
C ASN C 290 8.09 22.62 -31.07
N ILE C 291 9.37 22.83 -30.76
CA ILE C 291 10.42 21.96 -31.27
C ILE C 291 10.37 20.64 -30.52
N ASP C 292 10.17 19.55 -31.26
CA ASP C 292 10.18 18.21 -30.68
C ASP C 292 10.67 17.25 -31.75
N VAL C 293 11.90 16.77 -31.59
CA VAL C 293 12.50 15.88 -32.57
C VAL C 293 12.40 14.42 -32.15
N THR C 294 11.45 14.10 -31.25
CA THR C 294 11.31 12.73 -30.76
C THR C 294 10.88 11.79 -31.88
N ASP C 295 10.02 12.26 -32.78
CA ASP C 295 9.62 11.45 -33.93
C ASP C 295 10.81 11.19 -34.86
N GLU C 296 11.66 12.19 -35.05
CA GLU C 296 12.82 12.00 -35.91
C GLU C 296 13.89 11.12 -35.28
N MET C 297 13.82 10.84 -33.98
CA MET C 297 14.72 9.89 -33.36
C MET C 297 14.12 8.51 -33.15
N VAL C 298 12.78 8.39 -33.09
CA VAL C 298 12.22 7.05 -33.23
C VAL C 298 12.29 6.61 -34.69
N LYS C 299 12.40 7.57 -35.62
CA LYS C 299 12.89 7.30 -36.95
C LYS C 299 14.42 7.36 -36.94
N GLN C 300 15.03 6.97 -38.07
CA GLN C 300 16.47 6.98 -38.31
C GLN C 300 17.26 6.05 -37.38
N GLY C 301 16.59 5.25 -36.56
CA GLY C 301 17.26 4.28 -35.70
C GLY C 301 18.14 4.87 -34.62
N TRP C 302 17.69 5.90 -33.94
CA TRP C 302 18.47 6.48 -32.84
C TRP C 302 18.26 5.66 -31.58
N ASP C 303 19.36 5.27 -30.94
CA ASP C 303 19.34 4.55 -29.67
C ASP C 303 20.05 5.38 -28.61
N ALA C 304 20.23 4.79 -27.43
CA ALA C 304 20.95 5.47 -26.36
C ALA C 304 22.41 5.73 -26.75
N ASN C 305 23.05 4.73 -27.35
CA ASN C 305 24.45 4.86 -27.74
C ASN C 305 24.63 5.95 -28.80
N ARG C 306 23.66 6.08 -29.72
CA ARG C 306 23.72 7.16 -30.71
C ARG C 306 23.62 8.52 -30.04
N ILE C 307 22.75 8.65 -29.03
CA ILE C 307 22.59 9.92 -28.33
C ILE C 307 23.87 10.30 -27.59
N PHE C 308 24.46 9.33 -26.88
CA PHE C 308 25.67 9.65 -26.12
C PHE C 308 26.87 9.85 -27.04
N LYS C 309 26.91 9.17 -28.20
CA LYS C 309 27.97 9.44 -29.17
C LYS C 309 27.82 10.81 -29.79
N GLU C 310 26.58 11.26 -30.02
CA GLU C 310 26.37 12.62 -30.51
C GLU C 310 26.79 13.65 -29.47
N ALA C 311 26.50 13.39 -28.20
CA ALA C 311 26.96 14.29 -27.14
C ALA C 311 28.48 14.33 -27.05
N GLU C 312 29.12 13.17 -27.18
CA GLU C 312 30.58 13.12 -27.17
C GLU C 312 31.17 13.85 -28.38
N LYS C 313 30.50 13.75 -29.54
CA LYS C 313 30.94 14.49 -30.71
C LYS C 313 30.82 15.99 -30.50
N PHE C 314 29.73 16.43 -29.86
CA PHE C 314 29.57 17.84 -29.55
C PHE C 314 30.66 18.34 -28.62
N PHE C 315 31.00 17.54 -27.60
CA PHE C 315 32.06 17.96 -26.69
C PHE C 315 33.44 17.87 -27.32
N VAL C 316 33.63 16.97 -28.30
CA VAL C 316 34.89 16.93 -29.04
C VAL C 316 35.02 18.18 -29.92
N SER C 317 33.91 18.63 -30.48
CA SER C 317 33.93 19.75 -31.44
C SER C 317 34.44 21.04 -30.83
N VAL C 318 34.22 21.25 -29.52
CA VAL C 318 34.75 22.45 -28.88
C VAL C 318 36.19 22.30 -28.43
N GLY C 319 36.74 21.09 -28.49
CA GLY C 319 38.10 20.84 -28.08
C GLY C 319 38.27 20.11 -26.77
N LEU C 320 37.18 19.77 -26.09
CA LEU C 320 37.28 18.99 -24.87
C LEU C 320 37.65 17.54 -25.22
N PRO C 321 38.29 16.82 -24.29
CA PRO C 321 38.73 15.45 -24.59
C PRO C 321 37.57 14.49 -24.75
N ASN C 322 37.90 13.34 -25.35
CA ASN C 322 36.93 12.28 -25.54
C ASN C 322 36.55 11.65 -24.21
N MET C 323 35.42 10.93 -24.22
CA MET C 323 35.07 10.10 -23.09
C MET C 323 36.03 8.92 -22.99
N THR C 324 36.31 8.50 -21.76
CA THR C 324 37.29 7.45 -21.52
C THR C 324 36.75 6.10 -22.00
N GLU C 325 37.68 5.20 -22.26
CA GLU C 325 37.31 3.86 -22.71
C GLU C 325 36.55 3.11 -21.61
N GLY C 326 36.90 3.37 -20.35
CA GLY C 326 36.13 2.80 -19.26
C GLY C 326 34.72 3.37 -19.12
N PHE C 327 34.51 4.61 -19.59
CA PHE C 327 33.18 5.22 -19.52
C PHE C 327 32.17 4.47 -20.37
N TRP C 328 32.57 4.09 -21.59
CA TRP C 328 31.66 3.36 -22.46
C TRP C 328 31.41 1.94 -21.98
N ASN C 329 32.30 1.40 -21.16
CA ASN C 329 32.14 0.03 -20.67
C ASN C 329 31.28 -0.03 -19.43
N ASN C 330 31.64 0.75 -18.40
CA ASN C 330 31.09 0.54 -17.07
C ASN C 330 29.82 1.33 -16.79
N SER C 331 29.53 2.37 -17.56
CA SER C 331 28.37 3.20 -17.28
C SER C 331 27.08 2.52 -17.70
N MET C 332 26.01 2.84 -16.97
CA MET C 332 24.67 2.29 -17.25
C MET C 332 23.93 3.29 -18.13
N LEU C 333 24.24 3.24 -19.42
CA LEU C 333 23.67 4.19 -20.37
C LEU C 333 22.22 3.89 -20.71
N THR C 334 21.68 2.75 -20.29
CA THR C 334 20.29 2.41 -20.56
C THR C 334 19.79 1.49 -19.46
N GLU C 335 18.48 1.31 -19.41
CA GLU C 335 17.87 0.47 -18.38
C GLU C 335 18.22 -0.99 -18.64
N PRO C 336 18.67 -1.73 -17.62
CA PRO C 336 19.07 -3.12 -17.84
C PRO C 336 17.89 -4.02 -18.14
N GLY C 337 18.09 -4.93 -19.09
CA GLY C 337 17.01 -5.84 -19.48
C GLY C 337 16.82 -7.01 -18.54
N ASP C 338 17.86 -7.39 -17.80
CA ASP C 338 17.77 -8.51 -16.89
C ASP C 338 17.07 -8.08 -15.60
N GLY C 339 16.99 -9.02 -14.64
CA GLY C 339 16.32 -8.75 -13.39
C GLY C 339 17.15 -7.96 -12.40
N ARG C 340 17.56 -6.75 -12.79
CA ARG C 340 18.34 -5.86 -11.94
C ARG C 340 17.59 -4.54 -11.81
N LYS C 341 16.94 -4.34 -10.67
CA LYS C 341 16.23 -3.10 -10.43
C LYS C 341 17.22 -1.96 -10.17
N VAL C 342 16.95 -0.81 -10.78
CA VAL C 342 17.80 0.37 -10.65
C VAL C 342 16.94 1.56 -10.24
N VAL C 343 17.60 2.66 -9.91
CA VAL C 343 16.94 3.95 -9.76
C VAL C 343 17.02 4.69 -11.09
N CYS C 344 15.90 5.23 -11.53
CA CYS C 344 15.82 5.89 -12.83
C CYS C 344 15.94 7.40 -12.66
N HIS C 345 17.09 7.83 -12.15
CA HIS C 345 17.42 9.24 -12.01
C HIS C 345 18.74 9.50 -12.70
N PRO C 346 18.80 10.47 -13.62
CA PRO C 346 20.06 10.74 -14.34
C PRO C 346 21.11 11.33 -13.42
N THR C 347 22.24 10.65 -13.31
CA THR C 347 23.33 11.07 -12.43
C THR C 347 24.65 10.81 -13.12
N ALA C 348 25.59 11.74 -12.94
CA ALA C 348 26.96 11.58 -13.41
C ALA C 348 27.82 11.26 -12.21
N TRP C 349 28.60 10.18 -12.31
CA TRP C 349 29.34 9.65 -11.18
C TRP C 349 30.83 9.87 -11.38
N ASP C 350 31.46 10.52 -10.41
CA ASP C 350 32.91 10.61 -10.33
C ASP C 350 33.35 9.63 -9.26
N LEU C 351 33.63 8.39 -9.67
CA LEU C 351 33.94 7.33 -8.72
C LEU C 351 35.31 7.54 -8.09
N GLY C 352 36.22 8.18 -8.80
CA GLY C 352 37.58 8.31 -8.33
C GLY C 352 38.52 7.39 -9.08
N LYS C 353 39.82 7.72 -9.00
CA LYS C 353 40.90 7.03 -9.71
C LYS C 353 40.65 6.98 -11.22
N GLY C 354 40.12 8.08 -11.75
CA GLY C 354 39.88 8.18 -13.18
C GLY C 354 38.65 7.47 -13.69
N ASP C 355 37.75 7.03 -12.81
CA ASP C 355 36.55 6.30 -13.21
C ASP C 355 35.38 7.28 -13.27
N PHE C 356 34.86 7.50 -14.47
CA PHE C 356 33.73 8.40 -14.71
C PHE C 356 32.63 7.63 -15.40
N ARG C 357 31.44 7.62 -14.80
CA ARG C 357 30.30 6.87 -15.34
C ARG C 357 29.04 7.73 -15.29
N ILE C 358 28.10 7.40 -16.17
CA ILE C 358 26.79 8.03 -16.19
C ILE C 358 25.74 6.94 -15.97
N LYS C 359 24.87 7.14 -15.00
CA LYS C 359 23.81 6.20 -14.67
C LYS C 359 22.46 6.87 -14.97
N MET C 360 21.83 6.49 -16.07
CA MET C 360 20.52 7.01 -16.40
C MET C 360 19.79 6.01 -17.29
N CYS C 361 18.46 6.01 -17.19
CA CYS C 361 17.62 5.17 -18.03
C CYS C 361 17.23 5.97 -19.26
N THR C 362 18.06 5.91 -20.29
CA THR C 362 17.87 6.74 -21.48
C THR C 362 16.72 6.20 -22.31
N LYS C 363 15.67 7.00 -22.46
CA LYS C 363 14.65 6.77 -23.46
C LYS C 363 14.96 7.62 -24.69
N VAL C 364 14.31 7.30 -25.79
CA VAL C 364 14.55 8.02 -27.05
C VAL C 364 13.60 9.21 -27.05
N THR C 365 14.02 10.27 -26.35
CA THR C 365 13.27 11.50 -26.22
C THR C 365 14.24 12.68 -26.24
N MET C 366 13.73 13.85 -26.63
CA MET C 366 14.56 15.05 -26.66
C MET C 366 14.99 15.48 -25.25
N GLU C 367 14.12 15.23 -24.26
CA GLU C 367 14.49 15.53 -22.88
C GLU C 367 15.68 14.69 -22.44
N ASP C 368 15.71 13.41 -22.82
CA ASP C 368 16.86 12.56 -22.50
C ASP C 368 18.08 12.97 -23.31
N PHE C 369 17.89 13.53 -24.51
CA PHE C 369 18.99 14.05 -25.30
C PHE C 369 19.68 15.22 -24.59
N LEU C 370 18.88 16.19 -24.14
CA LEU C 370 19.44 17.32 -23.39
C LEU C 370 19.99 16.89 -22.04
N THR C 371 19.35 15.91 -21.39
CA THR C 371 19.87 15.41 -20.12
C THR C 371 21.19 14.68 -20.29
N ALA C 372 21.35 13.96 -21.41
CA ALA C 372 22.62 13.33 -21.71
C ALA C 372 23.72 14.37 -21.92
N HIS C 373 23.39 15.47 -22.59
CA HIS C 373 24.37 16.55 -22.73
C HIS C 373 24.71 17.18 -21.38
N HIS C 374 23.70 17.33 -20.51
CA HIS C 374 23.92 17.89 -19.17
C HIS C 374 24.86 17.01 -18.34
N GLU C 375 24.60 15.70 -18.34
CA GLU C 375 25.43 14.80 -17.56
C GLU C 375 26.82 14.63 -18.17
N MET C 376 26.93 14.72 -19.50
CA MET C 376 28.26 14.75 -20.09
C MET C 376 29.02 16.03 -19.74
N GLY C 377 28.31 17.15 -19.56
CA GLY C 377 28.97 18.35 -19.05
C GLY C 377 29.49 18.15 -17.64
N HIS C 378 28.71 17.48 -16.79
CA HIS C 378 29.18 17.13 -15.45
C HIS C 378 30.42 16.24 -15.51
N ILE C 379 30.40 15.24 -16.40
CA ILE C 379 31.53 14.32 -16.53
C ILE C 379 32.77 15.04 -17.06
N GLN C 380 32.58 15.99 -17.98
CA GLN C 380 33.70 16.77 -18.48
C GLN C 380 34.31 17.65 -17.40
N TYR C 381 33.47 18.23 -16.53
CA TYR C 381 34.00 18.96 -15.38
C TYR C 381 34.81 18.04 -14.47
N ASP C 382 34.30 16.83 -14.23
CA ASP C 382 35.01 15.88 -13.37
C ASP C 382 36.37 15.49 -13.97
N MET C 383 36.41 15.19 -15.26
CA MET C 383 37.66 14.84 -15.91
C MET C 383 38.62 16.02 -15.97
N ALA C 384 38.09 17.24 -16.02
CA ALA C 384 38.96 18.40 -16.05
C ALA C 384 39.63 18.63 -14.70
N TYR C 385 38.89 18.50 -13.60
CA TYR C 385 39.52 18.75 -12.31
C TYR C 385 40.08 17.48 -11.66
N ALA C 386 40.06 16.34 -12.36
CA ALA C 386 40.63 15.11 -11.80
C ALA C 386 42.13 15.20 -11.54
N SER C 387 42.84 16.14 -12.18
CA SER C 387 44.27 16.29 -11.93
C SER C 387 44.57 16.93 -10.58
N GLN C 388 43.60 17.62 -9.97
CA GLN C 388 43.82 18.29 -8.71
C GLN C 388 43.87 17.27 -7.56
N PRO C 389 44.42 17.67 -6.41
CA PRO C 389 44.31 16.83 -5.22
C PRO C 389 42.87 16.66 -4.79
N TYR C 390 42.64 15.65 -3.94
CA TYR C 390 41.29 15.12 -3.72
C TYR C 390 40.36 16.16 -3.08
N LEU C 391 40.89 16.98 -2.17
CA LEU C 391 40.06 18.00 -1.54
C LEU C 391 39.59 19.08 -2.50
N LEU C 392 40.37 19.32 -3.57
CA LEU C 392 40.06 20.37 -4.52
C LEU C 392 39.34 19.86 -5.76
N ARG C 393 38.96 18.57 -5.76
CA ARG C 393 38.26 17.98 -6.90
C ARG C 393 36.76 18.19 -6.76
N ASN C 394 36.35 19.44 -7.00
CA ASN C 394 34.95 19.82 -6.96
C ASN C 394 34.78 21.10 -7.77
N GLY C 395 33.54 21.55 -7.89
CA GLY C 395 33.29 22.82 -8.53
C GLY C 395 33.80 23.98 -7.69
N ALA C 396 33.93 25.15 -8.33
CA ALA C 396 34.47 26.31 -7.65
C ALA C 396 33.58 26.75 -6.50
N ASN C 397 32.26 26.71 -6.70
CA ASN C 397 31.30 26.75 -5.61
C ASN C 397 30.21 25.75 -5.94
N GLU C 398 29.14 25.74 -5.14
CA GLU C 398 28.11 24.74 -5.31
C GLU C 398 27.20 24.98 -6.52
N GLY C 399 27.32 26.13 -7.17
CA GLY C 399 26.49 26.39 -8.34
C GLY C 399 27.19 26.16 -9.66
N PHE C 400 28.52 26.07 -9.63
CA PHE C 400 29.31 26.02 -10.86
C PHE C 400 29.06 24.74 -11.66
N HIS C 401 28.92 23.60 -10.98
CA HIS C 401 28.77 22.33 -11.66
C HIS C 401 27.48 22.27 -12.46
N GLU C 402 26.37 22.59 -11.81
CA GLU C 402 25.08 22.60 -12.50
C GLU C 402 24.99 23.76 -13.49
N ALA C 403 25.70 24.86 -13.24
CA ALA C 403 25.76 25.93 -14.24
C ALA C 403 26.43 25.47 -15.52
N VAL C 404 27.52 24.70 -15.41
CA VAL C 404 28.19 24.17 -16.58
C VAL C 404 27.30 23.18 -17.32
N GLY C 405 26.65 22.28 -16.58
CA GLY C 405 25.72 21.35 -17.22
C GLY C 405 24.59 22.06 -17.95
N GLU C 406 24.00 23.07 -17.32
CA GLU C 406 22.89 23.78 -17.94
C GLU C 406 23.35 24.65 -19.11
N VAL C 407 24.59 25.15 -19.09
CA VAL C 407 25.00 25.98 -20.22
C VAL C 407 25.31 25.10 -21.44
N MET C 408 25.85 23.90 -21.23
CA MET C 408 25.98 22.99 -22.38
C MET C 408 24.61 22.55 -22.91
N SER C 409 23.66 22.29 -22.01
CA SER C 409 22.30 21.97 -22.45
C SER C 409 21.65 23.15 -23.17
N LEU C 410 21.98 24.37 -22.77
CA LEU C 410 21.47 25.57 -23.44
C LEU C 410 22.00 25.68 -24.86
N SER C 411 23.32 25.49 -25.01
CA SER C 411 23.92 25.63 -26.34
C SER C 411 23.48 24.51 -27.28
N VAL C 412 23.18 23.33 -26.75
CA VAL C 412 22.83 22.21 -27.61
C VAL C 412 21.43 22.37 -28.20
N ALA C 413 20.47 22.83 -27.40
CA ALA C 413 19.06 22.76 -27.76
C ALA C 413 18.62 23.81 -28.78
N THR C 414 19.55 24.53 -29.41
CA THR C 414 19.18 25.49 -30.43
C THR C 414 18.67 24.79 -31.68
N PRO C 415 17.71 25.38 -32.39
CA PRO C 415 17.25 24.78 -33.66
C PRO C 415 18.33 24.74 -34.73
N LYS C 416 19.30 25.66 -34.68
CA LYS C 416 20.41 25.62 -35.63
C LYS C 416 21.26 24.37 -35.44
N HIS C 417 21.50 23.98 -34.19
CA HIS C 417 22.26 22.77 -33.91
C HIS C 417 21.52 21.52 -34.39
N LEU C 418 20.20 21.47 -34.17
CA LEU C 418 19.41 20.33 -34.61
C LEU C 418 19.30 20.27 -36.13
N LYS C 419 19.28 21.42 -36.79
CA LYS C 419 19.30 21.43 -38.26
C LYS C 419 20.66 21.00 -38.80
N THR C 420 21.75 21.40 -38.12
CA THR C 420 23.09 20.99 -38.53
C THR C 420 23.26 19.49 -38.36
N MET C 421 22.77 18.93 -37.26
CA MET C 421 22.83 17.49 -37.04
C MET C 421 21.94 16.70 -37.97
N GLY C 422 21.01 17.36 -38.68
CA GLY C 422 20.06 16.67 -39.51
C GLY C 422 18.88 16.09 -38.76
N LEU C 423 18.80 16.31 -37.45
CA LEU C 423 17.70 15.77 -36.67
C LEU C 423 16.42 16.55 -36.92
N LEU C 424 16.50 17.87 -37.00
CA LEU C 424 15.37 18.70 -37.38
C LEU C 424 15.32 18.83 -38.89
N SER C 425 14.12 18.80 -39.44
CA SER C 425 13.94 18.94 -40.87
C SER C 425 14.35 20.34 -41.32
N PRO C 426 15.02 20.48 -42.47
CA PRO C 426 15.42 21.81 -42.94
C PRO C 426 14.28 22.66 -43.46
N ASP C 427 13.09 22.08 -43.64
CA ASP C 427 11.91 22.84 -44.03
C ASP C 427 11.32 23.64 -42.88
N PHE C 428 11.75 23.38 -41.65
CA PHE C 428 11.29 24.17 -40.51
C PHE C 428 11.84 25.59 -40.60
N ARG C 429 10.98 26.56 -40.34
CA ARG C 429 11.34 27.97 -40.39
C ARG C 429 11.17 28.60 -39.03
N GLU C 430 12.19 29.31 -38.57
CA GLU C 430 12.19 29.95 -37.26
C GLU C 430 11.75 31.40 -37.42
N ASP C 431 10.50 31.67 -37.07
CA ASP C 431 9.96 33.03 -37.11
C ASP C 431 10.08 33.66 -35.72
N ASP C 432 9.55 34.87 -35.60
CA ASP C 432 9.56 35.55 -34.31
C ASP C 432 8.55 34.95 -33.34
N GLU C 433 7.51 34.28 -33.84
CA GLU C 433 6.53 33.67 -32.96
C GLU C 433 7.12 32.49 -32.21
N THR C 434 7.91 31.65 -32.88
CA THR C 434 8.50 30.49 -32.23
C THR C 434 9.57 30.88 -31.23
N GLU C 435 10.30 31.96 -31.50
CA GLU C 435 11.30 32.46 -30.56
C GLU C 435 10.65 32.95 -29.27
N ILE C 436 9.51 33.62 -29.37
CA ILE C 436 8.78 34.07 -28.20
C ILE C 436 8.26 32.89 -27.39
N ASN C 437 7.77 31.85 -28.07
CA ASN C 437 7.32 30.65 -27.37
C ASN C 437 8.46 29.96 -26.65
N PHE C 438 9.62 29.84 -27.31
CA PHE C 438 10.78 29.24 -26.67
C PHE C 438 11.25 30.06 -25.47
N LEU C 439 11.27 31.38 -25.61
CA LEU C 439 11.74 32.24 -24.52
C LEU C 439 10.78 32.23 -23.35
N LEU C 440 9.46 32.13 -23.62
CA LEU C 440 8.50 32.06 -22.53
C LEU C 440 8.58 30.71 -21.82
N LYS C 441 8.76 29.63 -22.58
CA LYS C 441 8.95 28.32 -21.96
C LYS C 441 10.22 28.27 -21.13
N GLN C 442 11.26 29.00 -21.57
CA GLN C 442 12.47 29.10 -20.75
C GLN C 442 12.23 29.91 -19.49
N ALA C 443 11.47 31.01 -19.60
CA ALA C 443 11.29 31.91 -18.47
C ALA C 443 10.42 31.30 -17.38
N LEU C 444 9.48 30.43 -17.75
CA LEU C 444 8.65 29.78 -16.75
C LEU C 444 9.45 28.83 -15.87
N ASN C 445 10.59 28.34 -16.35
CA ASN C 445 11.47 27.49 -15.58
C ASN C 445 12.66 28.23 -14.98
N ILE C 446 13.13 29.29 -15.64
CA ILE C 446 14.33 30.00 -15.22
C ILE C 446 13.99 31.26 -14.42
N VAL C 447 13.11 32.10 -14.96
CA VAL C 447 12.79 33.35 -14.27
C VAL C 447 11.76 33.13 -13.18
N GLY C 448 10.82 32.20 -13.37
CA GLY C 448 9.79 31.96 -12.38
C GLY C 448 10.30 31.29 -11.12
N THR C 449 11.44 30.63 -11.18
CA THR C 449 11.98 29.94 -10.02
C THR C 449 12.91 30.80 -9.17
N LEU C 450 13.29 31.98 -9.65
CA LEU C 450 14.27 32.79 -8.93
C LEU C 450 13.68 33.51 -7.72
N PRO C 451 12.51 34.19 -7.79
CA PRO C 451 11.96 34.76 -6.55
C PRO C 451 11.60 33.73 -5.50
N PHE C 452 11.12 32.54 -5.92
CA PHE C 452 10.80 31.49 -4.96
C PHE C 452 12.04 31.00 -4.24
N THR C 453 13.11 30.74 -4.99
CA THR C 453 14.37 30.28 -4.39
C THR C 453 14.96 31.33 -3.46
N TYR C 454 14.98 32.59 -3.92
CA TYR C 454 15.51 33.68 -3.12
C TYR C 454 14.72 33.88 -1.84
N MET C 455 13.39 33.84 -1.94
CA MET C 455 12.55 34.05 -0.77
C MET C 455 12.67 32.90 0.21
N LEU C 456 12.75 31.66 -0.29
CA LEU C 456 12.87 30.52 0.61
C LEU C 456 14.21 30.54 1.35
N GLU C 457 15.29 30.86 0.64
CA GLU C 457 16.58 30.95 1.32
C GLU C 457 16.63 32.12 2.29
N LYS C 458 15.97 33.24 1.95
CA LYS C 458 15.90 34.37 2.87
C LYS C 458 15.14 34.00 4.13
N TRP C 459 14.01 33.29 3.99
CA TRP C 459 13.24 32.87 5.15
C TRP C 459 14.04 31.92 6.02
N ARG C 460 14.75 30.97 5.41
CA ARG C 460 15.56 30.04 6.19
C ARG C 460 16.72 30.73 6.89
N TRP C 461 17.34 31.70 6.22
CA TRP C 461 18.43 32.46 6.84
C TRP C 461 17.93 33.27 8.03
N MET C 462 16.77 33.92 7.90
CA MET C 462 16.25 34.69 9.02
C MET C 462 15.72 33.79 10.14
N VAL C 463 15.26 32.58 9.81
CA VAL C 463 14.84 31.65 10.85
C VAL C 463 16.05 31.15 11.64
N PHE C 464 17.13 30.77 10.94
CA PHE C 464 18.33 30.31 11.62
C PHE C 464 19.00 31.45 12.39
N LYS C 465 18.96 32.67 11.86
CA LYS C 465 19.56 33.80 12.53
C LYS C 465 18.80 34.18 13.80
N GLY C 466 17.49 33.95 13.81
CA GLY C 466 16.66 34.35 14.92
C GLY C 466 15.91 35.65 14.73
N GLU C 467 15.98 36.25 13.54
CA GLU C 467 15.21 37.45 13.27
C GLU C 467 13.72 37.16 13.22
N ILE C 468 13.33 35.96 12.82
CA ILE C 468 11.95 35.53 12.84
C ILE C 468 11.75 34.66 14.07
N PRO C 469 10.96 35.10 15.06
CA PRO C 469 10.70 34.26 16.23
C PRO C 469 9.85 33.06 15.87
N LYS C 470 9.85 32.08 16.79
CA LYS C 470 9.13 30.83 16.56
C LYS C 470 7.63 31.02 16.44
N GLU C 471 7.10 32.09 17.04
CA GLU C 471 5.68 32.38 17.00
C GLU C 471 5.26 33.19 15.79
N GLU C 472 6.20 33.51 14.90
CA GLU C 472 5.90 34.32 13.72
C GLU C 472 6.38 33.67 12.43
N TRP C 473 6.64 32.36 12.46
CA TRP C 473 7.20 31.67 11.29
C TRP C 473 6.26 31.73 10.10
N MET C 474 5.00 31.35 10.29
CA MET C 474 4.07 31.29 9.17
C MET C 474 3.63 32.68 8.76
N LYS C 475 3.50 33.59 9.73
CA LYS C 475 3.16 34.98 9.43
C LYS C 475 4.22 35.62 8.54
N LYS C 476 5.49 35.48 8.93
CA LYS C 476 6.57 36.04 8.12
C LYS C 476 6.68 35.34 6.77
N TRP C 477 6.52 34.01 6.75
CA TRP C 477 6.64 33.25 5.50
C TRP C 477 5.60 33.68 4.49
N TRP C 478 4.33 33.77 4.90
CA TRP C 478 3.29 34.19 3.99
C TRP C 478 3.23 35.70 3.83
N GLU C 479 4.05 36.45 4.56
CA GLU C 479 4.25 37.85 4.24
C GLU C 479 5.27 38.06 3.13
N MET C 480 6.43 37.40 3.19
CA MET C 480 7.36 37.58 2.10
C MET C 480 6.95 36.79 0.86
N ARG C 481 6.07 35.80 1.00
CA ARG C 481 5.49 35.18 -0.19
C ARG C 481 4.65 36.18 -0.99
N ARG C 482 3.88 37.02 -0.28
CA ARG C 482 3.10 38.04 -0.97
C ARG C 482 3.99 39.16 -1.50
N GLU C 483 4.94 39.63 -0.70
CA GLU C 483 5.66 40.83 -1.13
C GLU C 483 6.85 40.55 -2.04
N ILE C 484 7.34 39.32 -2.09
CA ILE C 484 8.48 38.97 -2.94
C ILE C 484 8.05 38.15 -4.14
N VAL C 485 7.37 37.02 -3.92
CA VAL C 485 6.97 36.16 -5.02
C VAL C 485 5.70 36.64 -5.67
N GLY C 486 4.91 37.46 -4.98
CA GLY C 486 3.60 37.84 -5.49
C GLY C 486 2.62 36.69 -5.50
N VAL C 487 2.64 35.87 -4.45
CA VAL C 487 1.82 34.67 -4.36
C VAL C 487 1.09 34.70 -3.02
N VAL C 488 -0.23 34.56 -3.07
CA VAL C 488 -1.07 34.64 -1.88
C VAL C 488 -1.57 33.25 -1.53
N GLU C 489 -1.68 32.98 -0.24
CA GLU C 489 -2.21 31.69 0.19
C GLU C 489 -3.72 31.65 -0.01
N PRO C 490 -4.27 30.50 -0.41
CA PRO C 490 -5.73 30.40 -0.52
C PRO C 490 -6.42 30.10 0.79
N VAL C 491 -5.69 29.65 1.80
CA VAL C 491 -6.25 29.30 3.10
C VAL C 491 -5.33 29.89 4.17
N PRO C 492 -5.86 30.57 5.19
CA PRO C 492 -5.00 31.10 6.25
C PRO C 492 -4.32 29.97 7.02
N HIS C 493 -3.05 30.18 7.34
CA HIS C 493 -2.25 29.20 8.07
C HIS C 493 -1.68 29.85 9.32
N ASP C 494 -2.00 29.29 10.47
CA ASP C 494 -1.48 29.77 11.74
C ASP C 494 -0.16 29.05 12.05
N GLU C 495 0.30 29.15 13.28
CA GLU C 495 1.61 28.62 13.66
C GLU C 495 1.61 27.10 13.85
N THR C 496 0.49 26.42 13.65
CA THR C 496 0.50 24.96 13.66
C THR C 496 1.01 24.37 12.35
N TYR C 497 1.04 25.17 11.29
CA TYR C 497 1.49 24.71 9.98
C TYR C 497 3.00 24.88 9.84
N CYS C 498 3.57 24.09 8.92
CA CYS C 498 4.97 24.28 8.50
C CYS C 498 4.99 24.12 6.98
N ASP C 499 4.76 25.22 6.27
CA ASP C 499 4.69 25.21 4.81
C ASP C 499 6.06 25.14 4.11
N PRO C 500 7.13 25.79 4.60
CA PRO C 500 8.46 25.49 4.01
C PRO C 500 8.85 24.03 4.11
N ALA C 501 8.55 23.36 5.22
CA ALA C 501 8.94 21.97 5.40
C ALA C 501 8.23 21.01 4.46
N SER C 502 7.17 21.47 3.79
CA SER C 502 6.51 20.67 2.76
C SER C 502 7.33 20.54 1.49
N LEU C 503 8.42 21.29 1.35
CA LEU C 503 9.34 21.14 0.23
C LEU C 503 10.37 20.07 0.57
N PHE C 504 10.92 19.45 -0.48
CA PHE C 504 11.88 18.37 -0.30
C PHE C 504 13.17 18.85 0.35
N HIS C 505 13.72 19.96 -0.15
CA HIS C 505 15.03 20.41 0.30
C HIS C 505 15.01 20.94 1.73
N VAL C 506 13.86 21.40 2.20
CA VAL C 506 13.76 21.89 3.57
C VAL C 506 13.62 20.72 4.54
N ALA C 507 12.79 19.73 4.20
CA ALA C 507 12.60 18.59 5.07
C ALA C 507 13.79 17.63 5.07
N ASN C 508 14.61 17.66 4.02
CA ASN C 508 15.74 16.76 3.90
C ASN C 508 17.08 17.45 4.14
N ASP C 509 17.07 18.66 4.70
CA ASP C 509 18.27 19.40 5.13
C ASP C 509 19.23 19.65 3.96
N TYR C 510 18.74 20.40 2.98
CA TYR C 510 19.53 20.76 1.81
C TYR C 510 19.53 22.26 1.62
N SER C 511 20.70 22.81 1.28
CA SER C 511 20.79 24.22 0.93
C SER C 511 20.09 24.48 -0.39
N PHE C 512 19.54 25.68 -0.53
CA PHE C 512 18.74 26.04 -1.69
C PHE C 512 19.31 27.17 -2.51
N ILE C 513 20.30 27.91 -2.01
CA ILE C 513 20.84 29.06 -2.74
C ILE C 513 21.70 28.64 -3.94
N ARG C 514 22.09 27.36 -4.01
CA ARG C 514 22.85 26.89 -5.15
C ARG C 514 22.02 26.95 -6.43
N TYR C 515 20.71 26.77 -6.34
CA TYR C 515 19.85 26.92 -7.51
C TYR C 515 19.72 28.38 -7.93
N TYR C 516 19.82 29.30 -6.96
CA TYR C 516 19.80 30.71 -7.29
C TYR C 516 21.07 31.13 -8.00
N THR C 517 22.23 30.73 -7.47
CA THR C 517 23.49 31.12 -8.08
C THR C 517 23.78 30.35 -9.36
N ARG C 518 23.19 29.17 -9.53
CA ARG C 518 23.40 28.37 -10.73
C ARG C 518 22.94 29.12 -11.98
N THR C 519 21.77 29.76 -11.90
CA THR C 519 21.22 30.46 -13.05
C THR C 519 22.08 31.65 -13.44
N ILE C 520 22.55 32.40 -12.44
CA ILE C 520 23.37 33.59 -12.69
C ILE C 520 24.68 33.17 -13.34
N PHE C 521 25.35 32.16 -12.77
CA PHE C 521 26.61 31.70 -13.32
C PHE C 521 26.42 31.08 -14.70
N GLU C 522 25.29 30.38 -14.89
CA GLU C 522 25.01 29.73 -16.17
C GLU C 522 24.87 30.75 -17.29
N PHE C 523 24.10 31.81 -17.06
CA PHE C 523 23.93 32.78 -18.12
C PHE C 523 25.15 33.68 -18.30
N GLN C 524 25.93 33.90 -17.23
CA GLN C 524 27.20 34.58 -17.38
C GLN C 524 28.15 33.77 -18.26
N PHE C 525 28.24 32.46 -18.01
CA PHE C 525 29.07 31.59 -18.84
C PHE C 525 28.57 31.54 -20.28
N HIS C 526 27.25 31.53 -20.46
CA HIS C 526 26.69 31.50 -21.82
C HIS C 526 27.05 32.76 -22.60
N GLU C 527 26.91 33.93 -21.96
CA GLU C 527 27.24 35.17 -22.65
C GLU C 527 28.73 35.24 -22.96
N ALA C 528 29.59 34.81 -22.02
CA ALA C 528 31.03 34.82 -22.25
C ALA C 528 31.41 33.89 -23.40
N LEU C 529 30.89 32.66 -23.39
CA LEU C 529 31.26 31.68 -24.41
C LEU C 529 30.68 32.04 -25.78
N CYS C 530 29.52 32.69 -25.81
CA CYS C 530 28.98 33.13 -27.09
C CYS C 530 29.73 34.34 -27.62
N ARG C 531 30.26 35.19 -26.72
CA ARG C 531 31.11 36.28 -27.16
C ARG C 531 32.43 35.75 -27.72
N ILE C 532 33.00 34.71 -27.09
CA ILE C 532 34.25 34.14 -27.59
C ILE C 532 34.03 33.43 -28.93
N ALA C 533 32.92 32.70 -29.07
CA ALA C 533 32.64 31.95 -30.27
C ALA C 533 32.12 32.80 -31.43
N GLN C 534 32.23 34.13 -31.32
CA GLN C 534 31.92 35.08 -32.40
C GLN C 534 30.47 34.97 -32.86
N HIS C 535 29.56 34.76 -31.92
CA HIS C 535 28.14 34.80 -32.23
C HIS C 535 27.68 36.25 -32.34
N ASN C 536 26.94 36.55 -33.41
CA ASN C 536 26.55 37.92 -33.70
C ASN C 536 25.07 38.20 -33.51
N GLY C 537 24.22 37.18 -33.51
CA GLY C 537 22.80 37.38 -33.40
C GLY C 537 22.33 37.51 -31.96
N PRO C 538 21.06 37.20 -31.71
CA PRO C 538 20.56 37.20 -30.33
C PRO C 538 21.19 36.09 -29.51
N LEU C 539 21.23 36.32 -28.19
CA LEU C 539 21.95 35.40 -27.30
C LEU C 539 21.25 34.05 -27.19
N HIS C 540 19.93 34.01 -27.38
CA HIS C 540 19.21 32.75 -27.23
C HIS C 540 19.31 31.85 -28.46
N LYS C 541 19.90 32.33 -29.55
CA LYS C 541 20.09 31.54 -30.76
C LYS C 541 21.57 31.20 -30.98
N CYS C 542 22.34 31.06 -29.91
CA CYS C 542 23.78 30.91 -30.00
C CYS C 542 24.17 29.45 -29.77
N ASP C 543 25.05 28.95 -30.63
CA ASP C 543 25.62 27.61 -30.52
C ASP C 543 27.13 27.74 -30.53
N ILE C 544 27.79 27.09 -29.58
CA ILE C 544 29.23 27.15 -29.45
C ILE C 544 29.91 25.94 -30.07
N SER C 545 29.20 25.21 -30.93
CA SER C 545 29.75 24.03 -31.58
C SER C 545 30.87 24.42 -32.55
N ASN C 546 31.75 23.44 -32.81
CA ASN C 546 33.01 23.52 -33.57
C ASN C 546 33.82 24.78 -33.30
N SER C 547 33.80 25.27 -32.07
CA SER C 547 34.54 26.48 -31.68
C SER C 547 35.61 26.09 -30.66
N THR C 548 36.87 26.22 -31.05
CA THR C 548 37.96 25.77 -30.20
C THR C 548 38.38 26.81 -29.17
N ASP C 549 38.15 28.09 -29.43
CA ASP C 549 38.53 29.12 -28.45
C ASP C 549 37.60 29.11 -27.24
N ALA C 550 36.30 28.98 -27.49
CA ALA C 550 35.34 28.88 -26.39
C ALA C 550 35.57 27.62 -25.57
N GLY C 551 35.83 26.50 -26.24
CA GLY C 551 36.16 25.28 -25.53
C GLY C 551 37.47 25.37 -24.77
N LYS C 552 38.45 26.10 -25.32
CA LYS C 552 39.72 26.28 -24.62
C LYS C 552 39.55 27.08 -23.34
N LYS C 553 38.80 28.19 -23.41
CA LYS C 553 38.57 28.98 -22.21
C LYS C 553 37.67 28.24 -21.22
N LEU C 554 36.72 27.45 -21.72
CA LEU C 554 35.89 26.63 -20.83
C LEU C 554 36.73 25.58 -20.11
N HIS C 555 37.67 24.94 -20.83
CA HIS C 555 38.55 23.96 -20.21
C HIS C 555 39.49 24.61 -19.21
N GLN C 556 39.93 25.84 -19.49
CA GLN C 556 40.72 26.59 -18.52
C GLN C 556 39.93 26.86 -17.25
N MET C 557 38.64 27.18 -17.40
CA MET C 557 37.79 27.36 -16.23
C MET C 557 37.58 26.05 -15.47
N LEU C 558 37.32 24.96 -16.19
CA LEU C 558 36.99 23.69 -15.55
C LEU C 558 38.19 23.00 -14.93
N SER C 559 39.41 23.29 -15.40
CA SER C 559 40.59 22.59 -14.90
C SER C 559 40.89 22.94 -13.45
N VAL C 560 40.78 24.22 -13.09
CA VAL C 560 40.98 24.65 -11.71
C VAL C 560 39.69 24.35 -10.94
N GLY C 561 39.69 23.24 -10.22
CA GLY C 561 38.52 22.84 -9.47
C GLY C 561 38.25 23.73 -8.26
N LYS C 562 39.12 23.63 -7.25
CA LYS C 562 39.03 24.48 -6.07
C LYS C 562 40.40 25.00 -5.67
N SER C 563 41.37 24.95 -6.59
CA SER C 563 42.72 25.39 -6.27
C SER C 563 42.83 26.89 -6.08
N GLN C 564 41.85 27.66 -6.57
CA GLN C 564 41.85 29.10 -6.42
C GLN C 564 40.45 29.55 -6.04
N ALA C 565 40.30 30.85 -5.83
CA ALA C 565 39.00 31.43 -5.49
C ALA C 565 38.05 31.35 -6.68
N TRP C 566 36.76 31.19 -6.37
CA TRP C 566 35.77 31.17 -7.44
C TRP C 566 35.63 32.53 -8.10
N THR C 567 35.92 33.61 -7.37
CA THR C 567 35.92 34.94 -7.97
C THR C 567 37.02 35.08 -9.00
N LYS C 568 38.20 34.52 -8.73
CA LYS C 568 39.29 34.56 -9.70
C LYS C 568 38.97 33.75 -10.94
N THR C 569 38.38 32.57 -10.77
CA THR C 569 37.99 31.74 -11.91
C THR C 569 36.90 32.43 -12.74
N LEU C 570 35.94 33.05 -12.07
CA LEU C 570 34.88 33.78 -12.77
C LEU C 570 35.45 34.97 -13.53
N GLU C 571 36.39 35.70 -12.93
CA GLU C 571 37.05 36.80 -13.64
C GLU C 571 37.89 36.29 -14.80
N ASP C 572 38.41 35.07 -14.69
CA ASP C 572 39.16 34.48 -15.79
C ASP C 572 38.25 34.16 -16.97
N ILE C 573 37.07 33.61 -16.71
CA ILE C 573 36.21 33.17 -17.82
C ILE C 573 35.37 34.32 -18.38
N VAL C 574 34.72 35.11 -17.53
CA VAL C 574 33.78 36.12 -18.02
C VAL C 574 34.31 37.55 -17.89
N GLY C 575 35.43 37.76 -17.21
CA GLY C 575 35.99 39.08 -17.09
C GLY C 575 35.46 39.91 -15.94
N SER C 576 34.59 39.35 -15.11
CA SER C 576 34.02 40.08 -13.97
C SER C 576 34.21 39.24 -12.72
N ARG C 577 34.56 39.92 -11.62
CA ARG C 577 34.80 39.26 -10.34
C ARG C 577 33.52 39.03 -9.54
N ASN C 578 32.40 39.61 -9.94
CA ASN C 578 31.17 39.53 -9.18
C ASN C 578 30.09 38.83 -9.99
N MET C 579 29.07 38.36 -9.28
CA MET C 579 27.91 37.78 -9.95
C MET C 579 27.10 38.89 -10.61
N ASP C 580 26.82 38.71 -11.89
CA ASP C 580 26.11 39.71 -12.69
C ASP C 580 24.92 39.06 -13.36
N VAL C 581 23.75 39.70 -13.25
CA VAL C 581 22.53 39.20 -13.85
C VAL C 581 22.23 39.86 -15.19
N GLY C 582 23.09 40.79 -15.63
CA GLY C 582 22.99 41.40 -16.94
C GLY C 582 22.96 40.45 -18.13
N PRO C 583 23.80 39.41 -18.16
CA PRO C 583 23.62 38.38 -19.19
C PRO C 583 22.26 37.70 -19.19
N LEU C 584 21.68 37.48 -17.99
CA LEU C 584 20.35 36.88 -17.92
C LEU C 584 19.29 37.80 -18.51
N LEU C 585 19.39 39.10 -18.24
CA LEU C 585 18.43 40.04 -18.81
C LEU C 585 18.65 40.25 -20.30
N ARG C 586 19.90 40.12 -20.76
CA ARG C 586 20.15 40.19 -22.19
C ARG C 586 19.66 38.95 -22.92
N TYR C 587 19.64 37.80 -22.24
CA TYR C 587 19.07 36.60 -22.82
C TYR C 587 17.58 36.74 -23.07
N PHE C 588 16.86 37.32 -22.12
CA PHE C 588 15.40 37.42 -22.18
C PHE C 588 14.94 38.78 -22.68
N GLU C 589 15.82 39.54 -23.35
CA GLU C 589 15.45 40.87 -23.82
C GLU C 589 14.34 40.90 -24.86
N PRO C 590 14.32 40.06 -25.92
CA PRO C 590 13.15 40.08 -26.80
C PRO C 590 11.87 39.66 -26.10
N LEU C 591 11.95 38.70 -25.18
CA LEU C 591 10.79 38.32 -24.41
C LEU C 591 10.36 39.44 -23.48
N TYR C 592 11.31 40.17 -22.90
CA TYR C 592 10.98 41.31 -22.07
C TYR C 592 10.26 42.39 -22.85
N THR C 593 10.73 42.67 -24.07
CA THR C 593 10.07 43.66 -24.92
C THR C 593 8.66 43.21 -25.30
N TRP C 594 8.51 41.93 -25.65
CA TRP C 594 7.19 41.41 -26.00
C TRP C 594 6.25 41.41 -24.81
N LEU C 595 6.76 41.12 -23.61
CA LEU C 595 5.94 41.13 -22.41
C LEU C 595 5.51 42.55 -22.05
N GLN C 596 6.40 43.53 -22.23
CA GLN C 596 6.03 44.92 -22.03
C GLN C 596 4.99 45.37 -23.05
N GLU C 597 5.05 44.85 -24.28
CA GLU C 597 4.03 45.16 -25.26
C GLU C 597 2.69 44.52 -24.89
N GLN C 598 2.71 43.29 -24.40
CA GLN C 598 1.47 42.59 -24.08
C GLN C 598 0.81 43.11 -22.81
N ASN C 599 1.61 43.55 -21.83
CA ASN C 599 1.08 44.06 -20.57
C ASN C 599 0.77 45.55 -20.65
N ARG C 600 0.06 45.94 -21.70
CA ARG C 600 -0.33 47.33 -21.91
C ARG C 600 -1.74 47.63 -21.40
N LYS C 601 -2.68 46.73 -21.66
CA LYS C 601 -4.04 46.85 -21.15
C LYS C 601 -4.21 46.22 -19.77
N SER C 602 -3.18 45.57 -19.25
CA SER C 602 -3.22 44.89 -17.97
C SER C 602 -2.48 45.71 -16.92
N TYR C 603 -2.50 45.22 -15.69
CA TYR C 603 -1.85 45.88 -14.57
C TYR C 603 -0.58 45.12 -14.21
N VAL C 604 0.53 45.84 -14.12
CA VAL C 604 1.83 45.25 -13.80
C VAL C 604 2.12 45.52 -12.33
N GLY C 605 2.37 44.46 -11.57
CA GLY C 605 2.57 44.55 -10.14
C GLY C 605 1.42 43.90 -9.39
N TRP C 606 1.56 43.91 -8.07
CA TRP C 606 0.55 43.29 -7.22
C TRP C 606 0.47 44.05 -5.90
N ASN C 607 -0.66 43.92 -5.24
CA ASN C 607 -0.86 44.42 -3.89
C ASN C 607 -0.99 43.24 -2.93
N THR C 608 -0.46 43.41 -1.73
CA THR C 608 -0.38 42.31 -0.76
C THR C 608 -1.55 42.28 0.21
N ASP C 609 -2.71 42.80 -0.20
CA ASP C 609 -3.90 42.83 0.64
C ASP C 609 -4.97 41.84 0.21
N TRP C 610 -5.12 41.60 -1.09
CA TRP C 610 -6.16 40.70 -1.57
C TRP C 610 -5.80 39.25 -1.27
N SER C 611 -6.81 38.48 -0.88
CA SER C 611 -6.73 37.05 -0.67
C SER C 611 -7.97 36.42 -1.27
N PRO C 612 -7.94 35.12 -1.59
CA PRO C 612 -9.18 34.44 -1.99
C PRO C 612 -10.26 34.46 -0.91
N TYR C 613 -9.87 34.53 0.35
CA TYR C 613 -10.81 34.58 1.48
C TYR C 613 -11.01 35.99 2.01
N SER C 614 -10.38 37.00 1.42
CA SER C 614 -10.39 38.33 2.01
C SER C 614 -11.74 39.03 1.82
N ASP C 615 -12.43 38.76 0.71
CA ASP C 615 -13.68 39.45 0.45
C ASP C 615 -14.80 38.96 1.35
N GLN C 616 -14.75 37.71 1.78
CA GLN C 616 -15.81 37.10 2.57
C GLN C 616 -15.48 37.02 4.05
N SER C 617 -14.41 37.66 4.49
CA SER C 617 -14.02 37.63 5.90
C SER C 617 -14.70 38.75 6.66
N ILE C 618 -14.98 38.49 7.94
CA ILE C 618 -15.65 39.44 8.82
C ILE C 618 -14.64 39.90 9.87
N LYS C 619 -14.46 41.21 9.98
CA LYS C 619 -13.55 41.78 10.97
C LYS C 619 -14.19 41.77 12.35
N VAL C 620 -13.47 41.22 13.33
CA VAL C 620 -13.93 41.17 14.71
C VAL C 620 -12.97 41.99 15.55
N ARG C 621 -13.51 42.99 16.23
CA ARG C 621 -12.71 43.88 17.07
C ARG C 621 -12.94 43.51 18.53
N ILE C 622 -11.86 43.26 19.26
CA ILE C 622 -11.95 42.85 20.66
C ILE C 622 -11.90 44.10 21.52
N SER C 623 -12.97 44.36 22.27
CA SER C 623 -13.05 45.49 23.17
C SER C 623 -13.25 44.98 24.59
N LEU C 624 -12.47 45.52 25.53
CA LEU C 624 -12.56 45.10 26.92
C LEU C 624 -12.22 46.25 27.86
N GLU C 634 -7.59 39.00 27.84
CA GLU C 634 -7.26 37.64 28.24
C GLU C 634 -7.58 36.66 27.11
N TRP C 635 -7.83 37.20 25.92
CA TRP C 635 -8.31 36.42 24.78
C TRP C 635 -7.14 35.60 24.22
N ASN C 636 -6.88 34.46 24.88
CA ASN C 636 -5.82 33.56 24.49
C ASN C 636 -6.36 32.51 23.52
N ASP C 637 -5.58 31.44 23.29
CA ASP C 637 -5.94 30.44 22.29
C ASP C 637 -7.19 29.66 22.68
N ASN C 638 -7.43 29.47 23.97
CA ASN C 638 -8.66 28.81 24.41
C ASN C 638 -9.88 29.67 24.09
N GLU C 639 -9.75 30.98 24.23
CA GLU C 639 -10.84 31.87 23.83
C GLU C 639 -11.03 31.87 22.32
N MET C 640 -9.94 31.73 21.55
CA MET C 640 -10.06 31.55 20.11
C MET C 640 -10.83 30.27 19.78
N TYR C 641 -10.54 29.18 20.50
CA TYR C 641 -11.25 27.93 20.26
C TYR C 641 -12.72 28.05 20.62
N LEU C 642 -13.03 28.72 21.73
CA LEU C 642 -14.42 28.92 22.12
C LEU C 642 -15.15 29.81 21.11
N PHE C 643 -14.47 30.83 20.58
CA PHE C 643 -15.08 31.68 19.56
C PHE C 643 -15.36 30.90 18.28
N ARG C 644 -14.42 30.07 17.85
CA ARG C 644 -14.63 29.28 16.64
C ARG C 644 -15.75 28.28 16.83
N SER C 645 -15.84 27.68 18.02
CA SER C 645 -16.93 26.75 18.31
C SER C 645 -18.28 27.46 18.34
N SER C 646 -18.34 28.65 18.93
CA SER C 646 -19.58 29.41 18.95
C SER C 646 -20.01 29.83 17.54
N VAL C 647 -19.05 30.20 16.71
CA VAL C 647 -19.36 30.56 15.32
C VAL C 647 -19.86 29.34 14.56
N ALA C 648 -19.25 28.18 14.78
CA ALA C 648 -19.70 26.95 14.13
C ALA C 648 -21.10 26.57 14.58
N TYR C 649 -21.40 26.74 15.87
CA TYR C 649 -22.75 26.49 16.37
C TYR C 649 -23.76 27.45 15.74
N ALA C 650 -23.37 28.72 15.59
CA ALA C 650 -24.26 29.70 14.96
C ALA C 650 -24.52 29.35 13.50
N MET C 651 -23.50 28.88 12.80
CA MET C 651 -23.68 28.45 11.41
C MET C 651 -24.59 27.24 11.32
N ARG C 652 -24.44 26.28 12.24
CA ARG C 652 -25.31 25.12 12.28
C ARG C 652 -26.76 25.53 12.51
N GLU C 653 -26.98 26.43 13.47
CA GLU C 653 -28.33 26.89 13.79
C GLU C 653 -28.94 27.66 12.63
N TYR C 654 -28.15 28.51 11.97
CA TYR C 654 -28.65 29.29 10.84
C TYR C 654 -29.03 28.38 9.66
N PHE C 655 -28.17 27.42 9.34
CA PHE C 655 -28.48 26.53 8.22
C PHE C 655 -29.61 25.55 8.55
N LEU C 656 -29.81 25.23 9.83
CA LEU C 656 -30.95 24.40 10.19
C LEU C 656 -32.26 25.20 10.15
N LYS C 657 -32.25 26.43 10.65
CA LYS C 657 -33.47 27.20 10.81
C LYS C 657 -33.82 28.05 9.60
N THR C 658 -32.94 28.15 8.60
CA THR C 658 -33.19 28.96 7.43
C THR C 658 -33.33 28.13 6.16
N LYS C 659 -32.33 27.31 5.84
CA LYS C 659 -32.34 26.52 4.62
C LYS C 659 -32.78 25.08 4.84
N ASN C 660 -33.14 24.72 6.09
CA ASN C 660 -33.55 23.36 6.47
C ASN C 660 -32.49 22.33 6.09
N GLN C 661 -31.22 22.68 6.30
CA GLN C 661 -30.09 21.82 5.97
C GLN C 661 -29.31 21.50 7.23
N THR C 662 -28.88 20.25 7.34
CA THR C 662 -28.07 19.79 8.47
C THR C 662 -26.63 19.71 8.00
N ILE C 663 -25.84 20.74 8.31
CA ILE C 663 -24.45 20.80 7.95
C ILE C 663 -23.64 20.89 9.24
N LEU C 664 -22.72 19.94 9.44
CA LEU C 664 -22.00 19.81 10.70
C LEU C 664 -20.75 20.67 10.67
N PHE C 665 -20.95 21.97 10.88
CA PHE C 665 -19.84 22.89 11.00
C PHE C 665 -19.07 22.63 12.28
N GLY C 666 -17.73 22.65 12.18
CA GLY C 666 -16.87 22.48 13.32
C GLY C 666 -15.98 23.70 13.53
N ASP C 667 -15.20 23.63 14.61
CA ASP C 667 -14.26 24.71 14.90
C ASP C 667 -13.13 24.76 13.89
N GLU C 668 -12.84 23.65 13.21
CA GLU C 668 -11.82 23.63 12.17
C GLU C 668 -12.30 24.24 10.86
N ASN C 669 -13.59 24.50 10.73
CA ASN C 669 -14.14 25.14 9.54
C ASN C 669 -14.19 26.66 9.66
N VAL C 670 -13.77 27.21 10.79
CA VAL C 670 -13.70 28.65 11.00
C VAL C 670 -12.23 29.03 10.98
N TRP C 671 -11.85 29.89 10.03
CA TRP C 671 -10.46 30.24 9.80
C TRP C 671 -10.20 31.66 10.28
N VAL C 672 -9.15 31.83 11.07
CA VAL C 672 -8.80 33.12 11.67
C VAL C 672 -7.58 33.66 10.94
N SER C 673 -7.68 34.91 10.47
CA SER C 673 -6.60 35.56 9.76
C SER C 673 -6.41 36.96 10.31
N ASN C 674 -5.21 37.51 10.06
CA ASN C 674 -4.81 38.86 10.49
C ASN C 674 -4.97 39.04 12.00
N LEU C 675 -4.53 38.04 12.75
CA LEU C 675 -4.75 38.01 14.20
C LEU C 675 -3.76 38.94 14.89
N LYS C 676 -4.25 40.10 15.30
CA LYS C 676 -3.54 40.87 16.32
C LYS C 676 -3.67 40.13 17.66
N PRO C 677 -2.66 40.22 18.53
CA PRO C 677 -2.66 39.38 19.74
C PRO C 677 -3.84 39.62 20.68
N ARG C 678 -4.29 40.86 20.83
CA ARG C 678 -5.48 41.12 21.63
C ARG C 678 -6.36 42.22 21.07
N ILE C 679 -6.05 42.75 19.88
CA ILE C 679 -6.78 43.90 19.36
C ILE C 679 -7.94 43.44 18.49
N SER C 680 -7.64 42.73 17.41
CA SER C 680 -8.66 42.36 16.44
C SER C 680 -8.16 41.19 15.59
N PHE C 681 -9.08 40.62 14.83
CA PHE C 681 -8.77 39.58 13.85
C PHE C 681 -9.89 39.53 12.83
N ASN C 682 -9.69 38.73 11.79
CA ASN C 682 -10.71 38.47 10.78
C ASN C 682 -11.01 36.98 10.75
N PHE C 683 -12.28 36.64 10.51
CA PHE C 683 -12.67 35.25 10.41
C PHE C 683 -13.58 35.04 9.22
N HIS C 684 -13.52 33.83 8.66
CA HIS C 684 -14.43 33.42 7.60
C HIS C 684 -14.69 31.93 7.76
N VAL C 685 -15.83 31.49 7.24
CA VAL C 685 -16.29 30.12 7.42
C VAL C 685 -16.27 29.39 6.09
N THR C 686 -15.70 28.19 6.09
CA THR C 686 -15.74 27.30 4.94
C THR C 686 -16.65 26.12 5.26
N SER C 687 -17.17 25.50 4.20
CA SER C 687 -18.04 24.36 4.37
C SER C 687 -17.24 23.14 4.82
N PRO C 688 -17.90 22.17 5.51
CA PRO C 688 -17.22 20.97 5.93
C PRO C 688 -17.02 20.13 4.70
N GLU C 689 -15.82 19.59 4.52
CA GLU C 689 -15.51 18.67 3.39
C GLU C 689 -15.35 19.41 2.04
N ASN C 690 -15.16 20.73 2.07
CA ASN C 690 -14.92 21.47 0.81
C ASN C 690 -14.26 22.78 1.18
N VAL C 691 -12.95 22.74 1.37
CA VAL C 691 -12.26 23.95 1.83
C VAL C 691 -12.36 25.07 0.80
N SER C 692 -12.71 24.74 -0.44
CA SER C 692 -12.92 25.75 -1.46
C SER C 692 -14.25 26.47 -1.31
N ASP C 693 -15.22 25.86 -0.65
CA ASP C 693 -16.56 26.42 -0.52
C ASP C 693 -16.59 27.36 0.67
N ILE C 694 -16.28 28.63 0.41
CA ILE C 694 -16.35 29.66 1.44
C ILE C 694 -17.78 30.15 1.55
N ILE C 695 -18.32 30.13 2.77
CA ILE C 695 -19.68 30.63 3.01
C ILE C 695 -19.71 32.13 2.73
N PRO C 696 -20.72 32.64 2.03
CA PRO C 696 -20.80 34.09 1.76
C PRO C 696 -20.93 34.90 3.03
N ARG C 697 -20.41 36.13 2.97
CA ARG C 697 -20.33 36.99 4.16
C ARG C 697 -21.72 37.36 4.68
N SER C 698 -22.69 37.51 3.78
CA SER C 698 -24.05 37.81 4.21
C SER C 698 -24.65 36.67 5.02
N GLU C 699 -24.37 35.42 4.63
CA GLU C 699 -24.87 34.27 5.37
C GLU C 699 -24.27 34.20 6.77
N VAL C 700 -22.96 34.45 6.88
CA VAL C 700 -22.32 34.42 8.19
C VAL C 700 -22.79 35.58 9.05
N GLU C 701 -23.02 36.75 8.44
CA GLU C 701 -23.53 37.90 9.18
C GLU C 701 -24.94 37.63 9.71
N GLY C 702 -25.79 37.01 8.89
CA GLY C 702 -27.11 36.62 9.36
C GLY C 702 -27.05 35.56 10.44
N ALA C 703 -26.08 34.64 10.35
CA ALA C 703 -25.90 33.63 11.38
C ALA C 703 -25.48 34.28 12.71
N ILE C 704 -24.58 35.26 12.65
CA ILE C 704 -24.17 35.97 13.86
C ILE C 704 -25.33 36.76 14.43
N ARG C 705 -26.12 37.42 13.57
CA ARG C 705 -27.25 38.21 14.03
C ARG C 705 -28.33 37.35 14.67
N MET C 706 -28.59 36.17 14.11
CA MET C 706 -29.62 35.30 14.66
C MET C 706 -29.22 34.73 16.02
N SER C 707 -27.99 34.28 16.14
CA SER C 707 -27.49 33.66 17.37
C SER C 707 -26.58 34.60 18.15
N ARG C 708 -26.91 35.88 18.17
CA ARG C 708 -26.05 36.87 18.84
C ARG C 708 -26.05 36.71 20.35
N SER C 709 -27.15 36.22 20.92
CA SER C 709 -27.28 36.14 22.37
C SER C 709 -26.29 35.14 22.97
N ARG C 710 -26.20 33.95 22.40
CA ARG C 710 -25.30 32.93 22.94
C ARG C 710 -23.84 33.31 22.75
N ILE C 711 -23.51 33.87 21.58
CA ILE C 711 -22.13 34.25 21.30
C ILE C 711 -21.70 35.40 22.21
N ASN C 712 -22.57 36.40 22.40
CA ASN C 712 -22.23 37.52 23.28
C ASN C 712 -22.16 37.08 24.73
N ASP C 713 -23.07 36.20 25.16
CA ASP C 713 -23.10 35.78 26.56
C ASP C 713 -21.94 34.85 26.90
N ALA C 714 -21.50 34.03 25.96
CA ALA C 714 -20.43 33.07 26.21
C ALA C 714 -19.08 33.75 26.49
N PHE C 715 -18.94 35.04 26.21
CA PHE C 715 -17.72 35.78 26.51
C PHE C 715 -17.96 36.92 27.48
N ARG C 716 -19.16 37.00 28.07
CA ARG C 716 -19.54 38.02 29.06
C ARG C 716 -19.36 39.44 28.52
N LEU C 717 -19.99 39.69 27.37
CA LEU C 717 -19.91 41.01 26.74
C LEU C 717 -21.16 41.25 25.91
N ASP C 718 -21.38 42.50 25.56
CA ASP C 718 -22.53 42.90 24.77
C ASP C 718 -22.13 43.00 23.30
N ASP C 719 -23.06 43.47 22.46
CA ASP C 719 -22.79 43.63 21.03
C ASP C 719 -21.91 44.82 20.73
N ASN C 720 -21.71 45.73 21.68
CA ASN C 720 -20.79 46.85 21.47
C ASN C 720 -19.34 46.41 21.59
N SER C 721 -19.06 45.41 22.43
CA SER C 721 -17.67 44.95 22.60
C SER C 721 -17.20 44.21 21.35
N LEU C 722 -18.01 43.28 20.85
CA LEU C 722 -17.70 42.53 19.64
C LEU C 722 -18.46 43.17 18.49
N GLU C 723 -17.75 43.94 17.66
CA GLU C 723 -18.41 44.80 16.70
C GLU C 723 -19.06 44.01 15.57
N PHE C 724 -18.34 43.01 15.03
CA PHE C 724 -18.79 42.19 13.91
C PHE C 724 -19.19 43.05 12.71
N LEU C 725 -18.22 43.84 12.24
CA LEU C 725 -18.45 44.77 11.15
C LEU C 725 -18.67 44.05 9.82
N PRO D 19 -20.41 -59.31 -32.16
CA PRO D 19 -19.71 -60.51 -32.62
C PRO D 19 -18.48 -60.20 -33.47
N PHE D 20 -18.59 -59.18 -34.32
CA PHE D 20 -17.49 -58.77 -35.18
C PHE D 20 -16.73 -57.62 -34.55
N SER D 21 -15.44 -57.51 -34.91
CA SER D 21 -14.59 -56.49 -34.31
C SER D 21 -14.92 -55.10 -34.85
N GLU D 22 -15.51 -55.02 -36.05
CA GLU D 22 -15.84 -53.71 -36.62
C GLU D 22 -16.98 -53.03 -35.86
N VAL D 23 -17.91 -53.81 -35.32
CA VAL D 23 -19.00 -53.24 -34.55
C VAL D 23 -18.49 -52.64 -33.25
N PHE D 24 -17.66 -53.40 -32.52
CA PHE D 24 -17.18 -52.94 -31.22
C PHE D 24 -16.10 -51.87 -31.34
N ASN D 25 -15.28 -51.92 -32.39
CA ASN D 25 -14.16 -51.00 -32.55
C ASN D 25 -14.44 -49.91 -33.57
N ALA D 26 -15.71 -49.58 -33.80
CA ALA D 26 -16.05 -48.50 -34.71
C ALA D 26 -15.63 -47.15 -34.13
N THR D 27 -15.10 -46.29 -34.99
CA THR D 27 -14.61 -45.00 -34.53
C THR D 27 -15.73 -44.09 -34.08
N THR D 28 -16.84 -44.07 -34.82
CA THR D 28 -17.98 -43.21 -34.50
C THR D 28 -19.21 -44.07 -34.20
N PHE D 29 -19.77 -43.86 -33.01
CA PHE D 29 -21.04 -44.45 -32.60
C PHE D 29 -22.08 -43.34 -32.59
N ALA D 30 -23.22 -43.58 -33.21
CA ALA D 30 -24.24 -42.55 -33.26
C ALA D 30 -25.02 -42.49 -31.94
N SER D 31 -25.98 -41.57 -31.89
CA SER D 31 -26.66 -41.24 -30.66
C SER D 31 -27.65 -42.32 -30.26
N VAL D 32 -28.21 -42.16 -29.06
CA VAL D 32 -29.15 -43.14 -28.53
C VAL D 32 -30.48 -43.09 -29.29
N TYR D 33 -30.95 -41.89 -29.62
CA TYR D 33 -32.23 -41.75 -30.31
C TYR D 33 -32.15 -42.25 -31.74
N ALA D 34 -30.96 -42.30 -32.32
CA ALA D 34 -30.74 -42.78 -33.69
C ALA D 34 -29.70 -43.89 -33.64
N TRP D 35 -30.16 -45.12 -33.44
CA TRP D 35 -29.26 -46.26 -33.35
C TRP D 35 -28.79 -46.67 -34.75
N ASN D 36 -27.79 -47.56 -34.79
CA ASN D 36 -27.29 -48.11 -36.05
C ASN D 36 -27.32 -49.63 -35.92
N ARG D 37 -28.40 -50.25 -36.39
CA ARG D 37 -28.46 -51.70 -36.41
C ARG D 37 -27.75 -52.22 -37.66
N LYS D 38 -27.26 -53.46 -37.57
CA LYS D 38 -26.55 -54.08 -38.67
C LYS D 38 -27.15 -55.47 -38.90
N ARG D 39 -27.35 -55.81 -40.16
CA ARG D 39 -27.91 -57.11 -40.52
C ARG D 39 -26.80 -58.16 -40.59
N TYR D 47 -17.24 -66.25 -28.84
CA TYR D 47 -17.78 -65.43 -27.75
C TYR D 47 -16.84 -65.43 -26.55
N SER D 48 -15.72 -66.15 -26.66
CA SER D 48 -14.75 -66.19 -25.58
C SER D 48 -14.06 -64.84 -25.41
N VAL D 49 -13.94 -64.07 -26.50
CA VAL D 49 -13.40 -62.71 -26.40
C VAL D 49 -14.33 -61.84 -25.57
N LEU D 50 -15.65 -61.98 -25.76
CA LEU D 50 -16.60 -61.23 -24.98
C LEU D 50 -16.59 -61.64 -23.51
N TYR D 51 -16.36 -62.93 -23.24
CA TYR D 51 -16.33 -63.40 -21.86
C TYR D 51 -15.06 -62.95 -21.15
N ASN D 52 -13.90 -63.07 -21.81
CA ASN D 52 -12.61 -62.86 -21.17
C ASN D 52 -12.03 -61.48 -21.44
N SER D 53 -12.78 -60.59 -22.09
CA SER D 53 -12.27 -59.24 -22.32
C SER D 53 -12.21 -58.43 -21.03
N THR D 54 -13.23 -58.59 -20.17
CA THR D 54 -13.35 -57.94 -18.86
C THR D 54 -13.33 -56.42 -18.92
N SER D 55 -13.55 -55.84 -20.10
CA SER D 55 -13.69 -54.40 -20.24
C SER D 55 -15.13 -53.93 -20.21
N PHE D 56 -16.09 -54.86 -20.20
CA PHE D 56 -17.51 -54.53 -20.24
C PHE D 56 -18.01 -54.39 -18.81
N SER D 57 -18.54 -53.21 -18.47
CA SER D 57 -19.09 -53.00 -17.13
C SER D 57 -20.37 -53.79 -16.94
N THR D 58 -21.19 -53.90 -17.98
CA THR D 58 -22.46 -54.65 -17.93
C THR D 58 -22.44 -55.71 -19.01
N PHE D 59 -22.66 -56.96 -18.62
CA PHE D 59 -22.66 -58.08 -19.55
C PHE D 59 -23.83 -59.01 -19.24
N GLN D 60 -25.01 -58.43 -19.07
CA GLN D 60 -26.21 -59.18 -18.70
C GLN D 60 -27.03 -59.46 -19.96
N CYS D 61 -27.31 -60.74 -20.20
CA CYS D 61 -28.17 -61.18 -21.30
C CYS D 61 -29.47 -61.76 -20.78
N TYR D 62 -30.50 -61.68 -21.63
CA TYR D 62 -31.84 -62.13 -21.27
C TYR D 62 -32.35 -63.16 -22.28
N VAL D 77 -28.41 -61.47 -36.66
CA VAL D 77 -27.75 -60.79 -35.55
C VAL D 77 -27.78 -59.28 -35.77
N TYR D 78 -28.58 -58.59 -34.97
CA TYR D 78 -28.72 -57.14 -35.04
C TYR D 78 -28.03 -56.52 -33.84
N ALA D 79 -27.11 -55.59 -34.09
CA ALA D 79 -26.34 -54.93 -33.05
C ALA D 79 -26.62 -53.43 -33.10
N ASP D 80 -27.19 -52.89 -32.02
CA ASP D 80 -27.52 -51.48 -31.91
C ASP D 80 -26.46 -50.76 -31.08
N SER D 81 -26.23 -49.49 -31.39
CA SER D 81 -25.14 -48.72 -30.78
C SER D 81 -25.67 -47.42 -30.17
N PHE D 82 -25.26 -47.16 -28.93
CA PHE D 82 -25.64 -45.94 -28.20
C PHE D 82 -24.43 -45.42 -27.44
N VAL D 83 -24.49 -44.14 -27.07
CA VAL D 83 -23.43 -43.52 -26.28
C VAL D 83 -24.17 -42.94 -25.06
N VAL D 84 -25.07 -43.74 -24.49
CA VAL D 84 -25.80 -43.29 -23.30
C VAL D 84 -24.83 -43.04 -22.14
N ARG D 85 -25.30 -42.27 -21.17
CA ARG D 85 -24.49 -41.89 -20.02
C ARG D 85 -24.38 -43.07 -19.04
N GLY D 86 -23.51 -42.88 -18.05
CA GLY D 86 -23.21 -43.97 -17.13
C GLY D 86 -24.38 -44.34 -16.23
N ASP D 87 -25.10 -43.35 -15.72
CA ASP D 87 -26.18 -43.61 -14.78
C ASP D 87 -27.39 -44.25 -15.44
N GLU D 88 -27.52 -44.12 -16.76
CA GLU D 88 -28.63 -44.73 -17.49
C GLU D 88 -28.17 -45.89 -18.37
N VAL D 89 -27.08 -46.55 -17.98
CA VAL D 89 -26.75 -47.84 -18.58
C VAL D 89 -27.75 -48.90 -18.15
N ARG D 90 -28.19 -48.84 -16.89
CA ARG D 90 -29.20 -49.75 -16.38
C ARG D 90 -30.56 -49.54 -17.03
N GLN D 91 -30.77 -48.39 -17.68
CA GLN D 91 -32.01 -48.14 -18.41
C GLN D 91 -32.15 -49.02 -19.64
N ILE D 92 -31.05 -49.58 -20.15
CA ILE D 92 -31.09 -50.42 -21.34
C ILE D 92 -31.85 -51.71 -21.07
N ALA D 93 -31.75 -52.24 -19.85
CA ALA D 93 -32.42 -53.48 -19.48
C ALA D 93 -33.93 -53.34 -19.57
N PRO D 94 -34.64 -54.41 -19.91
CA PRO D 94 -36.10 -54.32 -20.03
C PRO D 94 -36.79 -54.17 -18.69
N GLY D 95 -37.94 -53.49 -18.72
CA GLY D 95 -38.85 -53.48 -17.59
C GLY D 95 -38.71 -52.34 -16.60
N GLN D 96 -38.51 -51.12 -17.09
CA GLN D 96 -38.50 -49.95 -16.23
C GLN D 96 -38.89 -48.71 -17.04
N THR D 97 -39.09 -47.61 -16.34
CA THR D 97 -39.48 -46.34 -16.93
C THR D 97 -38.37 -45.32 -16.71
N GLY D 98 -38.59 -44.11 -17.20
CA GLY D 98 -37.57 -43.06 -17.14
C GLY D 98 -37.66 -42.15 -18.35
N VAL D 99 -36.49 -41.80 -18.89
CA VAL D 99 -36.43 -41.01 -20.12
C VAL D 99 -36.00 -41.87 -21.30
N ILE D 100 -34.86 -42.58 -21.16
CA ILE D 100 -34.38 -43.44 -22.23
C ILE D 100 -35.26 -44.67 -22.38
N ALA D 101 -35.81 -45.14 -21.25
CA ALA D 101 -36.64 -46.35 -21.26
C ALA D 101 -37.85 -46.18 -22.17
N ASP D 102 -38.53 -45.05 -22.08
CA ASP D 102 -39.72 -44.86 -22.91
C ASP D 102 -39.44 -44.06 -24.19
N TYR D 103 -38.92 -42.84 -24.05
CA TYR D 103 -38.84 -41.96 -25.22
C TYR D 103 -37.75 -42.39 -26.19
N ASN D 104 -36.64 -42.89 -25.67
CA ASN D 104 -35.58 -43.46 -26.49
C ASN D 104 -35.80 -44.96 -26.62
N TYR D 105 -34.74 -45.67 -27.03
CA TYR D 105 -34.66 -47.13 -27.20
C TYR D 105 -35.35 -47.91 -26.10
N LYS D 106 -36.26 -48.81 -26.49
CA LYS D 106 -37.13 -49.52 -25.57
C LYS D 106 -37.11 -51.00 -25.95
N LEU D 107 -36.85 -51.86 -24.96
CA LEU D 107 -36.70 -53.30 -24.82
C LEU D 107 -38.02 -54.00 -24.53
N PRO D 108 -38.34 -55.04 -25.27
CA PRO D 108 -39.57 -55.80 -25.00
C PRO D 108 -39.46 -56.58 -23.70
N ASP D 109 -40.63 -57.06 -23.23
CA ASP D 109 -40.71 -57.78 -21.96
C ASP D 109 -39.94 -59.10 -22.03
N ASP D 110 -40.03 -59.81 -23.14
CA ASP D 110 -39.22 -60.99 -23.39
C ASP D 110 -38.09 -60.63 -24.35
N PHE D 111 -36.87 -61.05 -24.03
CA PHE D 111 -35.70 -60.67 -24.81
C PHE D 111 -34.85 -61.89 -25.09
N THR D 112 -34.18 -61.88 -26.24
CA THR D 112 -33.33 -62.97 -26.71
C THR D 112 -31.96 -62.42 -27.13
N GLY D 113 -31.36 -61.58 -26.28
CA GLY D 113 -30.07 -61.03 -26.63
C GLY D 113 -29.22 -60.60 -25.45
N CYS D 114 -28.05 -60.04 -25.73
CA CYS D 114 -27.11 -59.61 -24.70
C CYS D 114 -27.02 -58.09 -24.66
N VAL D 115 -26.53 -57.59 -23.53
CA VAL D 115 -26.32 -56.16 -23.33
C VAL D 115 -24.86 -55.95 -22.93
N LEU D 116 -24.16 -55.08 -23.66
CA LEU D 116 -22.77 -54.77 -23.38
C LEU D 116 -22.59 -53.26 -23.23
N ALA D 117 -21.71 -52.86 -22.33
CA ALA D 117 -21.46 -51.44 -22.08
C ALA D 117 -20.08 -51.29 -21.47
N TRP D 118 -19.36 -50.25 -21.88
CA TRP D 118 -18.03 -49.97 -21.34
C TRP D 118 -17.81 -48.46 -21.28
N ASN D 119 -17.00 -48.04 -20.33
CA ASN D 119 -16.68 -46.63 -20.17
C ASN D 119 -15.80 -46.17 -21.32
N SER D 120 -16.06 -44.97 -21.82
CA SER D 120 -15.38 -44.44 -22.99
C SER D 120 -15.04 -42.96 -22.79
N ARG D 121 -14.49 -42.62 -21.63
CA ARG D 121 -14.14 -41.23 -21.38
C ARG D 121 -12.97 -40.76 -22.24
N ASN D 122 -12.12 -41.70 -22.69
CA ASN D 122 -10.96 -41.34 -23.49
C ASN D 122 -11.32 -40.95 -24.92
N GLN D 123 -12.45 -41.42 -25.43
CA GLN D 123 -12.84 -41.20 -26.82
C GLN D 123 -13.98 -40.21 -26.97
N ASP D 124 -15.06 -40.39 -26.21
CA ASP D 124 -16.28 -39.61 -26.38
C ASP D 124 -16.40 -38.45 -25.41
N ALA D 125 -15.35 -38.16 -24.65
CA ALA D 125 -15.39 -37.06 -23.69
C ALA D 125 -14.17 -36.16 -23.91
N SER D 126 -14.35 -34.87 -23.66
CA SER D 126 -13.32 -33.87 -23.88
C SER D 126 -13.22 -32.96 -22.66
N THR D 127 -12.12 -32.20 -22.61
CA THR D 127 -11.91 -31.27 -21.50
C THR D 127 -12.92 -30.13 -21.53
N SER D 128 -13.23 -29.62 -22.71
CA SER D 128 -14.17 -28.52 -22.86
C SER D 128 -15.60 -29.00 -23.05
N GLY D 129 -15.83 -30.31 -23.06
CA GLY D 129 -17.16 -30.85 -23.27
C GLY D 129 -17.35 -31.34 -24.70
N ASN D 130 -18.05 -32.47 -24.85
CA ASN D 130 -18.31 -33.06 -26.15
C ASN D 130 -19.81 -33.17 -26.33
N PHE D 131 -20.38 -32.34 -27.20
CA PHE D 131 -21.82 -32.20 -27.36
C PHE D 131 -22.31 -32.73 -28.70
N ASN D 132 -21.67 -33.78 -29.21
CA ASN D 132 -22.05 -34.35 -30.51
C ASN D 132 -23.07 -35.46 -30.40
N TYR D 133 -23.48 -35.85 -29.19
CA TYR D 133 -24.48 -36.88 -28.99
C TYR D 133 -25.74 -36.29 -28.38
N TYR D 134 -26.89 -36.74 -28.87
CA TYR D 134 -28.19 -36.18 -28.51
C TYR D 134 -29.10 -37.28 -28.00
N TYR D 135 -30.07 -36.88 -27.18
CA TYR D 135 -31.09 -37.80 -26.70
C TYR D 135 -32.46 -37.13 -26.76
N ARG D 136 -33.47 -37.93 -27.12
CA ARG D 136 -34.85 -37.45 -27.14
C ARG D 136 -35.35 -37.27 -25.71
N ILE D 137 -36.03 -36.15 -25.45
CA ILE D 137 -36.45 -35.80 -24.10
C ILE D 137 -37.94 -36.06 -23.91
N TRP D 138 -38.70 -36.05 -25.00
CA TRP D 138 -40.15 -36.20 -24.87
C TRP D 138 -40.76 -36.68 -26.17
N ARG D 139 -41.78 -37.51 -26.04
CA ARG D 139 -42.67 -37.91 -27.13
C ARG D 139 -44.12 -37.77 -26.66
N SER D 140 -45.02 -37.63 -27.63
CA SER D 140 -46.44 -37.51 -27.29
C SER D 140 -47.01 -38.83 -26.78
N GLU D 141 -46.50 -39.96 -27.27
CA GLU D 141 -46.98 -41.27 -26.86
C GLU D 141 -45.79 -42.16 -26.50
N LYS D 142 -46.06 -43.16 -25.68
CA LYS D 142 -45.01 -44.07 -25.24
C LYS D 142 -44.62 -45.01 -26.37
N LEU D 143 -43.33 -45.35 -26.43
CA LEU D 143 -42.85 -46.19 -27.51
C LEU D 143 -43.19 -47.66 -27.29
N ARG D 144 -43.42 -48.36 -28.39
CA ARG D 144 -43.49 -49.81 -28.41
C ARG D 144 -42.07 -50.35 -28.38
N PRO D 145 -41.89 -51.65 -28.17
CA PRO D 145 -40.55 -52.24 -28.35
C PRO D 145 -40.05 -52.10 -29.78
N PHE D 146 -38.80 -51.63 -29.89
CA PHE D 146 -38.00 -51.69 -31.12
C PHE D 146 -38.63 -50.93 -32.29
N GLU D 147 -38.72 -49.60 -32.14
CA GLU D 147 -38.89 -48.72 -33.29
C GLU D 147 -38.09 -47.46 -33.08
N ARG D 148 -37.91 -46.71 -34.16
CA ARG D 148 -37.01 -45.57 -34.21
C ARG D 148 -37.69 -44.43 -34.96
N ASP D 149 -37.36 -43.19 -34.58
CA ASP D 149 -37.76 -42.02 -35.33
C ASP D 149 -36.60 -41.03 -35.42
N ILE D 150 -36.48 -40.35 -36.56
CA ILE D 150 -35.41 -39.40 -36.80
C ILE D 150 -35.93 -37.96 -36.84
N ALA D 151 -37.25 -37.77 -36.71
CA ALA D 151 -37.89 -36.47 -36.91
C ALA D 151 -37.41 -35.46 -35.87
N HIS D 152 -36.91 -34.33 -36.35
CA HIS D 152 -36.38 -33.26 -35.49
C HIS D 152 -37.47 -32.27 -35.11
N TYR D 153 -38.57 -32.79 -34.56
CA TYR D 153 -39.69 -31.93 -34.22
C TYR D 153 -39.43 -31.19 -32.92
N ASP D 154 -40.15 -30.08 -32.74
CA ASP D 154 -40.15 -29.33 -31.49
C ASP D 154 -41.39 -29.68 -30.68
N TYR D 155 -41.38 -29.23 -29.43
CA TYR D 155 -42.47 -29.55 -28.52
C TYR D 155 -42.66 -28.41 -27.53
N GLN D 156 -43.80 -28.43 -26.85
CA GLN D 156 -44.26 -27.30 -26.06
C GLN D 156 -44.06 -27.58 -24.57
N VAL D 157 -43.26 -26.73 -23.93
CA VAL D 157 -43.19 -26.63 -22.48
C VAL D 157 -43.35 -25.16 -22.11
N GLY D 158 -44.01 -24.89 -21.00
CA GLY D 158 -44.20 -23.53 -20.54
C GLY D 158 -45.02 -22.71 -21.52
N THR D 159 -44.41 -21.64 -22.03
CA THR D 159 -45.04 -20.77 -23.02
C THR D 159 -44.26 -20.68 -24.33
N GLN D 160 -43.07 -21.29 -24.41
CA GLN D 160 -42.24 -21.19 -25.60
C GLN D 160 -41.92 -22.57 -26.16
N PHE D 161 -41.62 -22.60 -27.45
CA PHE D 161 -41.31 -23.83 -28.17
C PHE D 161 -39.80 -24.05 -28.21
N LYS D 162 -39.38 -25.29 -28.04
CA LYS D 162 -37.98 -25.65 -28.14
C LYS D 162 -37.85 -27.06 -28.68
N SER D 163 -36.65 -27.39 -29.12
CA SER D 163 -36.39 -28.68 -29.75
C SER D 163 -36.49 -29.82 -28.74
N SER D 164 -36.94 -30.98 -29.23
CA SER D 164 -37.04 -32.18 -28.41
C SER D 164 -35.73 -32.95 -28.34
N LEU D 165 -34.67 -32.44 -28.99
CA LEU D 165 -33.36 -33.08 -28.98
C LEU D 165 -32.44 -32.26 -28.08
N LYS D 166 -31.88 -32.90 -27.06
CA LYS D 166 -30.94 -32.25 -26.16
C LYS D 166 -29.61 -32.97 -26.24
N ASN D 167 -28.53 -32.22 -26.33
CA ASN D 167 -27.21 -32.80 -26.49
C ASN D 167 -26.60 -33.19 -25.15
N TYR D 168 -25.95 -34.35 -25.13
CA TYR D 168 -25.25 -34.80 -23.93
C TYR D 168 -24.03 -33.94 -23.67
N GLY D 169 -23.86 -33.54 -22.42
CA GLY D 169 -22.66 -32.84 -22.02
C GLY D 169 -21.63 -33.82 -21.47
N PHE D 170 -20.68 -34.21 -22.30
CA PHE D 170 -19.70 -35.23 -21.94
C PHE D 170 -18.36 -34.54 -21.66
N TYR D 171 -17.97 -34.52 -20.39
CA TYR D 171 -16.72 -33.92 -19.95
C TYR D 171 -15.79 -35.00 -19.44
N SER D 172 -14.49 -34.78 -19.65
CA SER D 172 -13.49 -35.73 -19.15
C SER D 172 -13.41 -35.71 -17.63
N SER D 173 -13.59 -34.53 -17.03
CA SER D 173 -13.49 -34.37 -15.58
C SER D 173 -14.88 -34.50 -14.94
N ALA D 174 -15.52 -35.63 -15.19
CA ALA D 174 -16.85 -35.89 -14.68
C ALA D 174 -16.88 -37.26 -14.00
N GLY D 175 -17.93 -37.50 -13.24
CA GLY D 175 -18.09 -38.74 -12.52
C GLY D 175 -18.46 -39.89 -13.44
N ASP D 176 -18.52 -41.09 -12.84
CA ASP D 176 -18.86 -42.28 -13.61
C ASP D 176 -20.32 -42.26 -14.07
N SER D 177 -21.21 -41.66 -13.29
CA SER D 177 -22.61 -41.56 -13.70
C SER D 177 -22.79 -40.59 -14.85
N HIS D 178 -21.91 -39.61 -14.98
CA HIS D 178 -22.00 -38.60 -16.02
C HIS D 178 -20.89 -38.75 -17.06
N GLN D 179 -20.52 -39.99 -17.37
CA GLN D 179 -19.48 -40.28 -18.33
C GLN D 179 -20.05 -41.05 -19.51
N PRO D 180 -19.51 -40.88 -20.72
CA PRO D 180 -20.08 -41.57 -21.89
C PRO D 180 -19.79 -43.07 -21.84
N TYR D 181 -20.83 -43.85 -22.11
CA TYR D 181 -20.74 -45.32 -22.14
C TYR D 181 -21.25 -45.80 -23.49
N ARG D 182 -20.36 -46.42 -24.27
CA ARG D 182 -20.77 -46.99 -25.54
C ARG D 182 -21.45 -48.34 -25.28
N VAL D 183 -22.69 -48.48 -25.75
CA VAL D 183 -23.53 -49.61 -25.45
C VAL D 183 -23.84 -50.36 -26.74
N VAL D 184 -23.58 -51.66 -26.75
CA VAL D 184 -23.90 -52.53 -27.87
C VAL D 184 -24.87 -53.59 -27.37
N VAL D 185 -26.03 -53.68 -28.02
CA VAL D 185 -27.08 -54.63 -27.65
C VAL D 185 -27.32 -55.55 -28.84
N LEU D 186 -27.24 -56.85 -28.62
CA LEU D 186 -27.52 -57.83 -29.65
C LEU D 186 -28.97 -58.29 -29.56
N SER D 187 -29.56 -58.54 -30.73
CA SER D 187 -30.89 -59.12 -30.83
C SER D 187 -30.88 -60.23 -31.87
N PHE D 188 -31.51 -61.35 -31.55
CA PHE D 188 -31.49 -62.50 -32.44
C PHE D 188 -32.86 -62.72 -33.08
C1 NAG E . -3.26 -20.05 -15.72
C2 NAG E . -3.12 -21.19 -16.76
C3 NAG E . -2.49 -20.68 -18.05
C4 NAG E . -3.25 -19.47 -18.56
C5 NAG E . -3.19 -18.40 -17.46
C6 NAG E . -3.85 -17.09 -17.82
C7 NAG E . -2.90 -23.52 -16.01
C8 NAG E . -1.94 -24.53 -15.41
N2 NAG E . -2.38 -22.29 -16.20
O3 NAG E . -2.51 -21.75 -18.96
O4 NAG E . -2.64 -19.03 -19.76
O5 NAG E . -3.85 -18.91 -16.31
O6 NAG E . -5.25 -17.23 -17.83
O7 NAG E . -4.05 -23.82 -16.28
C1 NAG E . -3.52 -19.30 -20.87
C2 NAG E . -3.15 -18.37 -22.04
C3 NAG E . -4.00 -18.71 -23.26
C4 NAG E . -3.91 -20.19 -23.60
C5 NAG E . -4.26 -21.02 -22.35
C6 NAG E . -4.14 -22.51 -22.57
C7 NAG E . -2.30 -16.20 -21.28
C8 NAG E . -2.70 -14.79 -20.93
N2 NAG E . -3.31 -16.99 -21.66
O3 NAG E . -3.56 -17.90 -24.32
O4 NAG E . -4.82 -20.43 -24.65
O5 NAG E . -3.39 -20.65 -21.29
O6 NAG E . -5.03 -22.92 -23.58
O7 NAG E . -1.13 -16.56 -21.22
C1 NAG F . -2.96 6.18 27.36
C2 NAG F . -1.45 6.14 27.60
C3 NAG F . -1.11 4.87 28.38
C4 NAG F . -1.92 4.72 29.67
C5 NAG F . -3.42 4.96 29.36
C6 NAG F . -4.34 5.06 30.54
C7 NAG F . -0.69 5.40 25.29
C8 NAG F . 0.25 5.84 24.19
N2 NAG F . -0.70 6.23 26.36
O3 NAG F . 0.27 4.90 28.63
O4 NAG F . -1.67 3.38 30.05
O5 NAG F . -3.58 6.16 28.64
O6 NAG F . -3.97 6.16 31.34
O7 NAG F . -1.36 4.38 25.18
C1 NAG F . -1.23 3.15 31.42
C2 NAG F . -0.03 4.04 31.82
C3 NAG F . 0.36 3.75 33.28
C4 NAG F . -0.84 3.82 34.22
C5 NAG F . -2.00 2.98 33.65
C6 NAG F . -3.28 3.06 34.45
C7 NAG F . 1.84 2.78 30.67
C8 NAG F . 2.96 3.02 29.69
N2 NAG F . 1.11 3.89 30.94
O3 NAG F . 1.36 4.66 33.65
O4 NAG F . -0.43 3.34 35.47
O5 NAG F . -2.27 3.43 32.34
O6 NAG F . -4.30 2.40 33.75
O7 NAG F . 1.65 1.68 31.14
C1 NAG G . -10.98 -50.20 13.86
C2 NAG G . -10.52 -51.54 13.28
C3 NAG G . -9.01 -51.63 13.52
C4 NAG G . -8.25 -50.40 12.98
C5 NAG G . -8.98 -49.10 13.35
C6 NAG G . -8.45 -47.87 12.64
C7 NAG G . -11.52 -53.78 13.24
C8 NAG G . -12.22 -54.83 14.08
N2 NAG G . -11.18 -52.66 13.89
O3 NAG G . -8.58 -52.83 12.94
O4 NAG G . -6.97 -50.37 13.59
O5 NAG G . -10.38 -49.19 13.10
O6 NAG G . -9.19 -46.74 13.04
O7 NAG G . -11.30 -53.98 12.06
C1 NAG G . -5.91 -51.02 12.84
C2 NAG G . -5.26 -52.01 13.82
C3 NAG G . -4.28 -52.96 13.13
C4 NAG G . -4.91 -53.59 11.89
C5 NAG G . -5.40 -52.46 10.98
C6 NAG G . -6.01 -52.95 9.68
C7 NAG G . -4.78 -51.47 16.19
C8 NAG G . -3.95 -50.60 17.09
N2 NAG G . -4.58 -51.29 14.87
O3 NAG G . -3.90 -53.93 14.08
O4 NAG G . -3.94 -54.39 11.28
O5 NAG G . -6.37 -51.70 11.68
O6 NAG G . -7.00 -53.91 9.97
O7 NAG G . -5.57 -52.30 16.64
C1 NAG H . -24.34 -27.15 -22.92
C2 NAG H . -25.43 -27.31 -23.97
C3 NAG H . -24.73 -27.41 -25.31
C4 NAG H . -23.85 -26.17 -25.58
C5 NAG H . -23.02 -25.79 -24.33
C6 NAG H . -22.40 -24.42 -24.42
C7 NAG H . -27.50 -28.38 -23.23
C8 NAG H . -28.21 -29.69 -22.98
N2 NAG H . -26.24 -28.46 -23.69
O3 NAG H . -25.74 -27.55 -26.26
O4 NAG H . -22.99 -26.49 -26.66
O5 NAG H . -23.78 -25.86 -23.12
O6 NAG H . -21.47 -24.38 -25.47
O7 NAG H . -28.06 -27.31 -23.03
C1 NAG H . -23.46 -26.00 -27.95
C2 NAG H . -22.38 -26.25 -28.99
C3 NAG H . -22.87 -25.84 -30.38
C4 NAG H . -24.21 -26.49 -30.72
C5 NAG H . -25.20 -26.20 -29.59
C6 NAG H . -26.55 -26.86 -29.75
C7 NAG H . -19.96 -26.15 -28.54
C8 NAG H . -18.82 -25.22 -28.18
N2 NAG H . -21.16 -25.55 -28.66
O3 NAG H . -21.87 -26.19 -31.31
O4 NAG H . -24.66 -25.91 -31.93
O5 NAG H . -24.63 -26.66 -28.38
O6 NAG H . -27.28 -26.23 -30.78
O7 NAG H . -19.78 -27.35 -28.70
C1 BMA H . -24.67 -26.90 -32.97
C2 BMA H . -25.92 -26.64 -33.80
C3 BMA H . -25.99 -27.55 -35.05
C4 BMA H . -24.62 -27.99 -35.64
C5 BMA H . -23.40 -27.22 -35.11
C6 BMA H . -22.98 -26.05 -35.98
O2 BMA H . -25.95 -25.27 -34.14
O3 BMA H . -26.81 -26.89 -35.97
O4 BMA H . -24.51 -29.36 -35.33
O5 BMA H . -23.49 -26.80 -33.75
O6 BMA H . -21.93 -25.38 -35.32
C1 MAN H . -28.19 -27.28 -35.75
C2 MAN H . -28.78 -27.68 -37.12
C3 MAN H . -29.26 -26.47 -37.94
C4 MAN H . -29.96 -25.39 -37.11
C5 MAN H . -29.12 -25.05 -35.88
C6 MAN H . -29.84 -24.09 -34.97
O2 MAN H . -29.76 -28.73 -37.08
O3 MAN H . -30.12 -26.97 -38.94
O4 MAN H . -30.13 -24.27 -37.95
O5 MAN H . -28.90 -26.23 -35.13
O6 MAN H . -31.06 -24.66 -34.58
C1 MAN H . -30.51 -28.91 -35.84
C2 MAN H . -31.08 -30.34 -35.83
C3 MAN H . -32.16 -30.47 -36.91
C4 MAN H . -33.24 -29.40 -36.75
C5 MAN H . -32.58 -28.02 -36.72
C6 MAN H . -33.57 -26.93 -36.35
O2 MAN H . -31.62 -30.53 -34.55
O3 MAN H . -32.69 -31.76 -36.83
O4 MAN H . -34.12 -29.54 -37.83
O5 MAN H . -31.55 -27.97 -35.74
O6 MAN H . -34.21 -26.48 -37.52
C1 NAG I . 22.93 -8.23 -8.12
C2 NAG I . 24.19 -8.96 -8.62
C3 NAG I . 24.24 -10.41 -8.13
C4 NAG I . 24.03 -10.45 -6.61
C5 NAG I . 22.67 -9.81 -6.34
C6 NAG I . 22.21 -9.86 -4.90
C7 NAG I . 25.27 -8.30 -10.73
C8 NAG I . 25.15 -8.35 -12.23
N2 NAG I . 24.27 -8.90 -10.05
O3 NAG I . 25.47 -10.93 -8.54
O4 NAG I . 24.11 -11.79 -6.19
O5 NAG I . 22.72 -8.45 -6.74
O6 NAG I . 22.60 -8.68 -4.24
O7 NAG I . 26.21 -7.75 -10.18
C1 NAG I . 25.35 -12.01 -5.47
C2 NAG I . 25.18 -13.22 -4.54
C3 NAG I . 26.51 -13.53 -3.85
C4 NAG I . 27.64 -13.68 -4.87
C5 NAG I . 27.68 -12.44 -5.77
C6 NAG I . 28.72 -12.51 -6.85
C7 NAG I . 22.96 -13.59 -3.55
C8 NAG I . 22.03 -13.18 -2.44
N2 NAG I . 24.15 -12.98 -3.56
O3 NAG I . 26.34 -14.70 -3.10
O4 NAG I . 28.84 -13.85 -4.15
O5 NAG I . 26.40 -12.27 -6.38
O6 NAG I . 30.00 -12.67 -6.27
O7 NAG I . 22.63 -14.43 -4.38
C1 NAG J . -16.87 22.33 -3.47
C2 NAG J . -17.78 21.51 -4.39
C3 NAG J . -17.59 22.00 -5.83
C4 NAG J . -17.75 23.51 -5.99
C5 NAG J . -16.92 24.23 -4.90
C6 NAG J . -17.14 25.72 -4.78
C7 NAG J . -16.45 19.36 -4.51
C8 NAG J . -16.62 17.88 -4.27
N2 NAG J . -17.57 20.09 -4.27
O3 NAG J . -18.48 21.28 -6.64
O4 NAG J . -17.25 23.76 -7.28
O5 NAG J . -17.21 23.68 -3.63
O6 NAG J . -18.47 25.97 -4.42
O7 NAG J . -15.37 19.81 -4.88
C1 NAG J . -18.10 24.53 -8.20
C2 NAG J . -19.54 23.94 -8.30
C3 NAG J . -20.36 24.81 -9.26
C4 NAG J . -20.28 26.29 -8.92
C5 NAG J . -18.81 26.70 -8.73
C6 NAG J . -18.63 28.14 -8.30
C7 NAG J . -19.10 21.97 -9.82
C8 NAG J . -19.30 20.47 -9.87
N2 NAG J . -19.56 22.54 -8.68
O3 NAG J . -21.68 24.33 -9.24
O4 NAG J . -20.90 26.99 -9.98
O5 NAG J . -18.23 25.86 -7.76
O6 NAG J . -17.27 28.35 -7.98
O7 NAG J . -18.56 22.55 -10.75
C1 NAG K . 30.63 22.69 -37.23
C2 NAG K . 31.56 22.11 -38.28
C3 NAG K . 30.75 21.10 -39.10
C4 NAG K . 29.81 20.18 -38.30
C5 NAG K . 29.33 20.81 -36.96
C6 NAG K . 28.85 19.79 -35.94
C7 NAG K . 33.15 23.02 -39.96
C8 NAG K . 33.48 24.26 -40.75
N2 NAG K . 32.08 23.14 -39.15
O3 NAG K . 31.65 20.35 -39.86
O4 NAG K . 28.66 19.98 -39.09
O5 NAG K . 30.31 21.65 -36.34
O6 NAG K . 28.20 20.45 -34.89
O7 NAG K . 33.82 22.01 -40.06
C1 NAG K . 28.69 18.90 -40.07
C2 NAG K . 28.41 19.55 -41.44
C3 NAG K . 28.46 18.50 -42.56
C4 NAG K . 29.75 17.71 -42.49
C5 NAG K . 29.92 17.13 -41.08
C6 NAG K . 31.20 16.33 -40.90
C7 NAG K . 26.97 21.59 -41.50
C8 NAG K . 28.22 22.43 -41.57
N2 NAG K . 27.15 20.25 -41.44
O3 NAG K . 28.31 19.17 -43.77
O4 NAG K . 29.67 16.69 -43.46
O5 NAG K . 29.92 18.18 -40.14
O6 NAG K . 32.30 17.07 -41.38
O7 NAG K . 25.87 22.11 -41.49
C1 NAG L . 42.03 0.56 0.69
C2 NAG L . 43.48 0.11 0.98
C3 NAG L . 43.49 -1.41 0.99
C4 NAG L . 42.63 -1.85 2.18
C5 NAG L . 41.21 -1.24 2.01
C6 NAG L . 40.26 -1.53 3.16
C7 NAG L . 45.20 1.74 0.38
C8 NAG L . 46.10 2.23 -0.73
N2 NAG L . 44.42 0.70 0.05
O3 NAG L . 44.87 -1.71 0.99
O4 NAG L . 42.54 -3.26 2.32
O5 NAG L . 41.26 0.17 1.80
O6 NAG L . 39.66 -2.79 2.96
O7 NAG L . 45.20 2.27 1.48
C1 NAG L . 43.69 -3.69 3.08
C2 NAG L . 43.36 -4.64 4.24
C3 NAG L . 44.68 -4.85 5.01
C4 NAG L . 45.89 -5.22 4.13
C5 NAG L . 45.86 -4.53 2.75
C6 NAG L . 46.69 -5.20 1.68
C7 NAG L . 41.07 -4.55 5.15
C8 NAG L . 40.18 -3.82 6.12
N2 NAG L . 42.34 -4.10 5.09
O3 NAG L . 44.43 -5.80 6.01
O4 NAG L . 47.05 -4.81 4.82
O5 NAG L . 44.55 -4.44 2.25
O6 NAG L . 46.11 -6.45 1.38
O7 NAG L . 40.66 -5.46 4.45
C1 BMA L . 47.69 -5.89 5.53
C2 BMA L . 48.29 -6.85 4.51
C3 BMA L . 48.94 -8.04 5.26
C4 BMA L . 49.71 -7.67 6.54
C5 BMA L . 49.79 -6.18 6.89
C6 BMA L . 51.11 -5.49 6.53
O2 BMA L . 49.18 -6.15 3.67
O3 BMA L . 49.69 -8.78 4.32
O4 BMA L . 49.05 -8.37 7.57
O5 BMA L . 48.70 -5.39 6.39
O6 BMA L . 52.18 -6.10 7.22
C1 MAN L . 49.11 -10.10 4.30
C2 MAN L . 49.81 -10.94 3.21
C3 MAN L . 48.83 -11.91 2.54
C4 MAN L . 47.76 -12.44 3.50
C5 MAN L . 46.99 -11.26 4.11
C6 MAN L . 46.64 -11.46 5.56
O2 MAN L . 50.86 -11.61 3.83
O3 MAN L . 49.60 -12.96 2.00
O4 MAN L . 46.92 -13.29 2.75
O5 MAN L . 47.74 -10.05 4.01
O6 MAN L . 47.51 -12.41 6.13
C1 MAN L . 52.12 -5.84 8.65
C2 MAN L . 52.55 -4.38 8.92
C3 MAN L . 54.06 -4.19 8.77
C4 MAN L . 54.85 -5.28 9.48
C5 MAN L . 54.35 -6.65 9.02
C6 MAN L . 55.05 -7.79 9.71
O2 MAN L . 52.12 -4.08 10.23
O3 MAN L . 54.37 -2.92 9.27
O4 MAN L . 56.21 -5.09 9.17
O5 MAN L . 52.97 -6.74 9.33
O6 MAN L . 55.22 -8.84 8.79
C1 NAG M . -12.22 -48.24 -1.08
C2 NAG M . -12.75 -49.65 -1.36
C3 NAG M . -11.78 -50.70 -0.83
C4 NAG M . -10.36 -50.45 -1.34
C5 NAG M . -9.96 -49.02 -1.01
C6 NAG M . -8.58 -48.63 -1.49
C7 NAG M . -15.19 -49.83 -1.50
C8 NAG M . -16.46 -50.02 -0.68
N2 NAG M . -14.06 -49.81 -0.79
O3 NAG M . -12.26 -51.96 -1.21
O4 NAG M . -9.52 -51.40 -0.73
O5 NAG M . -10.89 -48.13 -1.59
O6 NAG M . -8.52 -48.73 -2.89
O7 NAG M . -15.23 -49.69 -2.71
C1 NAG N . -5.91 -39.86 -13.14
C2 NAG N . -6.56 -39.95 -14.53
C3 NAG N . -5.63 -40.62 -15.54
C4 NAG N . -4.22 -40.03 -15.49
C5 NAG N . -3.72 -40.11 -14.05
C6 NAG N . -2.31 -39.58 -13.86
C7 NAG N . -9.05 -40.18 -14.47
C8 NAG N . -9.19 -38.69 -14.60
N2 NAG N . -7.80 -40.69 -14.45
O3 NAG N . -6.21 -40.46 -16.82
O4 NAG N . -3.42 -40.79 -16.37
O5 NAG N . -4.59 -39.36 -13.23
O6 NAG N . -2.24 -38.23 -14.28
O7 NAG N . -10.04 -40.90 -14.39
C1 NAG O . 37.99 10.99 -30.20
C2 NAG O . 39.48 11.13 -30.52
C3 NAG O . 39.72 11.12 -32.03
C4 NAG O . 39.03 9.93 -32.69
C5 NAG O . 37.55 9.97 -32.32
C6 NAG O . 36.74 8.82 -32.90
C7 NAG O . 41.03 12.38 -29.06
C8 NAG O . 41.43 13.76 -28.61
N2 NAG O . 40.03 12.34 -29.96
O3 NAG O . 41.11 11.10 -32.24
O4 NAG O . 39.23 10.04 -34.08
O5 NAG O . 37.43 9.91 -30.92
O6 NAG O . 37.16 7.61 -32.32
O7 NAG O . 41.58 11.38 -28.63
C1 NAG P . 35.11 -3.11 -22.64
C2 NAG P . 36.50 -3.53 -22.13
C3 NAG P . 37.24 -4.22 -23.27
C4 NAG P . 36.43 -5.42 -23.75
C5 NAG P . 35.01 -4.96 -24.15
C6 NAG P . 34.10 -6.09 -24.57
C7 NAG P . 37.44 -2.08 -20.31
C8 NAG P . 36.79 -2.99 -19.29
N2 NAG P . 37.23 -2.41 -21.61
O3 NAG P . 38.49 -4.61 -22.78
O4 NAG P . 37.13 -6.00 -24.83
O5 NAG P . 34.40 -4.25 -23.08
O6 NAG P . 33.86 -6.92 -23.46
O7 NAG P . 38.08 -1.11 -19.97
#